data_7EB1
#
_entry.id   7EB1
#
_entity_poly.entity_id   1
_entity_poly.type   'polypeptide(L)'
_entity_poly.pdbx_seq_one_letter_code
;MSSEEGKLFVGGLNFNTDEQALEDHFSSFGPISEVVVVKDRETQRSRGFGFITFTNPEHASVAMRAMNGESLDGRQIRVD
HAGK
;
_entity_poly.pdbx_strand_id   A
#
# COMPACT_ATOMS: atom_id res chain seq x y z
N MET A 1 2.57 -11.84 9.99
CA MET A 1 1.22 -12.43 9.80
C MET A 1 1.33 -13.93 9.52
N SER A 2 2.38 -14.31 8.78
CA SER A 2 2.61 -15.72 8.45
C SER A 2 1.38 -16.30 7.75
N SER A 3 0.88 -15.57 6.75
CA SER A 3 -0.30 -15.99 6.00
C SER A 3 -0.16 -15.62 4.52
N GLU A 4 -0.99 -16.23 3.69
CA GLU A 4 -0.96 -15.98 2.24
C GLU A 4 -1.72 -14.69 1.85
N GLU A 5 -2.00 -13.83 2.84
CA GLU A 5 -2.72 -12.59 2.60
C GLU A 5 -1.93 -11.64 1.69
N GLY A 6 -0.61 -11.58 1.88
CA GLY A 6 0.24 -10.69 1.10
C GLY A 6 -0.02 -9.22 1.47
N LYS A 7 -0.53 -8.99 2.68
CA LYS A 7 -0.83 -7.64 3.14
C LYS A 7 0.41 -6.86 3.53
N LEU A 8 0.51 -5.65 2.99
CA LEU A 8 1.62 -4.76 3.27
C LEU A 8 1.09 -3.55 4.05
N PHE A 9 1.94 -2.98 4.91
CA PHE A 9 1.54 -1.81 5.71
C PHE A 9 2.21 -0.55 5.14
N VAL A 10 1.40 0.34 4.55
CA VAL A 10 1.95 1.57 3.97
C VAL A 10 1.77 2.74 4.94
N GLY A 11 2.87 3.43 5.24
CA GLY A 11 2.83 4.58 6.14
C GLY A 11 3.28 5.85 5.43
N GLY A 12 2.88 7.00 5.98
CA GLY A 12 3.24 8.29 5.39
C GLY A 12 2.53 8.47 4.04
N LEU A 13 1.31 7.93 3.92
CA LEU A 13 0.56 8.02 2.67
C LEU A 13 0.30 9.47 2.26
N ASN A 14 0.42 9.70 0.95
CA ASN A 14 0.19 11.03 0.40
C ASN A 14 -1.27 11.41 0.60
N PHE A 15 -1.52 12.70 0.73
CA PHE A 15 -2.88 13.19 0.95
C PHE A 15 -3.81 12.76 -0.18
N ASN A 16 -3.29 12.75 -1.41
CA ASN A 16 -4.09 12.34 -2.57
C ASN A 16 -3.98 10.83 -2.83
N THR A 17 -3.74 10.07 -1.75
CA THR A 17 -3.63 8.62 -1.82
C THR A 17 -5.01 8.01 -1.62
N ASP A 18 -5.35 7.10 -2.53
CA ASP A 18 -6.64 6.43 -2.48
C ASP A 18 -6.47 4.95 -2.73
N GLU A 19 -7.56 4.21 -2.59
CA GLU A 19 -7.51 2.77 -2.83
C GLU A 19 -7.09 2.52 -4.27
N GLN A 20 -7.60 3.34 -5.18
CA GLN A 20 -7.25 3.24 -6.59
C GLN A 20 -5.83 3.72 -6.85
N ALA A 21 -5.42 4.81 -6.18
CA ALA A 21 -4.08 5.34 -6.36
C ALA A 21 -3.06 4.31 -5.92
N LEU A 22 -3.30 3.75 -4.73
CA LEU A 22 -2.42 2.73 -4.18
C LEU A 22 -2.50 1.44 -4.97
N GLU A 23 -3.73 1.02 -5.31
CA GLU A 23 -3.93 -0.20 -6.07
C GLU A 23 -3.23 -0.12 -7.44
N ASP A 24 -3.35 1.02 -8.12
CA ASP A 24 -2.75 1.19 -9.44
C ASP A 24 -1.22 1.09 -9.41
N HIS A 25 -0.58 1.85 -8.52
CA HIS A 25 0.89 1.84 -8.43
C HIS A 25 1.43 0.50 -7.93
N PHE A 26 0.79 -0.04 -6.90
CA PHE A 26 1.22 -1.32 -6.33
C PHE A 26 0.88 -2.47 -7.30
N SER A 27 -0.18 -2.31 -8.10
CA SER A 27 -0.54 -3.32 -9.10
C SER A 27 0.58 -3.46 -10.09
N SER A 28 1.11 -2.29 -10.47
CA SER A 28 2.20 -2.24 -11.42
C SER A 28 3.41 -3.01 -10.88
N PHE A 29 3.68 -2.82 -9.58
CA PHE A 29 4.80 -3.51 -8.94
C PHE A 29 4.51 -5.00 -8.77
N GLY A 30 3.24 -5.33 -8.47
CA GLY A 30 2.84 -6.73 -8.27
C GLY A 30 1.31 -6.89 -8.10
N PRO A 31 0.77 -8.12 -8.15
CA PRO A 31 -0.71 -8.37 -7.99
C PRO A 31 -1.31 -7.77 -6.72
N ILE A 32 -2.53 -7.24 -6.83
CA ILE A 32 -3.23 -6.65 -5.67
C ILE A 32 -4.53 -7.41 -5.38
N SER A 33 -4.55 -8.17 -4.28
CA SER A 33 -5.76 -8.90 -3.89
C SER A 33 -6.86 -7.91 -3.50
N GLU A 34 -6.50 -6.96 -2.64
CA GLU A 34 -7.45 -5.93 -2.18
C GLU A 34 -6.70 -4.66 -1.79
N VAL A 35 -7.45 -3.58 -1.57
CA VAL A 35 -6.82 -2.30 -1.18
C VAL A 35 -7.76 -1.51 -0.25
N VAL A 36 -7.16 -0.92 0.77
CA VAL A 36 -7.89 -0.13 1.76
C VAL A 36 -7.04 1.09 2.17
N VAL A 37 -7.65 2.28 2.19
CA VAL A 37 -6.92 3.50 2.56
C VAL A 37 -7.68 4.27 3.64
N VAL A 38 -6.96 4.70 4.68
CA VAL A 38 -7.57 5.48 5.75
C VAL A 38 -7.43 6.96 5.40
N LYS A 39 -8.57 7.63 5.31
CA LYS A 39 -8.60 9.06 4.97
C LYS A 39 -9.61 9.79 5.84
N ASP A 40 -9.65 11.11 5.68
CA ASP A 40 -10.57 11.95 6.42
C ASP A 40 -11.99 11.70 5.93
N ARG A 41 -12.93 11.56 6.85
CA ARG A 41 -14.33 11.33 6.46
C ARG A 41 -15.04 12.65 6.15
N GLU A 42 -14.43 13.77 6.55
CA GLU A 42 -15.00 15.10 6.30
C GLU A 42 -14.25 15.79 5.15
N THR A 43 -12.99 15.41 4.94
CA THR A 43 -12.18 15.99 3.86
C THR A 43 -11.93 14.97 2.75
N GLN A 44 -12.15 13.69 3.07
CA GLN A 44 -11.91 12.60 2.11
C GLN A 44 -10.46 12.67 1.62
N ARG A 45 -9.59 13.09 2.54
CA ARG A 45 -8.16 13.22 2.29
C ARG A 45 -7.38 12.22 3.13
N SER A 46 -6.53 11.48 2.44
CA SER A 46 -5.70 10.45 3.09
C SER A 46 -5.03 10.98 4.35
N ARG A 47 -4.98 10.13 5.35
CA ARG A 47 -4.41 10.49 6.65
C ARG A 47 -2.94 10.07 6.81
N GLY A 48 -2.36 9.46 5.78
CA GLY A 48 -0.96 9.01 5.85
C GLY A 48 -0.82 7.55 6.26
N PHE A 49 -1.93 6.81 6.28
CA PHE A 49 -1.89 5.40 6.64
C PHE A 49 -2.94 4.63 5.85
N GLY A 50 -2.55 3.45 5.35
CA GLY A 50 -3.46 2.62 4.57
C GLY A 50 -2.99 1.17 4.55
N PHE A 51 -3.91 0.27 4.18
CA PHE A 51 -3.61 -1.16 4.10
C PHE A 51 -3.83 -1.64 2.66
N ILE A 52 -2.94 -2.50 2.19
CA ILE A 52 -3.03 -3.04 0.83
C ILE A 52 -2.81 -4.55 0.85
N THR A 53 -3.73 -5.31 0.25
CA THR A 53 -3.62 -6.76 0.26
C THR A 53 -3.20 -7.31 -1.12
N PHE A 54 -2.21 -8.19 -1.09
CA PHE A 54 -1.67 -8.80 -2.31
C PHE A 54 -2.22 -10.20 -2.53
N THR A 55 -2.07 -10.66 -3.77
CA THR A 55 -2.52 -11.99 -4.14
C THR A 55 -1.80 -13.02 -3.28
N ASN A 56 -0.48 -12.88 -3.21
CA ASN A 56 0.35 -13.79 -2.41
C ASN A 56 1.51 -13.04 -1.73
N PRO A 57 2.00 -13.51 -0.58
CA PRO A 57 3.14 -12.85 0.15
C PRO A 57 4.29 -12.48 -0.78
N GLU A 58 4.49 -13.29 -1.81
CA GLU A 58 5.55 -13.04 -2.79
C GLU A 58 5.29 -11.73 -3.52
N HIS A 59 4.01 -11.49 -3.83
CA HIS A 59 3.61 -10.29 -4.52
C HIS A 59 3.74 -9.09 -3.59
N ALA A 60 3.36 -9.31 -2.32
CA ALA A 60 3.48 -8.29 -1.30
C ALA A 60 4.94 -7.90 -1.15
N SER A 61 5.81 -8.91 -1.16
CA SER A 61 7.25 -8.71 -1.02
C SER A 61 7.82 -7.80 -2.11
N VAL A 62 7.39 -8.01 -3.36
CA VAL A 62 7.91 -7.20 -4.48
C VAL A 62 7.54 -5.73 -4.30
N ALA A 63 6.26 -5.48 -3.96
CA ALA A 63 5.81 -4.10 -3.84
C ALA A 63 6.61 -3.35 -2.78
N MET A 64 6.73 -3.92 -1.58
CA MET A 64 7.52 -3.25 -0.53
C MET A 64 8.96 -3.13 -0.97
N ARG A 65 9.45 -4.12 -1.72
CA ARG A 65 10.81 -4.09 -2.20
C ARG A 65 11.01 -2.88 -3.11
N ALA A 66 10.03 -2.65 -3.99
CA ALA A 66 10.10 -1.55 -4.95
C ALA A 66 9.48 -0.24 -4.43
N MET A 67 8.83 -0.24 -3.25
CA MET A 67 8.18 0.99 -2.76
C MET A 67 8.63 1.44 -1.35
N ASN A 68 9.23 0.54 -0.55
CA ASN A 68 9.67 0.92 0.82
C ASN A 68 10.47 2.21 0.82
N GLY A 69 9.87 3.25 1.40
CA GLY A 69 10.51 4.56 1.50
C GLY A 69 10.62 5.23 0.12
N GLU A 70 9.68 4.90 -0.78
CA GLU A 70 9.70 5.44 -2.14
C GLU A 70 8.54 6.39 -2.41
N SER A 71 8.87 7.45 -3.15
CA SER A 71 7.93 8.50 -3.51
C SER A 71 6.68 7.97 -4.19
N LEU A 72 5.61 7.95 -3.42
CA LEU A 72 4.30 7.56 -3.92
C LEU A 72 3.51 8.87 -4.06
N ASP A 73 3.14 9.19 -5.29
CA ASP A 73 2.43 10.45 -5.56
C ASP A 73 3.30 11.64 -5.09
N GLY A 74 4.63 11.47 -5.20
CA GLY A 74 5.59 12.52 -4.83
C GLY A 74 5.87 12.58 -3.32
N ARG A 75 5.47 11.54 -2.58
CA ARG A 75 5.72 11.50 -1.14
C ARG A 75 6.12 10.10 -0.76
N GLN A 76 7.33 9.96 -0.19
CA GLN A 76 7.82 8.64 0.16
C GLN A 76 6.95 7.98 1.23
N ILE A 77 6.65 6.72 0.99
CA ILE A 77 5.84 5.91 1.89
C ILE A 77 6.62 4.69 2.29
N ARG A 78 6.38 4.19 3.51
CA ARG A 78 7.07 3.02 4.01
C ARG A 78 6.17 1.81 3.97
N VAL A 79 6.56 0.82 3.19
CA VAL A 79 5.77 -0.39 3.04
C VAL A 79 6.39 -1.51 3.89
N ASP A 80 5.76 -1.80 5.03
CA ASP A 80 6.21 -2.85 5.93
C ASP A 80 5.28 -4.03 5.76
N HIS A 81 5.81 -5.10 5.19
CA HIS A 81 5.01 -6.27 4.92
C HIS A 81 4.39 -6.88 6.15
N ALA A 82 3.05 -6.87 6.18
CA ALA A 82 2.30 -7.47 7.28
C ALA A 82 2.57 -8.97 7.34
N GLY A 83 2.63 -9.61 6.16
CA GLY A 83 2.86 -11.06 6.08
C GLY A 83 4.21 -11.40 5.45
N LYS A 84 4.24 -11.46 4.10
CA LYS A 84 5.46 -11.81 3.37
C LYS A 84 5.88 -13.24 3.70
N MET A 1 6.55 -15.48 6.57
CA MET A 1 5.48 -16.35 6.01
C MET A 1 4.37 -16.50 7.06
N SER A 2 3.99 -15.38 7.66
CA SER A 2 2.93 -15.37 8.68
C SER A 2 1.62 -15.86 8.09
N SER A 3 1.29 -15.36 6.90
CA SER A 3 0.05 -15.75 6.22
C SER A 3 0.19 -15.51 4.72
N GLU A 4 -0.74 -16.10 3.95
CA GLU A 4 -0.74 -15.95 2.49
C GLU A 4 -1.53 -14.72 2.04
N GLU A 5 -1.85 -13.83 3.00
CA GLU A 5 -2.61 -12.62 2.71
C GLU A 5 -1.84 -11.67 1.79
N GLY A 6 -0.53 -11.59 1.98
CA GLY A 6 0.30 -10.69 1.18
C GLY A 6 0.02 -9.22 1.54
N LYS A 7 -0.49 -9.01 2.76
CA LYS A 7 -0.81 -7.66 3.22
C LYS A 7 0.43 -6.88 3.63
N LEU A 8 0.53 -5.66 3.09
CA LEU A 8 1.62 -4.76 3.39
C LEU A 8 1.09 -3.56 4.17
N PHE A 9 1.92 -2.99 5.05
CA PHE A 9 1.52 -1.83 5.83
C PHE A 9 2.18 -0.58 5.24
N VAL A 10 1.37 0.31 4.67
CA VAL A 10 1.92 1.54 4.04
C VAL A 10 1.78 2.71 5.00
N GLY A 11 2.85 3.49 5.15
CA GLY A 11 2.85 4.66 6.03
C GLY A 11 3.27 5.91 5.28
N GLY A 12 2.90 7.07 5.83
CA GLY A 12 3.21 8.35 5.20
C GLY A 12 2.48 8.51 3.87
N LEU A 13 1.24 7.99 3.80
CA LEU A 13 0.45 8.05 2.57
C LEU A 13 0.18 9.49 2.15
N ASN A 14 0.31 9.73 0.85
CA ASN A 14 0.09 11.05 0.28
C ASN A 14 -1.35 11.50 0.49
N PHE A 15 -1.53 12.79 0.72
CA PHE A 15 -2.85 13.36 0.94
C PHE A 15 -3.85 12.96 -0.16
N ASN A 16 -3.33 12.60 -1.33
CA ASN A 16 -4.17 12.19 -2.46
C ASN A 16 -4.07 10.68 -2.75
N THR A 17 -3.74 9.89 -1.72
CA THR A 17 -3.64 8.44 -1.89
C THR A 17 -4.99 7.80 -1.60
N ASP A 18 -5.51 7.08 -2.59
CA ASP A 18 -6.79 6.41 -2.46
C ASP A 18 -6.65 4.95 -2.80
N GLU A 19 -7.77 4.21 -2.77
CA GLU A 19 -7.74 2.79 -3.09
C GLU A 19 -7.21 2.59 -4.51
N GLN A 20 -7.66 3.45 -5.41
CA GLN A 20 -7.25 3.39 -6.81
C GLN A 20 -5.79 3.81 -6.98
N ALA A 21 -5.39 4.87 -6.26
CA ALA A 21 -4.01 5.35 -6.34
C ALA A 21 -3.06 4.29 -5.79
N LEU A 22 -3.45 3.73 -4.65
CA LEU A 22 -2.66 2.70 -4.00
C LEU A 22 -2.61 1.46 -4.88
N GLU A 23 -3.79 1.06 -5.35
CA GLU A 23 -3.90 -0.13 -6.19
C GLU A 23 -3.12 0.02 -7.49
N ASP A 24 -3.22 1.19 -8.13
CA ASP A 24 -2.55 1.41 -9.43
C ASP A 24 -1.02 1.27 -9.35
N HIS A 25 -0.38 1.93 -8.37
CA HIS A 25 1.09 1.86 -8.26
C HIS A 25 1.58 0.48 -7.81
N PHE A 26 0.91 -0.08 -6.81
CA PHE A 26 1.27 -1.38 -6.29
C PHE A 26 0.92 -2.49 -7.29
N SER A 27 -0.14 -2.28 -8.08
CA SER A 27 -0.54 -3.24 -9.11
C SER A 27 0.59 -3.38 -10.11
N SER A 28 1.16 -2.23 -10.46
CA SER A 28 2.26 -2.19 -11.40
C SER A 28 3.44 -3.01 -10.88
N PHE A 29 3.71 -2.87 -9.58
CA PHE A 29 4.83 -3.61 -8.96
C PHE A 29 4.49 -5.11 -8.83
N GLY A 30 3.22 -5.43 -8.54
CA GLY A 30 2.79 -6.82 -8.40
C GLY A 30 1.25 -6.91 -8.34
N PRO A 31 0.65 -8.10 -8.33
CA PRO A 31 -0.85 -8.24 -8.27
C PRO A 31 -1.43 -7.79 -6.93
N ILE A 32 -2.62 -7.19 -6.96
CA ILE A 32 -3.28 -6.70 -5.74
C ILE A 32 -4.56 -7.49 -5.42
N SER A 33 -4.53 -8.22 -4.30
CA SER A 33 -5.71 -8.99 -3.86
C SER A 33 -6.82 -8.03 -3.45
N GLU A 34 -6.45 -7.02 -2.66
CA GLU A 34 -7.40 -6.02 -2.17
C GLU A 34 -6.66 -4.73 -1.85
N VAL A 35 -7.40 -3.63 -1.73
CA VAL A 35 -6.80 -2.33 -1.45
C VAL A 35 -7.73 -1.50 -0.55
N VAL A 36 -7.16 -0.94 0.53
CA VAL A 36 -7.94 -0.14 1.47
C VAL A 36 -7.09 1.00 2.05
N VAL A 37 -7.28 2.23 1.55
CA VAL A 37 -6.55 3.40 2.07
C VAL A 37 -7.45 4.15 3.06
N VAL A 38 -6.88 4.45 4.23
CA VAL A 38 -7.64 5.18 5.25
C VAL A 38 -7.70 6.65 4.84
N LYS A 39 -8.93 7.14 4.66
CA LYS A 39 -9.15 8.52 4.26
C LYS A 39 -10.05 9.22 5.27
N ASP A 40 -9.79 10.51 5.48
CA ASP A 40 -10.56 11.29 6.40
C ASP A 40 -11.94 11.55 5.78
N ARG A 41 -12.99 11.22 6.50
CA ARG A 41 -14.35 11.40 6.02
C ARG A 41 -14.83 12.86 6.19
N GLU A 42 -14.03 13.68 6.87
CA GLU A 42 -14.37 15.09 7.09
C GLU A 42 -13.56 15.99 6.18
N THR A 43 -12.40 15.49 5.72
CA THR A 43 -11.53 16.27 4.84
C THR A 43 -11.36 15.57 3.48
N GLN A 44 -11.86 14.32 3.39
CA GLN A 44 -11.73 13.52 2.20
C GLN A 44 -10.25 13.46 1.77
N ARG A 45 -9.37 13.48 2.78
CA ARG A 45 -7.93 13.45 2.57
C ARG A 45 -7.32 12.26 3.31
N SER A 46 -6.36 11.62 2.66
CA SER A 46 -5.67 10.46 3.23
C SER A 46 -5.11 10.84 4.60
N ARG A 47 -5.06 9.86 5.49
CA ARG A 47 -4.59 10.10 6.86
C ARG A 47 -3.11 9.71 7.04
N GLY A 48 -2.39 9.51 5.93
CA GLY A 48 -0.98 9.14 5.99
C GLY A 48 -0.81 7.63 6.24
N PHE A 49 -1.91 6.90 6.32
CA PHE A 49 -1.86 5.46 6.56
C PHE A 49 -2.84 4.74 5.63
N GLY A 50 -2.41 3.60 5.10
CA GLY A 50 -3.25 2.81 4.21
C GLY A 50 -2.86 1.33 4.28
N PHE A 51 -3.82 0.48 3.92
CA PHE A 51 -3.61 -0.97 3.92
C PHE A 51 -3.81 -1.50 2.51
N ILE A 52 -3.00 -2.48 2.14
CA ILE A 52 -3.06 -3.08 0.82
C ILE A 52 -2.87 -4.61 0.93
N THR A 53 -3.74 -5.37 0.25
CA THR A 53 -3.65 -6.83 0.31
C THR A 53 -3.21 -7.39 -1.06
N PHE A 54 -2.18 -8.23 -1.03
CA PHE A 54 -1.66 -8.86 -2.24
C PHE A 54 -2.18 -10.27 -2.43
N THR A 55 -2.04 -10.75 -3.65
CA THR A 55 -2.46 -12.09 -4.01
C THR A 55 -1.72 -13.10 -3.15
N ASN A 56 -0.41 -12.93 -3.07
CA ASN A 56 0.44 -13.82 -2.30
C ASN A 56 1.61 -13.04 -1.64
N PRO A 57 2.13 -13.50 -0.51
CA PRO A 57 3.28 -12.82 0.19
C PRO A 57 4.40 -12.46 -0.77
N GLU A 58 4.56 -13.24 -1.81
CA GLU A 58 5.58 -12.99 -2.82
C GLU A 58 5.32 -11.68 -3.53
N HIS A 59 4.05 -11.41 -3.81
CA HIS A 59 3.65 -10.20 -4.50
C HIS A 59 3.76 -9.03 -3.55
N ALA A 60 3.39 -9.28 -2.28
CA ALA A 60 3.48 -8.28 -1.24
C ALA A 60 4.94 -7.84 -1.08
N SER A 61 5.84 -8.84 -1.06
CA SER A 61 7.27 -8.57 -0.89
C SER A 61 7.81 -7.69 -2.02
N VAL A 62 7.33 -7.89 -3.24
CA VAL A 62 7.80 -7.09 -4.38
C VAL A 62 7.41 -5.62 -4.16
N ALA A 63 6.17 -5.40 -3.73
CA ALA A 63 5.69 -4.03 -3.54
C ALA A 63 6.56 -3.29 -2.55
N MET A 64 6.82 -3.90 -1.37
CA MET A 64 7.69 -3.24 -0.40
C MET A 64 9.11 -3.13 -0.93
N ARG A 65 9.53 -4.13 -1.70
CA ARG A 65 10.87 -4.13 -2.25
C ARG A 65 11.06 -2.91 -3.16
N ALA A 66 10.04 -2.66 -3.98
CA ALA A 66 10.09 -1.53 -4.92
C ALA A 66 9.47 -0.24 -4.38
N MET A 67 8.85 -0.27 -3.18
CA MET A 67 8.17 0.94 -2.65
C MET A 67 8.63 1.40 -1.25
N ASN A 68 9.26 0.54 -0.44
CA ASN A 68 9.69 0.95 0.91
C ASN A 68 10.45 2.27 0.89
N GLY A 69 9.81 3.31 1.42
CA GLY A 69 10.40 4.63 1.49
C GLY A 69 10.50 5.28 0.12
N GLU A 70 9.59 4.90 -0.80
CA GLU A 70 9.60 5.44 -2.16
C GLU A 70 8.44 6.36 -2.44
N SER A 71 8.74 7.40 -3.22
CA SER A 71 7.78 8.43 -3.61
C SER A 71 6.55 7.87 -4.27
N LEU A 72 5.47 7.84 -3.50
CA LEU A 72 4.17 7.43 -3.99
C LEU A 72 3.36 8.71 -4.15
N ASP A 73 2.98 9.02 -5.37
CA ASP A 73 2.25 10.26 -5.66
C ASP A 73 3.09 11.47 -5.20
N GLY A 74 4.43 11.33 -5.32
CA GLY A 74 5.37 12.41 -4.97
C GLY A 74 5.66 12.49 -3.47
N ARG A 75 5.28 11.46 -2.71
CA ARG A 75 5.53 11.45 -1.26
C ARG A 75 5.96 10.05 -0.86
N GLN A 76 7.16 9.93 -0.30
CA GLN A 76 7.67 8.62 0.08
C GLN A 76 6.82 7.97 1.15
N ILE A 77 6.53 6.69 0.91
CA ILE A 77 5.73 5.88 1.83
C ILE A 77 6.53 4.67 2.25
N ARG A 78 6.30 4.22 3.49
CA ARG A 78 7.03 3.07 4.01
C ARG A 78 6.13 1.85 4.01
N VAL A 79 6.57 0.83 3.27
CA VAL A 79 5.81 -0.41 3.15
C VAL A 79 6.44 -1.49 4.04
N ASP A 80 5.77 -1.78 5.15
CA ASP A 80 6.20 -2.81 6.09
C ASP A 80 5.27 -3.98 5.95
N HIS A 81 5.79 -5.08 5.39
CA HIS A 81 4.97 -6.24 5.13
C HIS A 81 4.32 -6.85 6.36
N ALA A 82 2.98 -6.84 6.34
CA ALA A 82 2.21 -7.44 7.41
C ALA A 82 2.47 -8.94 7.47
N GLY A 83 2.59 -9.57 6.28
CA GLY A 83 2.82 -11.01 6.19
C GLY A 83 4.19 -11.34 5.57
N LYS A 84 4.24 -11.42 4.23
CA LYS A 84 5.48 -11.76 3.52
C LYS A 84 5.90 -13.18 3.87
N MET A 1 4.96 -21.28 6.89
CA MET A 1 5.87 -20.78 5.80
C MET A 1 5.61 -19.29 5.59
N SER A 2 4.35 -18.94 5.33
CA SER A 2 3.97 -17.56 5.10
C SER A 2 2.51 -17.33 5.45
N SER A 3 2.12 -16.06 5.60
CA SER A 3 0.74 -15.71 5.94
C SER A 3 -0.21 -16.00 4.77
N GLU A 4 0.34 -16.13 3.56
CA GLU A 4 -0.47 -16.39 2.36
C GLU A 4 -1.53 -15.29 2.20
N GLU A 5 -1.26 -14.10 2.74
CA GLU A 5 -2.18 -12.97 2.65
C GLU A 5 -1.60 -11.89 1.74
N GLY A 6 -0.28 -11.68 1.86
CA GLY A 6 0.40 -10.66 1.05
C GLY A 6 0.04 -9.24 1.48
N LYS A 7 -0.40 -9.09 2.73
CA LYS A 7 -0.79 -7.78 3.25
C LYS A 7 0.43 -6.94 3.62
N LEU A 8 0.48 -5.73 3.06
CA LEU A 8 1.56 -4.80 3.33
C LEU A 8 0.99 -3.59 4.10
N PHE A 9 1.82 -2.99 4.95
CA PHE A 9 1.39 -1.81 5.72
C PHE A 9 2.06 -0.56 5.16
N VAL A 10 1.26 0.32 4.54
CA VAL A 10 1.81 1.55 3.95
C VAL A 10 1.62 2.74 4.90
N GLY A 11 2.72 3.45 5.17
CA GLY A 11 2.68 4.61 6.04
C GLY A 11 3.11 5.87 5.30
N GLY A 12 2.69 7.02 5.81
CA GLY A 12 3.02 8.30 5.19
C GLY A 12 2.30 8.47 3.86
N LEU A 13 1.08 7.91 3.75
CA LEU A 13 0.31 7.99 2.51
C LEU A 13 0.01 9.44 2.13
N ASN A 14 0.21 9.75 0.84
CA ASN A 14 -0.05 11.09 0.33
C ASN A 14 -1.53 11.42 0.46
N PHE A 15 -1.82 12.67 0.83
CA PHE A 15 -3.19 13.14 1.03
C PHE A 15 -4.12 12.78 -0.12
N ASN A 16 -3.59 12.63 -1.33
CA ASN A 16 -4.45 12.32 -2.49
C ASN A 16 -4.35 10.84 -2.92
N THR A 17 -3.84 9.98 -2.03
CA THR A 17 -3.72 8.55 -2.34
C THR A 17 -4.98 7.84 -1.89
N ASP A 18 -5.55 7.02 -2.77
CA ASP A 18 -6.77 6.28 -2.45
C ASP A 18 -6.63 4.83 -2.89
N GLU A 19 -7.74 4.09 -2.92
CA GLU A 19 -7.70 2.69 -3.29
C GLU A 19 -7.17 2.55 -4.72
N GLN A 20 -7.60 3.44 -5.60
CA GLN A 20 -7.16 3.40 -6.99
C GLN A 20 -5.70 3.82 -7.15
N ALA A 21 -5.29 4.84 -6.40
CA ALA A 21 -3.90 5.32 -6.48
C ALA A 21 -2.98 4.27 -5.88
N LEU A 22 -3.40 3.74 -4.74
CA LEU A 22 -2.63 2.72 -4.05
C LEU A 22 -2.55 1.47 -4.91
N GLU A 23 -3.70 1.07 -5.44
CA GLU A 23 -3.78 -0.11 -6.29
C GLU A 23 -2.97 0.07 -7.55
N ASP A 24 -3.04 1.25 -8.18
CA ASP A 24 -2.34 1.49 -9.44
C ASP A 24 -0.83 1.28 -9.34
N HIS A 25 -0.19 1.94 -8.36
CA HIS A 25 1.28 1.84 -8.20
C HIS A 25 1.71 0.44 -7.74
N PHE A 26 1.01 -0.09 -6.75
CA PHE A 26 1.33 -1.40 -6.20
C PHE A 26 0.99 -2.52 -7.20
N SER A 27 -0.04 -2.29 -8.04
CA SER A 27 -0.42 -3.27 -9.06
C SER A 27 0.73 -3.43 -10.03
N SER A 28 1.32 -2.29 -10.37
CA SER A 28 2.44 -2.26 -11.29
C SER A 28 3.59 -3.08 -10.74
N PHE A 29 3.86 -2.94 -9.43
CA PHE A 29 4.94 -3.69 -8.79
C PHE A 29 4.58 -5.18 -8.63
N GLY A 30 3.29 -5.47 -8.37
CA GLY A 30 2.84 -6.86 -8.20
C GLY A 30 1.30 -6.93 -8.16
N PRO A 31 0.69 -8.12 -8.23
CA PRO A 31 -0.81 -8.25 -8.21
C PRO A 31 -1.40 -7.82 -6.88
N ILE A 32 -2.58 -7.18 -6.92
CA ILE A 32 -3.25 -6.69 -5.71
C ILE A 32 -4.52 -7.49 -5.43
N SER A 33 -4.53 -8.23 -4.31
CA SER A 33 -5.72 -9.00 -3.92
C SER A 33 -6.83 -8.05 -3.44
N GLU A 34 -6.41 -7.02 -2.69
CA GLU A 34 -7.33 -6.01 -2.16
C GLU A 34 -6.58 -4.72 -1.92
N VAL A 35 -7.31 -3.62 -1.83
CA VAL A 35 -6.69 -2.31 -1.63
C VAL A 35 -7.61 -1.41 -0.77
N VAL A 36 -7.04 -0.82 0.27
CA VAL A 36 -7.79 0.05 1.18
C VAL A 36 -6.93 1.21 1.68
N VAL A 37 -7.47 2.44 1.60
CA VAL A 37 -6.76 3.63 2.09
C VAL A 37 -7.67 4.38 3.07
N VAL A 38 -7.13 4.71 4.23
CA VAL A 38 -7.89 5.43 5.25
C VAL A 38 -8.01 6.90 4.84
N LYS A 39 -9.24 7.41 4.83
CA LYS A 39 -9.50 8.79 4.45
C LYS A 39 -10.03 9.60 5.63
N ASP A 40 -9.82 10.92 5.56
CA ASP A 40 -10.27 11.83 6.60
C ASP A 40 -11.77 11.98 6.52
N ARG A 41 -12.45 11.94 7.65
CA ARG A 41 -13.91 12.08 7.66
C ARG A 41 -14.33 13.54 7.49
N GLU A 42 -13.37 14.47 7.64
CA GLU A 42 -13.66 15.90 7.51
C GLU A 42 -13.12 16.46 6.19
N THR A 43 -12.07 15.83 5.65
CA THR A 43 -11.46 16.28 4.39
C THR A 43 -11.60 15.23 3.28
N GLN A 44 -11.84 13.99 3.69
CA GLN A 44 -11.98 12.88 2.74
C GLN A 44 -10.66 12.64 1.99
N ARG A 45 -9.55 12.99 2.65
CA ARG A 45 -8.22 12.80 2.07
C ARG A 45 -7.46 11.74 2.86
N SER A 46 -6.40 11.23 2.27
CA SER A 46 -5.59 10.20 2.91
C SER A 46 -5.13 10.67 4.28
N ARG A 47 -5.11 9.76 5.24
CA ARG A 47 -4.70 10.08 6.60
C ARG A 47 -3.23 9.71 6.86
N GLY A 48 -2.50 9.37 5.79
CA GLY A 48 -1.09 8.99 5.92
C GLY A 48 -0.93 7.50 6.29
N PHE A 49 -2.03 6.73 6.21
CA PHE A 49 -1.98 5.31 6.54
C PHE A 49 -3.06 4.57 5.78
N GLY A 50 -2.70 3.42 5.21
CA GLY A 50 -3.63 2.61 4.44
C GLY A 50 -3.21 1.14 4.43
N PHE A 51 -4.16 0.26 4.13
CA PHE A 51 -3.89 -1.18 4.08
C PHE A 51 -4.07 -1.69 2.65
N ILE A 52 -3.11 -2.49 2.18
CA ILE A 52 -3.15 -3.04 0.83
C ILE A 52 -2.89 -4.56 0.91
N THR A 53 -3.74 -5.36 0.27
CA THR A 53 -3.57 -6.82 0.31
C THR A 53 -3.17 -7.37 -1.05
N PHE A 54 -2.13 -8.21 -1.05
CA PHE A 54 -1.62 -8.83 -2.27
C PHE A 54 -2.13 -10.25 -2.44
N THR A 55 -2.00 -10.74 -3.66
CA THR A 55 -2.41 -12.09 -4.00
C THR A 55 -1.65 -13.09 -3.13
N ASN A 56 -0.33 -12.90 -3.07
CA ASN A 56 0.53 -13.78 -2.30
C ASN A 56 1.69 -13.01 -1.64
N PRO A 57 2.20 -13.47 -0.49
CA PRO A 57 3.35 -12.80 0.20
C PRO A 57 4.48 -12.44 -0.75
N GLU A 58 4.63 -13.22 -1.82
CA GLU A 58 5.67 -12.97 -2.81
C GLU A 58 5.40 -11.67 -3.54
N HIS A 59 4.12 -11.43 -3.85
CA HIS A 59 3.71 -10.23 -4.55
C HIS A 59 3.81 -9.03 -3.62
N ALA A 60 3.43 -9.27 -2.37
CA ALA A 60 3.53 -8.24 -1.35
C ALA A 60 4.98 -7.83 -1.17
N SER A 61 5.86 -8.84 -1.19
CA SER A 61 7.29 -8.62 -1.02
C SER A 61 7.83 -7.69 -2.10
N VAL A 62 7.40 -7.88 -3.35
CA VAL A 62 7.88 -7.04 -4.45
C VAL A 62 7.47 -5.59 -4.22
N ALA A 63 6.20 -5.37 -3.83
CA ALA A 63 5.71 -4.01 -3.65
C ALA A 63 6.53 -3.27 -2.60
N MET A 64 6.71 -3.86 -1.42
CA MET A 64 7.50 -3.20 -0.38
C MET A 64 8.96 -3.12 -0.80
N ARG A 65 9.44 -4.13 -1.52
CA ARG A 65 10.81 -4.15 -1.97
C ARG A 65 11.06 -2.93 -2.87
N ALA A 66 10.10 -2.69 -3.77
CA ALA A 66 10.20 -1.58 -4.73
C ALA A 66 9.56 -0.28 -4.23
N MET A 67 8.88 -0.29 -3.07
CA MET A 67 8.19 0.93 -2.60
C MET A 67 8.61 1.41 -1.19
N ASN A 68 9.23 0.55 -0.36
CA ASN A 68 9.63 0.97 1.00
C ASN A 68 10.39 2.29 0.99
N GLY A 69 9.75 3.33 1.49
CA GLY A 69 10.35 4.65 1.56
C GLY A 69 10.47 5.29 0.18
N GLU A 70 9.58 4.91 -0.74
CA GLU A 70 9.62 5.41 -2.12
C GLU A 70 8.45 6.33 -2.44
N SER A 71 8.76 7.37 -3.21
CA SER A 71 7.81 8.39 -3.61
C SER A 71 6.58 7.80 -4.28
N LEU A 72 5.49 7.80 -3.52
CA LEU A 72 4.20 7.36 -4.04
C LEU A 72 3.40 8.64 -4.25
N ASP A 73 3.06 8.92 -5.51
CA ASP A 73 2.35 10.15 -5.84
C ASP A 73 3.20 11.37 -5.41
N GLY A 74 4.54 11.20 -5.49
CA GLY A 74 5.47 12.27 -5.13
C GLY A 74 5.74 12.41 -3.63
N ARG A 75 5.31 11.41 -2.85
CA ARG A 75 5.54 11.43 -1.40
C ARG A 75 5.95 10.05 -0.95
N GLN A 76 7.14 9.94 -0.37
CA GLN A 76 7.64 8.63 0.06
C GLN A 76 6.76 8.02 1.13
N ILE A 77 6.50 6.72 0.93
CA ILE A 77 5.67 5.94 1.84
C ILE A 77 6.46 4.73 2.29
N ARG A 78 6.19 4.27 3.50
CA ARG A 78 6.90 3.12 4.04
C ARG A 78 6.00 1.90 4.03
N VAL A 79 6.41 0.89 3.27
CA VAL A 79 5.64 -0.32 3.12
C VAL A 79 6.27 -1.42 3.99
N ASP A 80 5.62 -1.72 5.12
CA ASP A 80 6.08 -2.76 6.02
C ASP A 80 5.19 -3.97 5.83
N HIS A 81 5.77 -5.00 5.26
CA HIS A 81 5.02 -6.21 4.97
C HIS A 81 4.44 -6.87 6.19
N ALA A 82 3.11 -6.90 6.23
CA ALA A 82 2.39 -7.53 7.35
C ALA A 82 2.71 -9.02 7.39
N GLY A 83 2.80 -9.65 6.20
CA GLY A 83 3.07 -11.09 6.09
C GLY A 83 4.44 -11.38 5.46
N LYS A 84 4.47 -11.43 4.12
CA LYS A 84 5.72 -11.75 3.38
C LYS A 84 6.15 -13.18 3.67
N MET A 1 7.17 -15.69 11.17
CA MET A 1 5.73 -15.38 10.98
C MET A 1 5.47 -15.04 9.51
N SER A 2 4.44 -15.67 8.95
CA SER A 2 4.08 -15.44 7.55
C SER A 2 2.60 -15.74 7.32
N SER A 3 2.06 -15.22 6.21
CA SER A 3 0.65 -15.43 5.88
C SER A 3 0.42 -15.34 4.38
N GLU A 4 -0.68 -15.92 3.92
CA GLU A 4 -1.03 -15.91 2.50
C GLU A 4 -1.79 -14.63 2.10
N GLU A 5 -2.06 -13.76 3.07
CA GLU A 5 -2.79 -12.51 2.82
C GLU A 5 -2.02 -11.57 1.89
N GLY A 6 -0.70 -11.52 2.06
CA GLY A 6 0.13 -10.64 1.26
C GLY A 6 -0.10 -9.16 1.62
N LYS A 7 -0.60 -8.92 2.83
CA LYS A 7 -0.89 -7.57 3.29
C LYS A 7 0.37 -6.81 3.68
N LEU A 8 0.52 -5.62 3.07
CA LEU A 8 1.65 -4.76 3.37
C LEU A 8 1.15 -3.53 4.13
N PHE A 9 1.99 -2.98 4.98
CA PHE A 9 1.63 -1.79 5.75
C PHE A 9 2.29 -0.54 5.14
N VAL A 10 1.46 0.36 4.60
CA VAL A 10 1.98 1.59 3.97
C VAL A 10 1.88 2.75 4.97
N GLY A 11 2.95 3.52 5.10
CA GLY A 11 2.96 4.67 6.01
C GLY A 11 3.35 5.95 5.28
N GLY A 12 2.97 7.09 5.85
CA GLY A 12 3.26 8.40 5.24
C GLY A 12 2.47 8.56 3.93
N LEU A 13 1.25 8.03 3.92
CA LEU A 13 0.40 8.09 2.74
C LEU A 13 0.12 9.53 2.32
N ASN A 14 0.38 9.83 1.05
CA ASN A 14 0.15 11.17 0.52
C ASN A 14 -1.32 11.52 0.67
N PHE A 15 -1.58 12.79 0.97
CA PHE A 15 -2.94 13.27 1.17
C PHE A 15 -3.87 12.88 0.01
N ASN A 16 -3.31 12.66 -1.18
CA ASN A 16 -4.11 12.30 -2.36
C ASN A 16 -4.05 10.80 -2.71
N THR A 17 -3.54 9.97 -1.79
CA THR A 17 -3.47 8.53 -2.03
C THR A 17 -4.75 7.87 -1.52
N ASP A 18 -5.39 7.12 -2.40
CA ASP A 18 -6.63 6.43 -2.05
C ASP A 18 -6.55 4.97 -2.45
N GLU A 19 -7.68 4.26 -2.41
CA GLU A 19 -7.71 2.84 -2.76
C GLU A 19 -7.21 2.65 -4.19
N GLN A 20 -7.67 3.52 -5.09
CA GLN A 20 -7.29 3.46 -6.49
C GLN A 20 -5.84 3.86 -6.72
N ALA A 21 -5.39 4.91 -6.01
CA ALA A 21 -4.00 5.36 -6.15
C ALA A 21 -3.07 4.29 -5.61
N LEU A 22 -3.48 3.74 -4.46
CA LEU A 22 -2.71 2.69 -3.81
C LEU A 22 -2.64 1.48 -4.72
N GLU A 23 -3.80 1.09 -5.24
CA GLU A 23 -3.90 -0.07 -6.11
C GLU A 23 -3.11 0.13 -7.41
N ASP A 24 -3.20 1.32 -8.01
CA ASP A 24 -2.53 1.58 -9.29
C ASP A 24 -1.00 1.41 -9.22
N HIS A 25 -0.35 2.08 -8.27
CA HIS A 25 1.12 2.01 -8.15
C HIS A 25 1.60 0.62 -7.75
N PHE A 26 0.94 0.04 -6.75
CA PHE A 26 1.31 -1.28 -6.26
C PHE A 26 0.95 -2.37 -7.28
N SER A 27 -0.12 -2.15 -8.06
CA SER A 27 -0.51 -3.11 -9.09
C SER A 27 0.62 -3.23 -10.10
N SER A 28 1.21 -2.07 -10.41
CA SER A 28 2.30 -2.01 -11.35
C SER A 28 3.48 -2.85 -10.85
N PHE A 29 3.76 -2.74 -9.54
CA PHE A 29 4.87 -3.51 -8.94
C PHE A 29 4.54 -5.00 -8.83
N GLY A 30 3.26 -5.32 -8.53
CA GLY A 30 2.82 -6.71 -8.39
C GLY A 30 1.29 -6.78 -8.35
N PRO A 31 0.66 -7.95 -8.31
CA PRO A 31 -0.85 -8.05 -8.28
C PRO A 31 -1.43 -7.60 -6.95
N ILE A 32 -2.63 -7.02 -6.99
CA ILE A 32 -3.29 -6.51 -5.78
C ILE A 32 -4.60 -7.26 -5.51
N SER A 33 -4.67 -7.97 -4.38
CA SER A 33 -5.89 -8.69 -4.01
C SER A 33 -6.98 -7.70 -3.54
N GLU A 34 -6.56 -6.67 -2.78
CA GLU A 34 -7.50 -5.68 -2.26
C GLU A 34 -6.73 -4.50 -1.68
N VAL A 35 -7.42 -3.38 -1.41
CA VAL A 35 -6.75 -2.21 -0.84
C VAL A 35 -7.65 -1.53 0.21
N VAL A 36 -7.03 -0.93 1.22
CA VAL A 36 -7.76 -0.24 2.27
C VAL A 36 -6.96 0.98 2.77
N VAL A 37 -7.15 2.13 2.13
CA VAL A 37 -6.44 3.36 2.52
C VAL A 37 -7.23 4.11 3.59
N VAL A 38 -6.54 4.51 4.66
CA VAL A 38 -7.16 5.26 5.74
C VAL A 38 -7.15 6.73 5.37
N LYS A 39 -8.34 7.34 5.32
CA LYS A 39 -8.48 8.75 4.96
C LYS A 39 -9.61 9.40 5.73
N ASP A 40 -9.73 10.71 5.59
CA ASP A 40 -10.76 11.47 6.24
C ASP A 40 -12.10 11.16 5.60
N ARG A 41 -13.13 10.93 6.41
CA ARG A 41 -14.47 10.62 5.88
C ARG A 41 -15.23 11.90 5.48
N GLU A 42 -14.71 13.06 5.92
CA GLU A 42 -15.34 14.35 5.60
C GLU A 42 -14.56 15.08 4.50
N THR A 43 -13.27 14.78 4.39
CA THR A 43 -12.42 15.41 3.37
C THR A 43 -11.97 14.37 2.32
N GLN A 44 -12.11 13.09 2.66
CA GLN A 44 -11.69 12.01 1.78
C GLN A 44 -10.20 12.17 1.47
N ARG A 45 -9.48 12.70 2.47
CA ARG A 45 -8.04 12.93 2.37
C ARG A 45 -7.31 11.93 3.25
N SER A 46 -6.34 11.26 2.65
CA SER A 46 -5.53 10.27 3.36
C SER A 46 -4.97 10.84 4.65
N ARG A 47 -4.98 10.02 5.68
CA ARG A 47 -4.52 10.43 7.00
C ARG A 47 -3.04 10.06 7.24
N GLY A 48 -2.29 9.83 6.16
CA GLY A 48 -0.87 9.48 6.27
C GLY A 48 -0.67 7.97 6.47
N PHE A 49 -1.76 7.20 6.46
CA PHE A 49 -1.69 5.76 6.64
C PHE A 49 -2.60 5.05 5.63
N GLY A 50 -2.19 3.87 5.19
CA GLY A 50 -2.97 3.09 4.25
C GLY A 50 -2.62 1.61 4.37
N PHE A 51 -3.51 0.77 3.85
CA PHE A 51 -3.32 -0.68 3.89
C PHE A 51 -3.53 -1.25 2.51
N ILE A 52 -2.81 -2.33 2.21
CA ILE A 52 -2.92 -2.95 0.89
C ILE A 52 -2.81 -4.47 1.02
N THR A 53 -3.73 -5.19 0.37
CA THR A 53 -3.74 -6.65 0.43
C THR A 53 -3.36 -7.24 -0.94
N PHE A 54 -2.37 -8.11 -0.94
CA PHE A 54 -1.88 -8.76 -2.16
C PHE A 54 -2.45 -10.15 -2.32
N THR A 55 -2.29 -10.65 -3.54
CA THR A 55 -2.75 -12.00 -3.88
C THR A 55 -2.03 -13.01 -3.02
N ASN A 56 -0.70 -12.85 -2.95
CA ASN A 56 0.15 -13.75 -2.18
C ASN A 56 1.34 -12.99 -1.57
N PRO A 57 1.88 -13.43 -0.44
CA PRO A 57 3.06 -12.76 0.23
C PRO A 57 4.21 -12.50 -0.74
N GLU A 58 4.26 -13.28 -1.81
CA GLU A 58 5.29 -13.09 -2.84
C GLU A 58 5.06 -11.77 -3.57
N HIS A 59 3.77 -11.48 -3.79
CA HIS A 59 3.36 -10.27 -4.48
C HIS A 59 3.51 -9.07 -3.54
N ALA A 60 3.17 -9.31 -2.27
CA ALA A 60 3.32 -8.28 -1.25
C ALA A 60 4.80 -7.92 -1.11
N SER A 61 5.64 -8.96 -1.10
CA SER A 61 7.09 -8.80 -0.94
C SER A 61 7.71 -7.97 -2.06
N VAL A 62 7.30 -8.22 -3.31
CA VAL A 62 7.89 -7.47 -4.43
C VAL A 62 7.50 -6.00 -4.39
N ALA A 63 6.25 -5.71 -4.03
CA ALA A 63 5.81 -4.32 -4.00
C ALA A 63 6.64 -3.51 -3.01
N MET A 64 6.80 -4.02 -1.77
CA MET A 64 7.60 -3.29 -0.78
C MET A 64 9.05 -3.18 -1.23
N ARG A 65 9.54 -4.18 -1.95
CA ARG A 65 10.92 -4.16 -2.42
C ARG A 65 11.15 -2.92 -3.28
N ALA A 66 10.17 -2.64 -4.15
CA ALA A 66 10.26 -1.50 -5.06
C ALA A 66 9.58 -0.23 -4.51
N MET A 67 8.91 -0.31 -3.35
CA MET A 67 8.19 0.87 -2.82
C MET A 67 8.62 1.32 -1.41
N ASN A 68 9.31 0.47 -0.63
CA ASN A 68 9.73 0.87 0.72
C ASN A 68 10.46 2.20 0.72
N GLY A 69 9.78 3.22 1.24
CA GLY A 69 10.34 4.56 1.31
C GLY A 69 10.43 5.21 -0.07
N GLU A 70 9.55 4.80 -0.98
CA GLU A 70 9.54 5.32 -2.35
C GLU A 70 8.43 6.33 -2.59
N SER A 71 8.80 7.39 -3.29
CA SER A 71 7.91 8.51 -3.61
C SER A 71 6.63 8.06 -4.27
N LEU A 72 5.56 8.11 -3.50
CA LEU A 72 4.23 7.81 -4.00
C LEU A 72 3.54 9.16 -4.14
N ASP A 73 3.20 9.53 -5.37
CA ASP A 73 2.59 10.84 -5.62
C ASP A 73 3.52 11.95 -5.11
N GLY A 74 4.84 11.69 -5.20
CA GLY A 74 5.86 12.64 -4.79
C GLY A 74 6.10 12.66 -3.26
N ARG A 75 5.64 11.62 -2.58
CA ARG A 75 5.84 11.53 -1.13
C ARG A 75 6.18 10.08 -0.79
N GLN A 76 7.39 9.88 -0.27
CA GLN A 76 7.85 8.53 0.05
C GLN A 76 6.98 7.88 1.12
N ILE A 77 6.63 6.62 0.84
CA ILE A 77 5.80 5.82 1.74
C ILE A 77 6.55 4.55 2.10
N ARG A 78 6.40 4.10 3.34
CA ARG A 78 7.09 2.91 3.81
C ARG A 78 6.18 1.71 3.80
N VAL A 79 6.57 0.71 3.03
CA VAL A 79 5.78 -0.52 2.91
C VAL A 79 6.41 -1.63 3.76
N ASP A 80 5.79 -1.90 4.92
CA ASP A 80 6.26 -2.94 5.82
C ASP A 80 5.30 -4.11 5.75
N HIS A 81 5.79 -5.22 5.23
CA HIS A 81 4.96 -6.40 5.03
C HIS A 81 4.32 -6.94 6.30
N ALA A 82 2.99 -6.82 6.34
CA ALA A 82 2.21 -7.34 7.46
C ALA A 82 2.24 -8.87 7.46
N GLY A 83 2.19 -9.47 6.26
CA GLY A 83 2.19 -10.92 6.11
C GLY A 83 3.53 -11.45 5.59
N LYS A 84 3.70 -11.48 4.26
CA LYS A 84 4.93 -11.99 3.63
C LYS A 84 5.08 -13.48 3.96
N MET A 1 7.73 -16.99 9.50
CA MET A 1 6.31 -17.39 9.37
C MET A 1 5.62 -16.48 8.36
N SER A 2 4.54 -16.98 7.74
CA SER A 2 3.79 -16.21 6.76
C SER A 2 2.31 -16.56 6.80
N SER A 3 1.46 -15.55 6.63
CA SER A 3 0.01 -15.74 6.65
C SER A 3 -0.55 -16.00 5.24
N GLU A 4 0.32 -15.96 4.21
CA GLU A 4 -0.10 -16.19 2.83
C GLU A 4 -1.21 -15.20 2.42
N GLU A 5 -1.17 -14.00 2.99
CA GLU A 5 -2.16 -12.96 2.68
C GLU A 5 -1.58 -11.88 1.75
N GLY A 6 -0.26 -11.65 1.87
CA GLY A 6 0.41 -10.65 1.06
C GLY A 6 0.05 -9.22 1.47
N LYS A 7 -0.40 -9.05 2.71
CA LYS A 7 -0.78 -7.73 3.20
C LYS A 7 0.44 -6.90 3.57
N LEU A 8 0.52 -5.71 2.96
CA LEU A 8 1.60 -4.78 3.22
C LEU A 8 1.06 -3.59 4.01
N PHE A 9 1.90 -3.00 4.87
CA PHE A 9 1.48 -1.84 5.66
C PHE A 9 2.15 -0.59 5.12
N VAL A 10 1.37 0.33 4.55
CA VAL A 10 1.93 1.56 3.98
C VAL A 10 1.72 2.72 4.95
N GLY A 11 2.81 3.43 5.25
CA GLY A 11 2.76 4.57 6.17
C GLY A 11 3.15 5.86 5.47
N GLY A 12 2.69 6.99 6.03
CA GLY A 12 2.98 8.30 5.46
C GLY A 12 2.29 8.47 4.11
N LEU A 13 1.09 7.92 3.97
CA LEU A 13 0.36 8.03 2.70
C LEU A 13 0.06 9.47 2.34
N ASN A 14 0.28 9.80 1.06
CA ASN A 14 0.05 11.16 0.54
C ASN A 14 -1.42 11.52 0.62
N PHE A 15 -1.69 12.78 0.94
CA PHE A 15 -3.07 13.28 1.07
C PHE A 15 -3.96 12.85 -0.10
N ASN A 16 -3.37 12.75 -1.29
CA ASN A 16 -4.16 12.35 -2.46
C ASN A 16 -4.04 10.84 -2.75
N THR A 17 -3.78 10.07 -1.69
CA THR A 17 -3.65 8.63 -1.80
C THR A 17 -5.02 7.99 -1.60
N ASP A 18 -5.33 7.03 -2.46
CA ASP A 18 -6.61 6.34 -2.38
C ASP A 18 -6.43 4.87 -2.70
N GLU A 19 -7.53 4.13 -2.63
CA GLU A 19 -7.49 2.70 -2.92
C GLU A 19 -7.01 2.49 -4.35
N GLN A 20 -7.50 3.34 -5.25
CA GLN A 20 -7.11 3.26 -6.65
C GLN A 20 -5.68 3.72 -6.86
N ALA A 21 -5.27 4.79 -6.15
CA ALA A 21 -3.92 5.31 -6.29
C ALA A 21 -2.93 4.27 -5.83
N LEU A 22 -3.21 3.71 -4.65
CA LEU A 22 -2.33 2.67 -4.10
C LEU A 22 -2.41 1.38 -4.89
N GLU A 23 -3.62 0.97 -5.25
CA GLU A 23 -3.81 -0.25 -6.01
C GLU A 23 -3.10 -0.15 -7.37
N ASP A 24 -3.23 0.99 -8.04
CA ASP A 24 -2.62 1.18 -9.35
C ASP A 24 -1.08 1.06 -9.32
N HIS A 25 -0.44 1.76 -8.38
CA HIS A 25 1.03 1.72 -8.30
C HIS A 25 1.53 0.36 -7.81
N PHE A 26 0.87 -0.18 -6.79
CA PHE A 26 1.26 -1.46 -6.23
C PHE A 26 0.93 -2.60 -7.21
N SER A 27 -0.12 -2.40 -8.02
CA SER A 27 -0.51 -3.39 -9.03
C SER A 27 0.62 -3.53 -10.02
N SER A 28 1.20 -2.39 -10.38
CA SER A 28 2.29 -2.34 -11.32
C SER A 28 3.48 -3.14 -10.79
N PHE A 29 3.76 -2.98 -9.49
CA PHE A 29 4.87 -3.71 -8.88
C PHE A 29 4.55 -5.20 -8.72
N GLY A 30 3.27 -5.51 -8.43
CA GLY A 30 2.82 -6.90 -8.26
C GLY A 30 1.29 -6.96 -8.19
N PRO A 31 0.67 -8.15 -8.28
CA PRO A 31 -0.83 -8.25 -8.24
C PRO A 31 -1.40 -7.84 -6.87
N ILE A 32 -2.61 -7.26 -6.90
CA ILE A 32 -3.26 -6.79 -5.66
C ILE A 32 -4.53 -7.58 -5.37
N SER A 33 -4.53 -8.31 -4.24
CA SER A 33 -5.71 -9.08 -3.82
C SER A 33 -6.84 -8.14 -3.41
N GLU A 34 -6.48 -7.12 -2.62
CA GLU A 34 -7.45 -6.14 -2.14
C GLU A 34 -6.74 -4.86 -1.75
N VAL A 35 -7.48 -3.76 -1.62
CA VAL A 35 -6.88 -2.47 -1.26
C VAL A 35 -7.84 -1.67 -0.35
N VAL A 36 -7.27 -1.12 0.71
CA VAL A 36 -8.02 -0.33 1.68
C VAL A 36 -7.19 0.89 2.12
N VAL A 37 -7.77 2.07 2.06
CA VAL A 37 -7.07 3.30 2.45
C VAL A 37 -7.93 4.11 3.42
N VAL A 38 -7.34 4.51 4.55
CA VAL A 38 -8.06 5.30 5.55
C VAL A 38 -8.01 6.77 5.13
N LYS A 39 -9.18 7.42 5.05
CA LYS A 39 -9.25 8.83 4.65
C LYS A 39 -9.87 9.70 5.73
N ASP A 40 -9.78 11.02 5.53
CA ASP A 40 -10.34 11.98 6.44
C ASP A 40 -11.80 12.20 6.08
N ARG A 41 -12.70 12.02 7.03
CA ARG A 41 -14.12 12.19 6.77
C ARG A 41 -14.49 13.68 6.54
N GLU A 42 -13.57 14.59 6.91
CA GLU A 42 -13.81 16.02 6.75
C GLU A 42 -13.12 16.57 5.52
N THR A 43 -11.93 16.05 5.21
CA THR A 43 -11.16 16.51 4.05
C THR A 43 -11.26 15.53 2.87
N GLN A 44 -11.74 14.33 3.15
CA GLN A 44 -11.89 13.27 2.17
C GLN A 44 -10.53 12.99 1.49
N ARG A 45 -9.47 13.11 2.28
CA ARG A 45 -8.11 12.85 1.83
C ARG A 45 -7.55 11.66 2.60
N SER A 46 -6.33 11.25 2.29
CA SER A 46 -5.71 10.11 2.98
C SER A 46 -5.40 10.48 4.42
N ARG A 47 -5.27 9.45 5.26
CA ARG A 47 -4.95 9.64 6.67
C ARG A 47 -3.45 9.42 6.94
N GLY A 48 -2.68 9.08 5.89
CA GLY A 48 -1.25 8.82 6.04
C GLY A 48 -0.99 7.35 6.40
N PHE A 49 -2.04 6.52 6.35
CA PHE A 49 -1.92 5.10 6.66
C PHE A 49 -3.01 4.32 5.93
N GLY A 50 -2.59 3.30 5.19
CA GLY A 50 -3.53 2.47 4.43
C GLY A 50 -3.09 1.02 4.42
N PHE A 51 -4.06 0.12 4.22
CA PHE A 51 -3.77 -1.31 4.16
C PHE A 51 -4.00 -1.83 2.74
N ILE A 52 -3.03 -2.57 2.21
CA ILE A 52 -3.12 -3.11 0.86
C ILE A 52 -2.83 -4.61 0.90
N THR A 53 -3.74 -5.41 0.30
CA THR A 53 -3.58 -6.86 0.32
C THR A 53 -3.17 -7.39 -1.06
N PHE A 54 -2.13 -8.23 -1.06
CA PHE A 54 -1.61 -8.84 -2.28
C PHE A 54 -2.15 -10.25 -2.46
N THR A 55 -2.02 -10.75 -3.69
CA THR A 55 -2.45 -12.09 -4.02
C THR A 55 -1.69 -13.09 -3.17
N ASN A 56 -0.38 -12.92 -3.12
CA ASN A 56 0.48 -13.81 -2.35
C ASN A 56 1.66 -13.04 -1.72
N PRO A 57 2.19 -13.47 -0.57
CA PRO A 57 3.35 -12.79 0.10
C PRO A 57 4.50 -12.49 -0.86
N GLU A 58 4.57 -13.25 -1.95
CA GLU A 58 5.60 -13.04 -2.97
C GLU A 58 5.34 -11.72 -3.69
N HIS A 59 4.06 -11.46 -3.95
CA HIS A 59 3.65 -10.25 -4.66
C HIS A 59 3.76 -9.06 -3.71
N ALA A 60 3.39 -9.28 -2.45
CA ALA A 60 3.49 -8.26 -1.42
C ALA A 60 4.96 -7.89 -1.23
N SER A 61 5.81 -8.93 -1.20
CA SER A 61 7.24 -8.75 -1.00
C SER A 61 7.86 -7.86 -2.07
N VAL A 62 7.53 -8.11 -3.35
CA VAL A 62 8.11 -7.30 -4.42
C VAL A 62 7.67 -5.85 -4.35
N ALA A 63 6.40 -5.59 -4.01
CA ALA A 63 5.93 -4.22 -3.96
C ALA A 63 6.67 -3.40 -2.90
N MET A 64 6.77 -3.92 -1.67
CA MET A 64 7.48 -3.16 -0.62
C MET A 64 8.94 -2.97 -0.99
N ARG A 65 9.53 -3.93 -1.68
CA ARG A 65 10.93 -3.81 -2.08
C ARG A 65 11.10 -2.60 -3.01
N ALA A 66 10.11 -2.42 -3.90
CA ALA A 66 10.15 -1.33 -4.88
C ALA A 66 9.47 -0.05 -4.39
N MET A 67 8.80 -0.08 -3.22
CA MET A 67 8.09 1.13 -2.73
C MET A 67 8.53 1.59 -1.33
N ASN A 68 9.16 0.72 -0.54
CA ASN A 68 9.60 1.10 0.81
C ASN A 68 10.41 2.39 0.81
N GLY A 69 9.80 3.43 1.37
CA GLY A 69 10.43 4.73 1.46
C GLY A 69 10.53 5.39 0.08
N GLU A 70 9.60 5.04 -0.81
CA GLU A 70 9.59 5.56 -2.19
C GLU A 70 8.43 6.51 -2.46
N SER A 71 8.77 7.57 -3.19
CA SER A 71 7.83 8.62 -3.56
C SER A 71 6.59 8.08 -4.24
N LEU A 72 5.51 8.03 -3.46
CA LEU A 72 4.21 7.63 -3.98
C LEU A 72 3.42 8.92 -4.14
N ASP A 73 3.07 9.25 -5.37
CA ASP A 73 2.37 10.50 -5.67
C ASP A 73 3.22 11.70 -5.20
N GLY A 74 4.55 11.52 -5.28
CA GLY A 74 5.51 12.57 -4.90
C GLY A 74 5.77 12.65 -3.39
N ARG A 75 5.36 11.61 -2.65
CA ARG A 75 5.59 11.58 -1.21
C ARG A 75 6.01 10.18 -0.81
N GLN A 76 7.21 10.05 -0.25
CA GLN A 76 7.71 8.74 0.12
C GLN A 76 6.86 8.09 1.19
N ILE A 77 6.56 6.81 0.95
CA ILE A 77 5.76 6.00 1.87
C ILE A 77 6.54 4.78 2.26
N ARG A 78 6.33 4.31 3.47
CA ARG A 78 7.03 3.13 3.97
C ARG A 78 6.13 1.92 3.96
N VAL A 79 6.52 0.93 3.17
CA VAL A 79 5.74 -0.29 3.03
C VAL A 79 6.37 -1.42 3.85
N ASP A 80 5.73 -1.73 5.00
CA ASP A 80 6.19 -2.79 5.87
C ASP A 80 5.28 -3.99 5.72
N HIS A 81 5.81 -5.04 5.14
CA HIS A 81 5.04 -6.24 4.87
C HIS A 81 4.43 -6.86 6.11
N ALA A 82 3.09 -6.79 6.18
CA ALA A 82 2.36 -7.38 7.29
C ALA A 82 2.53 -8.90 7.30
N GLY A 83 2.52 -9.50 6.10
CA GLY A 83 2.64 -10.96 5.97
C GLY A 83 3.98 -11.37 5.38
N LYS A 84 4.05 -11.44 4.04
CA LYS A 84 5.27 -11.86 3.33
C LYS A 84 5.60 -13.32 3.69
N MET A 1 4.10 -20.65 8.37
CA MET A 1 5.26 -20.29 7.51
C MET A 1 5.08 -18.86 6.99
N SER A 2 3.86 -18.53 6.57
CA SER A 2 3.56 -17.20 6.05
C SER A 2 2.09 -16.85 6.26
N SER A 3 1.78 -15.56 6.17
CA SER A 3 0.41 -15.07 6.35
C SER A 3 -0.50 -15.61 5.24
N GLU A 4 0.06 -15.71 4.04
CA GLU A 4 -0.69 -16.17 2.85
C GLU A 4 -1.79 -15.16 2.50
N GLU A 5 -1.56 -13.90 2.87
CA GLU A 5 -2.51 -12.82 2.60
C GLU A 5 -1.85 -11.76 1.71
N GLY A 6 -0.53 -11.59 1.86
CA GLY A 6 0.23 -10.62 1.08
C GLY A 6 -0.08 -9.17 1.47
N LYS A 7 -0.56 -8.98 2.70
CA LYS A 7 -0.90 -7.64 3.18
C LYS A 7 0.35 -6.85 3.57
N LEU A 8 0.46 -5.65 2.99
CA LEU A 8 1.57 -4.75 3.28
C LEU A 8 1.04 -3.54 4.04
N PHE A 9 1.88 -2.98 4.91
CA PHE A 9 1.48 -1.81 5.70
C PHE A 9 2.12 -0.54 5.13
N VAL A 10 1.31 0.37 4.59
CA VAL A 10 1.85 1.61 4.01
C VAL A 10 1.68 2.77 5.00
N GLY A 11 2.75 3.56 5.15
CA GLY A 11 2.72 4.71 6.06
C GLY A 11 3.17 5.98 5.35
N GLY A 12 2.77 7.13 5.91
CA GLY A 12 3.12 8.42 5.31
C GLY A 12 2.42 8.59 3.95
N LEU A 13 1.19 8.09 3.86
CA LEU A 13 0.43 8.15 2.62
C LEU A 13 0.15 9.58 2.20
N ASN A 14 0.30 9.84 0.90
CA ASN A 14 0.05 11.16 0.33
C ASN A 14 -1.41 11.51 0.54
N PHE A 15 -1.69 12.80 0.70
CA PHE A 15 -3.06 13.27 0.93
C PHE A 15 -3.99 12.80 -0.20
N ASN A 16 -3.47 12.73 -1.42
CA ASN A 16 -4.26 12.30 -2.57
C ASN A 16 -4.18 10.78 -2.79
N THR A 17 -3.57 10.06 -1.85
CA THR A 17 -3.47 8.60 -1.93
C THR A 17 -4.85 8.01 -1.76
N ASP A 18 -5.21 7.10 -2.68
CA ASP A 18 -6.49 6.45 -2.62
C ASP A 18 -6.34 4.97 -2.90
N GLU A 19 -7.44 4.24 -2.76
CA GLU A 19 -7.42 2.81 -3.01
C GLU A 19 -6.99 2.56 -4.45
N GLN A 20 -7.49 3.38 -5.36
CA GLN A 20 -7.14 3.29 -6.77
C GLN A 20 -5.72 3.74 -7.02
N ALA A 21 -5.30 4.82 -6.36
CA ALA A 21 -3.94 5.34 -6.54
C ALA A 21 -2.95 4.28 -6.08
N LEU A 22 -3.21 3.73 -4.89
CA LEU A 22 -2.36 2.69 -4.33
C LEU A 22 -2.43 1.41 -5.16
N GLU A 23 -3.65 1.02 -5.52
CA GLU A 23 -3.85 -0.19 -6.30
C GLU A 23 -3.12 -0.11 -7.63
N ASP A 24 -3.23 1.04 -8.31
CA ASP A 24 -2.59 1.21 -9.62
C ASP A 24 -1.07 1.07 -9.57
N HIS A 25 -0.42 1.83 -8.67
CA HIS A 25 1.05 1.79 -8.57
C HIS A 25 1.56 0.44 -8.05
N PHE A 26 0.90 -0.08 -7.03
CA PHE A 26 1.29 -1.37 -6.45
C PHE A 26 0.97 -2.52 -7.41
N SER A 27 -0.09 -2.36 -8.22
CA SER A 27 -0.46 -3.37 -9.21
C SER A 27 0.68 -3.52 -10.19
N SER A 28 1.24 -2.37 -10.58
CA SER A 28 2.34 -2.34 -11.51
C SER A 28 3.52 -3.12 -10.93
N PHE A 29 3.77 -2.93 -9.63
CA PHE A 29 4.87 -3.63 -8.95
C PHE A 29 4.56 -5.13 -8.79
N GLY A 30 3.29 -5.46 -8.52
CA GLY A 30 2.87 -6.86 -8.34
C GLY A 30 1.34 -7.00 -8.17
N PRO A 31 0.80 -8.23 -8.18
CA PRO A 31 -0.69 -8.47 -8.04
C PRO A 31 -1.30 -7.83 -6.78
N ILE A 32 -2.51 -7.29 -6.92
CA ILE A 32 -3.22 -6.67 -5.78
C ILE A 32 -4.52 -7.43 -5.47
N SER A 33 -4.53 -8.16 -4.34
CA SER A 33 -5.72 -8.88 -3.93
C SER A 33 -6.83 -7.91 -3.54
N GLU A 34 -6.45 -6.88 -2.77
CA GLU A 34 -7.39 -5.87 -2.31
C GLU A 34 -6.64 -4.61 -1.91
N VAL A 35 -7.36 -3.50 -1.74
CA VAL A 35 -6.74 -2.23 -1.36
C VAL A 35 -7.67 -1.41 -0.46
N VAL A 36 -7.09 -0.81 0.58
CA VAL A 36 -7.84 -0.01 1.54
C VAL A 36 -7.00 1.20 1.97
N VAL A 37 -7.62 2.38 2.01
CA VAL A 37 -6.92 3.61 2.42
C VAL A 37 -7.70 4.32 3.52
N VAL A 38 -7.02 4.67 4.60
CA VAL A 38 -7.66 5.38 5.70
C VAL A 38 -7.71 6.86 5.37
N LYS A 39 -8.90 7.36 5.09
CA LYS A 39 -9.09 8.77 4.73
C LYS A 39 -9.85 9.51 5.82
N ASP A 40 -9.77 10.84 5.76
CA ASP A 40 -10.45 11.70 6.69
C ASP A 40 -11.94 11.65 6.40
N ARG A 41 -12.76 11.53 7.43
CA ARG A 41 -14.22 11.47 7.23
C ARG A 41 -14.81 12.88 7.03
N GLU A 42 -14.02 13.91 7.32
CA GLU A 42 -14.48 15.30 7.16
C GLU A 42 -13.87 15.94 5.91
N THR A 43 -12.70 15.45 5.49
CA THR A 43 -12.01 15.97 4.31
C THR A 43 -11.99 14.94 3.17
N GLN A 44 -12.22 13.67 3.53
CA GLN A 44 -12.17 12.58 2.57
C GLN A 44 -10.77 12.55 1.94
N ARG A 45 -9.78 12.93 2.77
CA ARG A 45 -8.39 12.99 2.37
C ARG A 45 -7.56 12.00 3.16
N SER A 46 -6.62 11.38 2.46
CA SER A 46 -5.72 10.40 3.08
C SER A 46 -5.11 10.98 4.36
N ARG A 47 -5.05 10.15 5.38
CA ARG A 47 -4.53 10.55 6.69
C ARG A 47 -3.07 10.14 6.90
N GLY A 48 -2.42 9.66 5.84
CA GLY A 48 -1.02 9.22 5.94
C GLY A 48 -0.90 7.73 6.28
N PHE A 49 -2.03 7.02 6.29
CA PHE A 49 -2.02 5.59 6.59
C PHE A 49 -2.96 4.84 5.65
N GLY A 50 -2.53 3.66 5.19
CA GLY A 50 -3.34 2.85 4.30
C GLY A 50 -2.90 1.39 4.34
N PHE A 51 -3.79 0.50 3.91
CA PHE A 51 -3.51 -0.93 3.88
C PHE A 51 -3.72 -1.46 2.46
N ILE A 52 -2.89 -2.41 2.05
CA ILE A 52 -2.98 -2.98 0.71
C ILE A 52 -2.77 -4.50 0.77
N THR A 53 -3.70 -5.26 0.18
CA THR A 53 -3.61 -6.72 0.21
C THR A 53 -3.18 -7.27 -1.15
N PHE A 54 -2.18 -8.14 -1.11
CA PHE A 54 -1.65 -8.78 -2.33
C PHE A 54 -2.20 -10.18 -2.51
N THR A 55 -2.05 -10.68 -3.73
CA THR A 55 -2.52 -12.01 -4.07
C THR A 55 -1.82 -13.03 -3.17
N ASN A 56 -0.50 -12.93 -3.09
CA ASN A 56 0.29 -13.82 -2.26
C ASN A 56 1.47 -13.08 -1.59
N PRO A 57 1.94 -13.52 -0.42
CA PRO A 57 3.09 -12.88 0.29
C PRO A 57 4.25 -12.55 -0.64
N GLU A 58 4.42 -13.37 -1.67
CA GLU A 58 5.49 -13.15 -2.65
C GLU A 58 5.27 -11.85 -3.41
N HIS A 59 4.00 -11.59 -3.74
CA HIS A 59 3.64 -10.39 -4.47
C HIS A 59 3.77 -9.17 -3.56
N ALA A 60 3.36 -9.36 -2.31
CA ALA A 60 3.47 -8.34 -1.30
C ALA A 60 4.94 -7.97 -1.12
N SER A 61 5.78 -9.01 -1.10
CA SER A 61 7.21 -8.83 -0.92
C SER A 61 7.82 -7.93 -2.00
N VAL A 62 7.42 -8.14 -3.26
CA VAL A 62 7.97 -7.34 -4.35
C VAL A 62 7.61 -5.87 -4.17
N ALA A 63 6.35 -5.60 -3.82
CA ALA A 63 5.90 -4.22 -3.68
C ALA A 63 6.70 -3.46 -2.64
N MET A 64 6.85 -4.02 -1.43
CA MET A 64 7.64 -3.31 -0.42
C MET A 64 9.08 -3.16 -0.86
N ARG A 65 9.60 -4.16 -1.58
CA ARG A 65 10.97 -4.07 -2.07
C ARG A 65 11.11 -2.89 -3.03
N ALA A 66 10.09 -2.70 -3.88
CA ALA A 66 10.11 -1.61 -4.87
C ALA A 66 9.49 -0.31 -4.36
N MET A 67 8.87 -0.29 -3.17
CA MET A 67 8.21 0.94 -2.68
C MET A 67 8.66 1.41 -1.28
N ASN A 68 9.27 0.54 -0.46
CA ASN A 68 9.69 0.96 0.89
C ASN A 68 10.45 2.28 0.90
N GLY A 69 9.78 3.31 1.44
CA GLY A 69 10.38 4.64 1.52
C GLY A 69 10.51 5.29 0.15
N GLU A 70 9.63 4.91 -0.78
CA GLU A 70 9.67 5.43 -2.14
C GLU A 70 8.51 6.37 -2.45
N SER A 71 8.84 7.42 -3.19
CA SER A 71 7.89 8.46 -3.57
C SER A 71 6.65 7.91 -4.25
N LEU A 72 5.57 7.92 -3.48
CA LEU A 72 4.26 7.52 -3.99
C LEU A 72 3.50 8.83 -4.18
N ASP A 73 3.15 9.13 -5.42
CA ASP A 73 2.47 10.40 -5.73
C ASP A 73 3.35 11.58 -5.27
N GLY A 74 4.67 11.38 -5.36
CA GLY A 74 5.65 12.42 -4.99
C GLY A 74 5.89 12.51 -3.47
N ARG A 75 5.46 11.50 -2.72
CA ARG A 75 5.68 11.48 -1.27
C ARG A 75 6.06 10.08 -0.86
N GLN A 76 7.26 9.94 -0.29
CA GLN A 76 7.75 8.62 0.10
C GLN A 76 6.86 7.99 1.17
N ILE A 77 6.57 6.72 0.94
CA ILE A 77 5.76 5.92 1.87
C ILE A 77 6.52 4.69 2.26
N ARG A 78 6.30 4.21 3.48
CA ARG A 78 7.01 3.05 3.98
C ARG A 78 6.10 1.83 3.96
N VAL A 79 6.52 0.83 3.20
CA VAL A 79 5.75 -0.40 3.05
C VAL A 79 6.36 -1.50 3.93
N ASP A 80 5.70 -1.77 5.06
CA ASP A 80 6.14 -2.81 5.98
C ASP A 80 5.22 -3.98 5.82
N HIS A 81 5.75 -5.07 5.26
CA HIS A 81 4.94 -6.24 4.99
C HIS A 81 4.31 -6.84 6.23
N ALA A 82 2.96 -6.82 6.24
CA ALA A 82 2.20 -7.41 7.34
C ALA A 82 2.46 -8.92 7.40
N GLY A 83 2.54 -9.55 6.22
CA GLY A 83 2.75 -11.00 6.13
C GLY A 83 4.12 -11.35 5.53
N LYS A 84 4.17 -11.44 4.19
CA LYS A 84 5.41 -11.79 3.47
C LYS A 84 5.82 -13.22 3.83
N MET A 1 4.53 -14.09 8.79
CA MET A 1 5.23 -15.25 8.19
C MET A 1 4.21 -16.27 7.70
N SER A 2 4.30 -16.61 6.41
CA SER A 2 3.37 -17.57 5.80
C SER A 2 1.92 -17.14 6.03
N SER A 3 1.68 -15.82 5.98
CA SER A 3 0.35 -15.27 6.16
C SER A 3 -0.59 -15.70 5.03
N GLU A 4 -0.03 -15.79 3.81
CA GLU A 4 -0.79 -16.16 2.62
C GLU A 4 -1.86 -15.09 2.33
N GLU A 5 -1.61 -13.87 2.79
CA GLU A 5 -2.51 -12.74 2.57
C GLU A 5 -1.83 -11.68 1.70
N GLY A 6 -0.50 -11.56 1.84
CA GLY A 6 0.26 -10.59 1.07
C GLY A 6 -0.03 -9.15 1.50
N LYS A 7 -0.50 -8.96 2.73
CA LYS A 7 -0.83 -7.63 3.24
C LYS A 7 0.43 -6.86 3.64
N LEU A 8 0.56 -5.66 3.08
CA LEU A 8 1.69 -4.78 3.38
C LEU A 8 1.17 -3.58 4.16
N PHE A 9 2.02 -3.02 5.03
CA PHE A 9 1.63 -1.85 5.82
C PHE A 9 2.29 -0.60 5.25
N VAL A 10 1.47 0.33 4.73
CA VAL A 10 2.01 1.56 4.12
C VAL A 10 1.85 2.74 5.08
N GLY A 11 2.92 3.53 5.23
CA GLY A 11 2.90 4.70 6.10
C GLY A 11 3.33 5.95 5.33
N GLY A 12 2.95 7.11 5.86
CA GLY A 12 3.28 8.38 5.20
C GLY A 12 2.54 8.51 3.88
N LEU A 13 1.31 8.00 3.83
CA LEU A 13 0.50 8.03 2.61
C LEU A 13 0.25 9.47 2.17
N ASN A 14 0.41 9.70 0.87
CA ASN A 14 0.20 11.03 0.31
C ASN A 14 -1.24 11.46 0.57
N PHE A 15 -1.45 12.77 0.61
CA PHE A 15 -2.78 13.32 0.89
C PHE A 15 -3.79 12.84 -0.16
N ASN A 16 -3.34 12.70 -1.41
CA ASN A 16 -4.22 12.28 -2.50
C ASN A 16 -4.12 10.77 -2.79
N THR A 17 -3.62 9.98 -1.84
CA THR A 17 -3.52 8.53 -2.04
C THR A 17 -4.80 7.87 -1.54
N ASP A 18 -5.44 7.11 -2.43
CA ASP A 18 -6.68 6.42 -2.10
C ASP A 18 -6.58 4.96 -2.52
N GLU A 19 -7.72 4.25 -2.48
CA GLU A 19 -7.74 2.84 -2.86
C GLU A 19 -7.27 2.67 -4.29
N GLN A 20 -7.73 3.57 -5.17
CA GLN A 20 -7.36 3.53 -6.57
C GLN A 20 -5.91 3.92 -6.79
N ALA A 21 -5.44 4.94 -6.07
CA ALA A 21 -4.05 5.39 -6.21
C ALA A 21 -3.13 4.31 -5.69
N LEU A 22 -3.50 3.74 -4.54
CA LEU A 22 -2.73 2.68 -3.92
C LEU A 22 -2.72 1.45 -4.81
N GLU A 23 -3.91 1.09 -5.29
CA GLU A 23 -4.07 -0.08 -6.14
C GLU A 23 -3.30 0.07 -7.46
N ASP A 24 -3.42 1.24 -8.09
CA ASP A 24 -2.76 1.46 -9.39
C ASP A 24 -1.23 1.34 -9.35
N HIS A 25 -0.58 2.02 -8.40
CA HIS A 25 0.89 1.98 -8.31
C HIS A 25 1.41 0.61 -7.89
N PHE A 26 0.77 0.04 -6.86
CA PHE A 26 1.17 -1.26 -6.34
C PHE A 26 0.81 -2.38 -7.33
N SER A 27 -0.27 -2.18 -8.11
CA SER A 27 -0.66 -3.16 -9.12
C SER A 27 0.44 -3.29 -10.13
N SER A 28 0.99 -2.13 -10.51
CA SER A 28 2.07 -2.08 -11.47
C SER A 28 3.26 -2.87 -10.95
N PHE A 29 3.56 -2.72 -9.65
CA PHE A 29 4.67 -3.44 -9.03
C PHE A 29 4.37 -4.94 -8.87
N GLY A 30 3.10 -5.27 -8.58
CA GLY A 30 2.69 -6.68 -8.40
C GLY A 30 1.17 -6.84 -8.21
N PRO A 31 0.64 -8.07 -8.19
CA PRO A 31 -0.84 -8.32 -8.01
C PRO A 31 -1.43 -7.69 -6.74
N ILE A 32 -2.64 -7.13 -6.86
CA ILE A 32 -3.33 -6.52 -5.69
C ILE A 32 -4.62 -7.29 -5.36
N SER A 33 -4.63 -7.96 -4.20
CA SER A 33 -5.82 -8.69 -3.76
C SER A 33 -6.93 -7.73 -3.35
N GLU A 34 -6.60 -6.75 -2.50
CA GLU A 34 -7.59 -5.77 -2.04
C GLU A 34 -6.94 -4.63 -1.25
N VAL A 35 -7.25 -3.39 -1.62
CA VAL A 35 -6.66 -2.23 -0.95
C VAL A 35 -7.62 -1.61 0.07
N VAL A 36 -7.05 -1.02 1.11
CA VAL A 36 -7.84 -0.37 2.16
C VAL A 36 -7.09 0.87 2.69
N VAL A 37 -7.21 2.00 1.99
CA VAL A 37 -6.55 3.25 2.40
C VAL A 37 -7.42 3.98 3.42
N VAL A 38 -6.79 4.43 4.51
CA VAL A 38 -7.51 5.18 5.53
C VAL A 38 -7.64 6.63 5.03
N LYS A 39 -8.88 7.04 4.78
CA LYS A 39 -9.14 8.39 4.27
C LYS A 39 -10.17 9.10 5.14
N ASP A 40 -9.98 10.42 5.30
CA ASP A 40 -10.88 11.22 6.09
C ASP A 40 -12.24 11.25 5.40
N ARG A 41 -13.29 10.97 6.14
CA ARG A 41 -14.65 10.97 5.58
C ARG A 41 -15.22 12.39 5.52
N GLU A 42 -14.59 13.33 6.22
CA GLU A 42 -15.02 14.73 6.24
C GLU A 42 -14.12 15.59 5.34
N THR A 43 -12.88 15.14 5.15
CA THR A 43 -11.92 15.86 4.30
C THR A 43 -11.67 15.10 3.00
N GLN A 44 -12.05 13.82 2.98
CA GLN A 44 -11.84 12.97 1.81
C GLN A 44 -10.36 12.98 1.43
N ARG A 45 -9.52 13.08 2.47
CA ARG A 45 -8.08 13.13 2.32
C ARG A 45 -7.41 12.06 3.19
N SER A 46 -6.43 11.38 2.61
CA SER A 46 -5.70 10.33 3.30
C SER A 46 -5.14 10.85 4.62
N ARG A 47 -5.04 9.95 5.59
CA ARG A 47 -4.55 10.29 6.92
C ARG A 47 -3.06 9.97 7.10
N GLY A 48 -2.35 9.76 5.99
CA GLY A 48 -0.93 9.40 6.05
C GLY A 48 -0.72 7.91 6.32
N PHE A 49 -1.82 7.14 6.40
CA PHE A 49 -1.76 5.71 6.63
C PHE A 49 -2.75 4.98 5.73
N GLY A 50 -2.36 3.79 5.28
CA GLY A 50 -3.21 2.99 4.41
C GLY A 50 -2.83 1.52 4.49
N PHE A 51 -3.68 0.66 3.95
CA PHE A 51 -3.43 -0.78 3.97
C PHE A 51 -3.60 -1.33 2.57
N ILE A 52 -2.85 -2.37 2.24
CA ILE A 52 -2.92 -2.97 0.91
C ILE A 52 -2.79 -4.49 1.02
N THR A 53 -3.64 -5.23 0.30
CA THR A 53 -3.61 -6.69 0.34
C THR A 53 -3.21 -7.23 -1.03
N PHE A 54 -2.21 -8.10 -1.04
CA PHE A 54 -1.71 -8.71 -2.27
C PHE A 54 -2.25 -10.10 -2.47
N THR A 55 -2.12 -10.58 -3.70
CA THR A 55 -2.58 -11.91 -4.07
C THR A 55 -1.83 -12.94 -3.22
N ASN A 56 -0.52 -12.79 -3.16
CA ASN A 56 0.32 -13.71 -2.39
C ASN A 56 1.48 -12.97 -1.69
N PRO A 57 1.97 -13.46 -0.55
CA PRO A 57 3.11 -12.82 0.18
C PRO A 57 4.26 -12.44 -0.75
N GLU A 58 4.46 -13.27 -1.79
CA GLU A 58 5.52 -13.01 -2.77
C GLU A 58 5.26 -11.70 -3.50
N HIS A 59 3.99 -11.46 -3.81
CA HIS A 59 3.57 -10.26 -4.51
C HIS A 59 3.71 -9.07 -3.58
N ALA A 60 3.35 -9.29 -2.31
CA ALA A 60 3.48 -8.26 -1.29
C ALA A 60 4.95 -7.87 -1.16
N SER A 61 5.82 -8.88 -1.20
CA SER A 61 7.26 -8.68 -1.07
C SER A 61 7.79 -7.77 -2.17
N VAL A 62 7.30 -7.94 -3.40
CA VAL A 62 7.77 -7.12 -4.52
C VAL A 62 7.41 -5.66 -4.28
N ALA A 63 6.17 -5.41 -3.84
CA ALA A 63 5.72 -4.04 -3.64
C ALA A 63 6.60 -3.31 -2.64
N MET A 64 6.84 -3.92 -1.47
CA MET A 64 7.73 -3.26 -0.49
C MET A 64 9.13 -3.14 -1.05
N ARG A 65 9.55 -4.12 -1.85
CA ARG A 65 10.87 -4.10 -2.44
C ARG A 65 11.01 -2.87 -3.33
N ALA A 66 9.99 -2.60 -4.14
CA ALA A 66 10.01 -1.47 -5.06
C ALA A 66 9.40 -0.17 -4.50
N MET A 67 8.76 -0.22 -3.31
CA MET A 67 8.11 1.00 -2.78
C MET A 67 8.57 1.40 -1.36
N ASN A 68 9.14 0.48 -0.57
CA ASN A 68 9.55 0.85 0.80
C ASN A 68 10.49 2.06 0.79
N GLY A 69 9.99 3.14 1.39
CA GLY A 69 10.72 4.38 1.47
C GLY A 69 10.83 5.07 0.11
N GLU A 70 9.85 4.80 -0.77
CA GLU A 70 9.87 5.38 -2.13
C GLU A 70 8.70 6.32 -2.38
N SER A 71 9.00 7.36 -3.15
CA SER A 71 8.05 8.41 -3.51
C SER A 71 6.80 7.87 -4.17
N LEU A 72 5.73 7.85 -3.41
CA LEU A 72 4.42 7.46 -3.91
C LEU A 72 3.64 8.76 -4.07
N ASP A 73 3.25 9.07 -5.30
CA ASP A 73 2.56 10.33 -5.57
C ASP A 73 3.45 11.52 -5.14
N GLY A 74 4.77 11.31 -5.25
CA GLY A 74 5.76 12.34 -4.91
C GLY A 74 6.03 12.45 -3.40
N ARG A 75 5.61 11.45 -2.63
CA ARG A 75 5.85 11.44 -1.18
C ARG A 75 6.24 10.04 -0.77
N GLN A 76 7.45 9.90 -0.21
CA GLN A 76 7.93 8.57 0.16
C GLN A 76 7.06 7.93 1.23
N ILE A 77 6.77 6.66 0.99
CA ILE A 77 5.96 5.85 1.89
C ILE A 77 6.74 4.62 2.29
N ARG A 78 6.49 4.13 3.51
CA ARG A 78 7.21 2.95 4.00
C ARG A 78 6.29 1.75 4.00
N VAL A 79 6.70 0.73 3.24
CA VAL A 79 5.93 -0.48 3.11
C VAL A 79 6.54 -1.59 3.99
N ASP A 80 5.87 -1.90 5.09
CA ASP A 80 6.30 -2.95 6.01
C ASP A 80 5.34 -4.11 5.86
N HIS A 81 5.86 -5.21 5.33
CA HIS A 81 5.03 -6.36 5.07
C HIS A 81 4.36 -6.95 6.30
N ALA A 82 3.03 -6.88 6.30
CA ALA A 82 2.25 -7.46 7.38
C ALA A 82 2.41 -8.99 7.39
N GLY A 83 2.45 -9.58 6.18
CA GLY A 83 2.59 -11.03 6.04
C GLY A 83 3.96 -11.44 5.50
N LYS A 84 4.11 -11.48 4.17
CA LYS A 84 5.37 -11.90 3.53
C LYS A 84 5.68 -13.35 3.88
N MET A 1 6.71 -16.17 4.53
CA MET A 1 5.33 -16.58 4.14
C MET A 1 4.53 -16.94 5.40
N SER A 2 4.33 -15.95 6.26
CA SER A 2 3.59 -16.15 7.51
C SER A 2 2.16 -16.60 7.21
N SER A 3 1.52 -15.92 6.26
CA SER A 3 0.15 -16.24 5.87
C SER A 3 -0.10 -15.82 4.43
N GLU A 4 -0.93 -16.58 3.72
CA GLU A 4 -1.23 -16.28 2.32
C GLU A 4 -2.21 -15.09 2.23
N GLU A 5 -1.73 -13.92 2.64
CA GLU A 5 -2.56 -12.70 2.61
C GLU A 5 -1.90 -11.64 1.73
N GLY A 6 -0.57 -11.54 1.82
CA GLY A 6 0.18 -10.56 1.02
C GLY A 6 -0.10 -9.12 1.47
N LYS A 7 -0.52 -8.97 2.73
CA LYS A 7 -0.83 -7.64 3.28
C LYS A 7 0.43 -6.88 3.65
N LEU A 8 0.52 -5.65 3.13
CA LEU A 8 1.65 -4.77 3.42
C LEU A 8 1.13 -3.56 4.20
N PHE A 9 1.96 -3.00 5.06
CA PHE A 9 1.57 -1.82 5.85
C PHE A 9 2.23 -0.57 5.27
N VAL A 10 1.43 0.32 4.68
CA VAL A 10 1.97 1.53 4.07
C VAL A 10 1.79 2.73 5.02
N GLY A 11 2.87 3.50 5.18
CA GLY A 11 2.84 4.69 6.04
C GLY A 11 3.27 5.93 5.27
N GLY A 12 2.91 7.10 5.80
CA GLY A 12 3.23 8.37 5.15
C GLY A 12 2.46 8.51 3.84
N LEU A 13 1.25 7.98 3.81
CA LEU A 13 0.40 8.01 2.61
C LEU A 13 0.13 9.45 2.19
N ASN A 14 0.38 9.75 0.91
CA ASN A 14 0.14 11.10 0.40
C ASN A 14 -1.32 11.45 0.59
N PHE A 15 -1.58 12.74 0.78
CA PHE A 15 -2.94 13.22 1.00
C PHE A 15 -3.86 12.83 -0.15
N ASN A 16 -3.28 12.67 -1.36
CA ASN A 16 -4.08 12.31 -2.54
C ASN A 16 -4.00 10.81 -2.86
N THR A 17 -3.40 10.00 -1.96
CA THR A 17 -3.30 8.55 -2.20
C THR A 17 -4.54 7.88 -1.62
N ASP A 18 -5.25 7.14 -2.47
CA ASP A 18 -6.45 6.44 -2.05
C ASP A 18 -6.39 4.97 -2.49
N GLU A 19 -7.53 4.28 -2.48
CA GLU A 19 -7.57 2.88 -2.86
C GLU A 19 -7.09 2.71 -4.30
N GLN A 20 -7.53 3.60 -5.18
CA GLN A 20 -7.15 3.55 -6.57
C GLN A 20 -5.68 3.93 -6.79
N ALA A 21 -5.22 4.96 -6.06
CA ALA A 21 -3.83 5.38 -6.19
C ALA A 21 -2.92 4.30 -5.65
N LEU A 22 -3.32 3.75 -4.51
CA LEU A 22 -2.57 2.67 -3.86
C LEU A 22 -2.54 1.45 -4.76
N GLU A 23 -3.73 1.10 -5.27
CA GLU A 23 -3.87 -0.06 -6.13
C GLU A 23 -3.09 0.10 -7.43
N ASP A 24 -3.19 1.27 -8.06
CA ASP A 24 -2.51 1.50 -9.35
C ASP A 24 -0.99 1.34 -9.31
N HIS A 25 -0.32 2.00 -8.36
CA HIS A 25 1.14 1.94 -8.27
C HIS A 25 1.63 0.56 -7.84
N PHE A 26 0.97 0.02 -6.82
CA PHE A 26 1.34 -1.29 -6.30
C PHE A 26 0.95 -2.39 -7.30
N SER A 27 -0.11 -2.16 -8.08
CA SER A 27 -0.53 -3.14 -9.11
C SER A 27 0.60 -3.30 -10.11
N SER A 28 1.19 -2.16 -10.47
CA SER A 28 2.29 -2.15 -11.40
C SER A 28 3.44 -3.00 -10.87
N PHE A 29 3.71 -2.87 -9.56
CA PHE A 29 4.79 -3.63 -8.93
C PHE A 29 4.42 -5.12 -8.79
N GLY A 30 3.12 -5.41 -8.55
CA GLY A 30 2.66 -6.80 -8.39
C GLY A 30 1.13 -6.87 -8.36
N PRO A 31 0.51 -8.06 -8.36
CA PRO A 31 -0.99 -8.19 -8.34
C PRO A 31 -1.58 -7.73 -7.00
N ILE A 32 -2.77 -7.13 -7.06
CA ILE A 32 -3.44 -6.61 -5.84
C ILE A 32 -4.71 -7.38 -5.48
N SER A 33 -4.74 -7.93 -4.26
CA SER A 33 -5.92 -8.66 -3.78
C SER A 33 -7.03 -7.68 -3.36
N GLU A 34 -6.72 -6.76 -2.43
CA GLU A 34 -7.71 -5.78 -1.94
C GLU A 34 -7.02 -4.64 -1.20
N VAL A 35 -7.32 -3.39 -1.60
CA VAL A 35 -6.70 -2.23 -0.94
C VAL A 35 -7.66 -1.56 0.04
N VAL A 36 -7.08 -0.98 1.10
CA VAL A 36 -7.87 -0.30 2.12
C VAL A 36 -7.09 0.91 2.67
N VAL A 37 -7.24 2.07 2.02
CA VAL A 37 -6.56 3.30 2.46
C VAL A 37 -7.41 4.03 3.49
N VAL A 38 -6.79 4.44 4.59
CA VAL A 38 -7.50 5.17 5.64
C VAL A 38 -7.61 6.63 5.19
N LYS A 39 -8.81 6.99 4.72
CA LYS A 39 -9.08 8.33 4.23
C LYS A 39 -10.09 9.03 5.15
N ASP A 40 -9.89 10.33 5.35
CA ASP A 40 -10.79 11.11 6.18
C ASP A 40 -12.17 11.12 5.53
N ARG A 41 -13.20 10.81 6.29
CA ARG A 41 -14.57 10.79 5.75
C ARG A 41 -15.18 12.20 5.75
N GLU A 42 -14.54 13.14 6.46
CA GLU A 42 -15.01 14.52 6.53
C GLU A 42 -14.16 15.42 5.62
N THR A 43 -12.91 15.01 5.38
CA THR A 43 -12.00 15.77 4.53
C THR A 43 -11.78 15.04 3.19
N GLN A 44 -12.14 13.75 3.16
CA GLN A 44 -11.94 12.92 1.97
C GLN A 44 -10.48 12.98 1.53
N ARG A 45 -9.60 13.08 2.54
CA ARG A 45 -8.17 13.17 2.34
C ARG A 45 -7.45 12.11 3.17
N SER A 46 -6.46 11.47 2.56
CA SER A 46 -5.68 10.42 3.23
C SER A 46 -5.10 10.96 4.54
N ARG A 47 -5.05 10.09 5.54
CA ARG A 47 -4.57 10.47 6.86
C ARG A 47 -3.09 10.10 7.09
N GLY A 48 -2.35 9.86 6.01
CA GLY A 48 -0.94 9.49 6.12
C GLY A 48 -0.74 7.99 6.33
N PHE A 49 -1.84 7.22 6.33
CA PHE A 49 -1.78 5.77 6.52
C PHE A 49 -2.73 5.07 5.55
N GLY A 50 -2.35 3.86 5.14
CA GLY A 50 -3.16 3.08 4.22
C GLY A 50 -2.80 1.60 4.34
N PHE A 51 -3.67 0.75 3.80
CA PHE A 51 -3.45 -0.70 3.84
C PHE A 51 -3.60 -1.27 2.45
N ILE A 52 -2.87 -2.35 2.17
CA ILE A 52 -2.94 -2.97 0.85
C ILE A 52 -2.83 -4.49 0.98
N THR A 53 -3.72 -5.22 0.30
CA THR A 53 -3.70 -6.68 0.35
C THR A 53 -3.32 -7.23 -1.01
N PHE A 54 -2.31 -8.10 -1.03
CA PHE A 54 -1.83 -8.71 -2.27
C PHE A 54 -2.36 -10.11 -2.44
N THR A 55 -2.22 -10.61 -3.66
CA THR A 55 -2.67 -11.93 -4.01
C THR A 55 -1.92 -12.96 -3.14
N ASN A 56 -0.61 -12.79 -3.07
CA ASN A 56 0.23 -13.69 -2.29
C ASN A 56 1.42 -12.94 -1.66
N PRO A 57 1.93 -13.39 -0.51
CA PRO A 57 3.10 -12.75 0.17
C PRO A 57 4.24 -12.41 -0.79
N GLU A 58 4.36 -13.21 -1.85
CA GLU A 58 5.40 -12.99 -2.85
C GLU A 58 5.16 -11.66 -3.55
N HIS A 59 3.90 -11.38 -3.86
CA HIS A 59 3.52 -10.16 -4.54
C HIS A 59 3.66 -8.98 -3.60
N ALA A 60 3.28 -9.21 -2.33
CA ALA A 60 3.41 -8.20 -1.30
C ALA A 60 4.89 -7.83 -1.15
N SER A 61 5.75 -8.86 -1.21
CA SER A 61 7.18 -8.67 -1.08
C SER A 61 7.71 -7.74 -2.16
N VAL A 62 7.22 -7.90 -3.40
CA VAL A 62 7.68 -7.06 -4.50
C VAL A 62 7.31 -5.60 -4.25
N ALA A 63 6.06 -5.37 -3.81
CA ALA A 63 5.60 -4.01 -3.59
C ALA A 63 6.46 -3.28 -2.58
N MET A 64 6.69 -3.89 -1.41
CA MET A 64 7.54 -3.23 -0.42
C MET A 64 8.99 -3.18 -0.90
N ARG A 65 9.40 -4.20 -1.65
CA ARG A 65 10.76 -4.25 -2.16
C ARG A 65 10.99 -3.03 -3.07
N ALA A 66 10.01 -2.75 -3.93
CA ALA A 66 10.11 -1.63 -4.87
C ALA A 66 9.52 -0.31 -4.34
N MET A 67 8.87 -0.32 -3.16
CA MET A 67 8.23 0.92 -2.65
C MET A 67 8.68 1.36 -1.25
N ASN A 68 9.29 0.48 -0.44
CA ASN A 68 9.72 0.88 0.92
C ASN A 68 10.50 2.19 0.91
N GLY A 69 9.86 3.25 1.43
CA GLY A 69 10.48 4.56 1.51
C GLY A 69 10.61 5.21 0.13
N GLU A 70 9.72 4.85 -0.78
CA GLU A 70 9.76 5.36 -2.16
C GLU A 70 8.60 6.30 -2.47
N SER A 71 8.94 7.35 -3.22
CA SER A 71 8.00 8.38 -3.62
C SER A 71 6.76 7.83 -4.30
N LEU A 72 5.67 7.83 -3.55
CA LEU A 72 4.38 7.42 -4.08
C LEU A 72 3.60 8.71 -4.28
N ASP A 73 3.25 9.00 -5.53
CA ASP A 73 2.56 10.25 -5.85
C ASP A 73 3.42 11.44 -5.40
N GLY A 74 4.74 11.27 -5.45
CA GLY A 74 5.70 12.32 -5.08
C GLY A 74 5.95 12.42 -3.56
N ARG A 75 5.52 11.41 -2.81
CA ARG A 75 5.73 11.40 -1.35
C ARG A 75 6.13 10.01 -0.93
N GLN A 76 7.33 9.88 -0.35
CA GLN A 76 7.82 8.58 0.06
C GLN A 76 6.94 7.94 1.11
N ILE A 77 6.66 6.66 0.91
CA ILE A 77 5.83 5.87 1.81
C ILE A 77 6.60 4.65 2.25
N ARG A 78 6.38 4.22 3.49
CA ARG A 78 7.08 3.07 4.03
C ARG A 78 6.17 1.86 4.03
N VAL A 79 6.57 0.85 3.27
CA VAL A 79 5.78 -0.37 3.13
C VAL A 79 6.42 -1.48 3.97
N ASP A 80 5.78 -1.81 5.11
CA ASP A 80 6.26 -2.87 5.99
C ASP A 80 5.33 -4.05 5.82
N HIS A 81 5.86 -5.10 5.22
CA HIS A 81 5.07 -6.28 4.94
C HIS A 81 4.48 -6.95 6.18
N ALA A 82 3.15 -6.96 6.23
CA ALA A 82 2.44 -7.58 7.34
C ALA A 82 2.69 -9.09 7.35
N GLY A 83 2.73 -9.70 6.16
CA GLY A 83 2.95 -11.14 6.03
C GLY A 83 4.31 -11.46 5.40
N LYS A 84 4.36 -11.46 4.05
CA LYS A 84 5.58 -11.79 3.31
C LYS A 84 5.98 -13.24 3.58
N MET A 1 2.19 -13.90 12.99
CA MET A 1 3.49 -13.30 12.56
C MET A 1 3.52 -13.18 11.04
N SER A 2 3.18 -14.28 10.37
CA SER A 2 3.17 -14.30 8.90
C SER A 2 2.11 -15.26 8.39
N SER A 3 1.48 -14.90 7.27
CA SER A 3 0.44 -15.74 6.66
C SER A 3 0.35 -15.47 5.16
N GLU A 4 -0.29 -16.39 4.43
CA GLU A 4 -0.44 -16.25 2.99
C GLU A 4 -1.53 -15.23 2.67
N GLU A 5 -1.24 -13.95 2.94
CA GLU A 5 -2.19 -12.87 2.69
C GLU A 5 -1.57 -11.81 1.77
N GLY A 6 -0.26 -11.62 1.89
CA GLY A 6 0.45 -10.63 1.08
C GLY A 6 0.09 -9.20 1.48
N LYS A 7 -0.36 -9.02 2.72
CA LYS A 7 -0.75 -7.69 3.20
C LYS A 7 0.47 -6.87 3.59
N LEU A 8 0.58 -5.68 3.00
CA LEU A 8 1.66 -4.76 3.28
C LEU A 8 1.13 -3.57 4.07
N PHE A 9 1.98 -2.99 4.92
CA PHE A 9 1.56 -1.83 5.72
C PHE A 9 2.21 -0.55 5.16
N VAL A 10 1.41 0.30 4.51
CA VAL A 10 1.93 1.54 3.93
C VAL A 10 1.73 2.70 4.91
N GLY A 11 2.82 3.43 5.18
CA GLY A 11 2.76 4.58 6.10
C GLY A 11 3.18 5.85 5.39
N GLY A 12 2.74 6.99 5.94
CA GLY A 12 3.05 8.29 5.36
C GLY A 12 2.33 8.48 4.02
N LEU A 13 1.12 7.93 3.92
CA LEU A 13 0.35 8.03 2.68
C LEU A 13 0.05 9.48 2.30
N ASN A 14 0.21 9.77 1.01
CA ASN A 14 -0.02 11.11 0.47
C ASN A 14 -1.48 11.51 0.60
N PHE A 15 -1.70 12.80 0.87
CA PHE A 15 -3.06 13.33 1.03
C PHE A 15 -3.98 12.92 -0.13
N ASN A 16 -3.39 12.72 -1.32
CA ASN A 16 -4.17 12.34 -2.50
C ASN A 16 -4.06 10.82 -2.75
N THR A 17 -3.83 10.06 -1.68
CA THR A 17 -3.72 8.61 -1.77
C THR A 17 -5.10 7.99 -1.58
N ASP A 18 -5.40 7.01 -2.42
CA ASP A 18 -6.68 6.33 -2.36
C ASP A 18 -6.50 4.86 -2.68
N GLU A 19 -7.59 4.10 -2.59
CA GLU A 19 -7.54 2.68 -2.87
C GLU A 19 -7.07 2.47 -4.30
N GLN A 20 -7.57 3.31 -5.20
CA GLN A 20 -7.20 3.24 -6.60
C GLN A 20 -5.76 3.72 -6.82
N ALA A 21 -5.38 4.79 -6.12
CA ALA A 21 -4.03 5.34 -6.25
C ALA A 21 -3.01 4.30 -5.80
N LEU A 22 -3.29 3.72 -4.64
CA LEU A 22 -2.41 2.69 -4.09
C LEU A 22 -2.47 1.41 -4.89
N GLU A 23 -3.68 0.99 -5.25
CA GLU A 23 -3.86 -0.23 -6.03
C GLU A 23 -3.14 -0.12 -7.37
N ASP A 24 -3.28 1.03 -8.05
CA ASP A 24 -2.65 1.23 -9.35
C ASP A 24 -1.12 1.13 -9.31
N HIS A 25 -0.49 1.85 -8.36
CA HIS A 25 0.98 1.85 -8.26
C HIS A 25 1.51 0.49 -7.78
N PHE A 26 0.85 -0.07 -6.77
CA PHE A 26 1.25 -1.37 -6.24
C PHE A 26 0.94 -2.49 -7.24
N SER A 27 -0.11 -2.29 -8.05
CA SER A 27 -0.48 -3.27 -9.07
C SER A 27 0.67 -3.40 -10.05
N SER A 28 1.24 -2.24 -10.40
CA SER A 28 2.36 -2.19 -11.31
C SER A 28 3.54 -2.98 -10.75
N PHE A 29 3.77 -2.84 -9.43
CA PHE A 29 4.88 -3.56 -8.79
C PHE A 29 4.56 -5.07 -8.68
N GLY A 30 3.29 -5.41 -8.45
CA GLY A 30 2.86 -6.81 -8.34
C GLY A 30 1.33 -6.91 -8.29
N PRO A 31 0.73 -8.10 -8.32
CA PRO A 31 -0.76 -8.26 -8.27
C PRO A 31 -1.36 -7.84 -6.93
N ILE A 32 -2.56 -7.24 -6.97
CA ILE A 32 -3.21 -6.76 -5.75
C ILE A 32 -4.48 -7.57 -5.43
N SER A 33 -4.46 -8.28 -4.30
CA SER A 33 -5.63 -9.05 -3.87
C SER A 33 -6.76 -8.12 -3.45
N GLU A 34 -6.41 -7.10 -2.66
CA GLU A 34 -7.39 -6.12 -2.17
C GLU A 34 -6.67 -4.83 -1.76
N VAL A 35 -7.43 -3.75 -1.61
CA VAL A 35 -6.84 -2.46 -1.22
C VAL A 35 -7.80 -1.69 -0.30
N VAL A 36 -7.22 -1.15 0.77
CA VAL A 36 -7.98 -0.38 1.75
C VAL A 36 -7.16 0.85 2.17
N VAL A 37 -7.76 2.04 2.13
CA VAL A 37 -7.06 3.26 2.51
C VAL A 37 -7.90 4.05 3.50
N VAL A 38 -7.27 4.47 4.60
CA VAL A 38 -7.97 5.24 5.62
C VAL A 38 -8.07 6.68 5.14
N LYS A 39 -9.30 7.16 4.99
CA LYS A 39 -9.54 8.52 4.50
C LYS A 39 -10.10 9.40 5.62
N ASP A 40 -9.80 10.69 5.54
CA ASP A 40 -10.25 11.66 6.52
C ASP A 40 -11.57 12.25 6.05
N ARG A 41 -12.68 11.68 6.51
CA ARG A 41 -14.01 12.15 6.10
C ARG A 41 -14.16 13.68 6.18
N GLU A 42 -13.29 14.33 6.97
CA GLU A 42 -13.33 15.78 7.12
C GLU A 42 -12.85 16.49 5.85
N THR A 43 -11.83 15.91 5.21
CA THR A 43 -11.25 16.52 4.00
C THR A 43 -11.23 15.55 2.80
N GLN A 44 -11.82 14.38 2.99
CA GLN A 44 -11.84 13.35 1.96
C GLN A 44 -10.41 13.04 1.47
N ARG A 45 -9.44 13.20 2.38
CA ARG A 45 -8.02 12.95 2.03
C ARG A 45 -7.44 11.83 2.92
N SER A 46 -6.46 11.13 2.38
CA SER A 46 -5.80 10.04 3.12
C SER A 46 -5.24 10.57 4.42
N ARG A 47 -5.20 9.69 5.42
CA ARG A 47 -4.69 10.06 6.76
C ARG A 47 -3.22 9.68 6.96
N GLY A 48 -2.54 9.29 5.87
CA GLY A 48 -1.13 8.90 5.96
C GLY A 48 -0.95 7.44 6.36
N PHE A 49 -2.04 6.66 6.33
CA PHE A 49 -1.97 5.24 6.68
C PHE A 49 -3.05 4.45 5.95
N GLY A 50 -2.63 3.36 5.29
CA GLY A 50 -3.54 2.53 4.53
C GLY A 50 -3.05 1.08 4.51
N PHE A 51 -3.97 0.16 4.21
CA PHE A 51 -3.65 -1.26 4.13
C PHE A 51 -3.87 -1.77 2.71
N ILE A 52 -2.95 -2.59 2.21
CA ILE A 52 -3.04 -3.14 0.86
C ILE A 52 -2.77 -4.64 0.89
N THR A 53 -3.68 -5.43 0.31
CA THR A 53 -3.54 -6.88 0.30
C THR A 53 -3.11 -7.42 -1.06
N PHE A 54 -2.08 -8.25 -1.05
CA PHE A 54 -1.56 -8.87 -2.28
C PHE A 54 -2.06 -10.28 -2.45
N THR A 55 -1.92 -10.77 -3.68
CA THR A 55 -2.35 -12.11 -4.02
C THR A 55 -1.59 -13.12 -3.15
N ASN A 56 -0.28 -12.94 -3.09
CA ASN A 56 0.56 -13.83 -2.30
C ASN A 56 1.73 -13.07 -1.63
N PRO A 57 2.22 -13.54 -0.49
CA PRO A 57 3.38 -12.88 0.22
C PRO A 57 4.49 -12.47 -0.74
N GLU A 58 4.66 -13.26 -1.80
CA GLU A 58 5.69 -12.99 -2.80
C GLU A 58 5.42 -11.67 -3.52
N HIS A 59 4.15 -11.44 -3.85
CA HIS A 59 3.76 -10.23 -4.55
C HIS A 59 3.87 -9.04 -3.61
N ALA A 60 3.49 -9.27 -2.35
CA ALA A 60 3.58 -8.24 -1.32
C ALA A 60 5.04 -7.84 -1.17
N SER A 61 5.92 -8.85 -1.15
CA SER A 61 7.35 -8.60 -1.00
C SER A 61 7.87 -7.68 -2.09
N VAL A 62 7.43 -7.89 -3.33
CA VAL A 62 7.90 -7.05 -4.45
C VAL A 62 7.49 -5.61 -4.22
N ALA A 63 6.23 -5.39 -3.81
CA ALA A 63 5.74 -4.03 -3.63
C ALA A 63 6.55 -3.28 -2.59
N MET A 64 6.77 -3.89 -1.41
CA MET A 64 7.58 -3.22 -0.39
C MET A 64 9.02 -3.10 -0.83
N ARG A 65 9.50 -4.11 -1.55
CA ARG A 65 10.88 -4.09 -2.03
C ARG A 65 11.07 -2.89 -2.96
N ALA A 66 10.10 -2.67 -3.85
CA ALA A 66 10.16 -1.58 -4.82
C ALA A 66 9.49 -0.28 -4.34
N MET A 67 8.83 -0.30 -3.17
CA MET A 67 8.11 0.91 -2.70
C MET A 67 8.54 1.41 -1.31
N ASN A 68 9.19 0.57 -0.50
CA ASN A 68 9.61 1.02 0.85
C ASN A 68 10.38 2.34 0.79
N GLY A 69 9.75 3.39 1.33
CA GLY A 69 10.35 4.71 1.36
C GLY A 69 10.38 5.32 -0.05
N GLU A 70 9.44 4.90 -0.90
CA GLU A 70 9.39 5.37 -2.29
C GLU A 70 8.27 6.36 -2.55
N SER A 71 8.62 7.41 -3.30
CA SER A 71 7.71 8.49 -3.66
C SER A 71 6.43 7.99 -4.29
N LEU A 72 5.36 8.01 -3.50
CA LEU A 72 4.04 7.66 -3.97
C LEU A 72 3.30 8.97 -4.14
N ASP A 73 2.94 9.30 -5.37
CA ASP A 73 2.28 10.57 -5.66
C ASP A 73 3.18 11.74 -5.21
N GLY A 74 4.51 11.53 -5.34
CA GLY A 74 5.51 12.53 -4.97
C GLY A 74 5.77 12.62 -3.47
N ARG A 75 5.35 11.59 -2.72
CA ARG A 75 5.58 11.56 -1.28
C ARG A 75 5.97 10.14 -0.88
N GLN A 76 7.19 9.99 -0.37
CA GLN A 76 7.67 8.67 -0.01
C GLN A 76 6.84 8.03 1.09
N ILE A 77 6.50 6.76 0.86
CA ILE A 77 5.71 5.97 1.80
C ILE A 77 6.50 4.76 2.21
N ARG A 78 6.30 4.33 3.45
CA ARG A 78 7.01 3.16 3.97
C ARG A 78 6.12 1.95 3.98
N VAL A 79 6.54 0.93 3.25
CA VAL A 79 5.77 -0.30 3.13
C VAL A 79 6.41 -1.39 3.99
N ASP A 80 5.74 -1.72 5.10
CA ASP A 80 6.21 -2.76 6.00
C ASP A 80 5.33 -3.98 5.82
N HIS A 81 5.93 -5.03 5.30
CA HIS A 81 5.19 -6.25 5.01
C HIS A 81 4.51 -6.87 6.23
N ALA A 82 3.18 -6.90 6.17
CA ALA A 82 2.38 -7.48 7.23
C ALA A 82 1.89 -8.89 6.85
N GLY A 83 2.25 -9.37 5.63
CA GLY A 83 1.82 -10.69 5.18
C GLY A 83 2.94 -11.49 4.51
N LYS A 84 3.99 -10.79 4.01
CA LYS A 84 5.12 -11.45 3.33
C LYS A 84 5.54 -12.74 4.08
N MET A 1 0.92 -13.09 12.90
CA MET A 1 1.13 -14.39 12.19
C MET A 1 1.09 -14.15 10.68
N SER A 2 2.04 -14.76 9.97
CA SER A 2 2.12 -14.64 8.52
C SER A 2 2.13 -16.01 7.86
N SER A 3 1.54 -16.11 6.68
CA SER A 3 1.50 -17.38 5.94
C SER A 3 1.10 -17.16 4.48
N GLU A 4 -0.14 -16.73 4.26
CA GLU A 4 -0.64 -16.46 2.91
C GLU A 4 -1.68 -15.35 2.94
N GLU A 5 -1.22 -14.11 2.75
CA GLU A 5 -2.11 -12.95 2.74
C GLU A 5 -1.60 -11.88 1.79
N GLY A 6 -0.28 -11.64 1.84
CA GLY A 6 0.34 -10.62 0.98
C GLY A 6 -0.04 -9.20 1.42
N LYS A 7 -0.41 -9.03 2.69
CA LYS A 7 -0.78 -7.73 3.21
C LYS A 7 0.44 -6.91 3.59
N LEU A 8 0.56 -5.73 2.97
CA LEU A 8 1.66 -4.81 3.25
C LEU A 8 1.12 -3.61 4.03
N PHE A 9 1.96 -3.03 4.89
CA PHE A 9 1.54 -1.86 5.68
C PHE A 9 2.20 -0.60 5.12
N VAL A 10 1.37 0.35 4.66
CA VAL A 10 1.91 1.60 4.09
C VAL A 10 1.74 2.73 5.10
N GLY A 11 2.79 3.55 5.26
CA GLY A 11 2.76 4.67 6.19
C GLY A 11 3.21 5.96 5.50
N GLY A 12 2.79 7.09 6.06
CA GLY A 12 3.13 8.40 5.49
C GLY A 12 2.44 8.57 4.14
N LEU A 13 1.21 8.06 4.02
CA LEU A 13 0.46 8.12 2.77
C LEU A 13 0.19 9.55 2.34
N ASN A 14 0.39 9.81 1.05
CA ASN A 14 0.15 11.13 0.48
C ASN A 14 -1.30 11.51 0.69
N PHE A 15 -1.55 12.80 0.83
CA PHE A 15 -2.91 13.30 1.05
C PHE A 15 -3.86 12.85 -0.05
N ASN A 16 -3.35 12.75 -1.28
CA ASN A 16 -4.18 12.32 -2.42
C ASN A 16 -4.11 10.80 -2.65
N THR A 17 -3.54 10.06 -1.70
CA THR A 17 -3.45 8.61 -1.79
C THR A 17 -4.83 8.02 -1.60
N ASP A 18 -5.20 7.12 -2.51
CA ASP A 18 -6.50 6.48 -2.45
C ASP A 18 -6.36 5.00 -2.70
N GLU A 19 -7.46 4.27 -2.54
CA GLU A 19 -7.45 2.83 -2.78
C GLU A 19 -7.05 2.57 -4.21
N GLN A 20 -7.52 3.41 -5.11
CA GLN A 20 -7.21 3.30 -6.54
C GLN A 20 -5.80 3.78 -6.83
N ALA A 21 -5.38 4.88 -6.18
CA ALA A 21 -4.03 5.41 -6.40
C ALA A 21 -3.03 4.36 -5.96
N LEU A 22 -3.29 3.78 -4.78
CA LEU A 22 -2.43 2.73 -4.24
C LEU A 22 -2.52 1.44 -5.05
N GLU A 23 -3.75 1.04 -5.39
CA GLU A 23 -3.96 -0.17 -6.15
C GLU A 23 -3.26 -0.08 -7.51
N ASP A 24 -3.39 1.07 -8.18
CA ASP A 24 -2.78 1.25 -9.51
C ASP A 24 -1.25 1.13 -9.48
N HIS A 25 -0.58 1.88 -8.60
CA HIS A 25 0.89 1.83 -8.54
C HIS A 25 1.41 0.49 -8.03
N PHE A 26 0.77 -0.04 -6.99
CA PHE A 26 1.19 -1.33 -6.42
C PHE A 26 0.85 -2.48 -7.37
N SER A 27 -0.23 -2.31 -8.17
CA SER A 27 -0.62 -3.33 -9.15
C SER A 27 0.50 -3.47 -10.16
N SER A 28 1.04 -2.32 -10.56
CA SER A 28 2.12 -2.28 -11.51
C SER A 28 3.31 -3.05 -10.96
N PHE A 29 3.60 -2.87 -9.67
CA PHE A 29 4.72 -3.57 -9.03
C PHE A 29 4.40 -5.06 -8.86
N GLY A 30 3.14 -5.39 -8.56
CA GLY A 30 2.73 -6.78 -8.36
C GLY A 30 1.20 -6.93 -8.17
N PRO A 31 0.66 -8.15 -8.21
CA PRO A 31 -0.82 -8.40 -8.03
C PRO A 31 -1.41 -7.78 -6.75
N ILE A 32 -2.63 -7.23 -6.85
CA ILE A 32 -3.30 -6.63 -5.68
C ILE A 32 -4.60 -7.39 -5.35
N SER A 33 -4.57 -8.13 -4.24
CA SER A 33 -5.75 -8.87 -3.79
C SER A 33 -6.86 -7.90 -3.37
N GLU A 34 -6.47 -6.89 -2.58
CA GLU A 34 -7.41 -5.88 -2.08
C GLU A 34 -6.67 -4.61 -1.69
N VAL A 35 -7.40 -3.51 -1.50
CA VAL A 35 -6.78 -2.25 -1.12
C VAL A 35 -7.70 -1.44 -0.19
N VAL A 36 -7.10 -0.86 0.84
CA VAL A 36 -7.83 -0.06 1.82
C VAL A 36 -6.98 1.17 2.22
N VAL A 37 -7.59 2.34 2.27
CA VAL A 37 -6.85 3.57 2.63
C VAL A 37 -7.59 4.33 3.73
N VAL A 38 -6.84 4.75 4.75
CA VAL A 38 -7.41 5.52 5.85
C VAL A 38 -7.35 7.00 5.47
N LYS A 39 -8.52 7.64 5.41
CA LYS A 39 -8.60 9.05 5.04
C LYS A 39 -9.65 9.77 5.88
N ASP A 40 -9.72 11.09 5.70
CA ASP A 40 -10.67 11.91 6.40
C ASP A 40 -12.07 11.66 5.84
N ARG A 41 -13.05 11.49 6.71
CA ARG A 41 -14.43 11.26 6.26
C ARG A 41 -15.13 12.57 5.90
N GLU A 42 -14.54 13.70 6.29
CA GLU A 42 -15.12 15.03 6.00
C GLU A 42 -14.37 15.70 4.85
N THR A 43 -13.10 15.33 4.66
CA THR A 43 -12.27 15.90 3.59
C THR A 43 -11.95 14.85 2.52
N GLN A 44 -12.17 13.58 2.87
CA GLN A 44 -11.85 12.47 1.97
C GLN A 44 -10.37 12.53 1.59
N ARG A 45 -9.57 13.04 2.55
CA ARG A 45 -8.13 13.17 2.37
C ARG A 45 -7.39 12.16 3.25
N SER A 46 -6.50 11.42 2.60
CA SER A 46 -5.70 10.40 3.28
C SER A 46 -5.07 10.96 4.54
N ARG A 47 -5.04 10.12 5.57
CA ARG A 47 -4.50 10.52 6.87
C ARG A 47 -3.05 10.09 7.08
N GLY A 48 -2.39 9.62 6.01
CA GLY A 48 -1.00 9.18 6.10
C GLY A 48 -0.88 7.69 6.43
N PHE A 49 -2.01 6.97 6.42
CA PHE A 49 -2.00 5.53 6.72
C PHE A 49 -2.91 4.79 5.75
N GLY A 50 -2.46 3.61 5.32
CA GLY A 50 -3.24 2.79 4.40
C GLY A 50 -2.80 1.34 4.45
N PHE A 51 -3.71 0.44 4.05
CA PHE A 51 -3.45 -0.99 4.02
C PHE A 51 -3.66 -1.51 2.59
N ILE A 52 -2.82 -2.43 2.16
CA ILE A 52 -2.93 -2.99 0.81
C ILE A 52 -2.70 -4.50 0.86
N THR A 53 -3.64 -5.27 0.30
CA THR A 53 -3.53 -6.73 0.30
C THR A 53 -3.14 -7.26 -1.08
N PHE A 54 -2.13 -8.13 -1.08
CA PHE A 54 -1.63 -8.75 -2.32
C PHE A 54 -2.20 -10.14 -2.50
N THR A 55 -2.08 -10.62 -3.74
CA THR A 55 -2.55 -11.95 -4.09
C THR A 55 -1.84 -12.99 -3.23
N ASN A 56 -0.51 -12.88 -3.19
CA ASN A 56 0.30 -13.81 -2.40
C ASN A 56 1.49 -13.09 -1.73
N PRO A 57 1.97 -13.56 -0.58
CA PRO A 57 3.14 -12.94 0.13
C PRO A 57 4.28 -12.56 -0.81
N GLU A 58 4.46 -13.36 -1.86
CA GLU A 58 5.51 -13.10 -2.85
C GLU A 58 5.25 -11.79 -3.58
N HIS A 59 3.98 -11.55 -3.90
CA HIS A 59 3.61 -10.33 -4.60
C HIS A 59 3.77 -9.14 -3.67
N ALA A 60 3.39 -9.34 -2.40
CA ALA A 60 3.52 -8.32 -1.40
C ALA A 60 5.00 -7.94 -1.21
N SER A 61 5.86 -8.97 -1.18
CA SER A 61 7.28 -8.75 -0.99
C SER A 61 7.87 -7.87 -2.10
N VAL A 62 7.38 -8.05 -3.33
CA VAL A 62 7.89 -7.25 -4.46
C VAL A 62 7.53 -5.78 -4.26
N ALA A 63 6.27 -5.52 -3.87
CA ALA A 63 5.83 -4.14 -3.70
C ALA A 63 6.69 -3.41 -2.70
N MET A 64 6.90 -3.99 -1.52
CA MET A 64 7.75 -3.32 -0.52
C MET A 64 9.16 -3.17 -1.07
N ARG A 65 9.63 -4.16 -1.83
CA ARG A 65 10.96 -4.10 -2.40
C ARG A 65 11.08 -2.88 -3.32
N ALA A 66 10.04 -2.65 -4.12
CA ALA A 66 10.05 -1.54 -5.06
C ALA A 66 9.44 -0.23 -4.51
N MET A 67 8.85 -0.25 -3.29
CA MET A 67 8.20 0.97 -2.77
C MET A 67 8.68 1.40 -1.36
N ASN A 68 9.28 0.50 -0.57
CA ASN A 68 9.73 0.87 0.79
C ASN A 68 10.52 2.17 0.81
N GLY A 69 9.91 3.21 1.40
CA GLY A 69 10.53 4.51 1.51
C GLY A 69 10.63 5.21 0.15
N GLU A 70 9.71 4.88 -0.76
CA GLU A 70 9.73 5.45 -2.11
C GLU A 70 8.55 6.36 -2.39
N SER A 71 8.83 7.41 -3.16
CA SER A 71 7.88 8.44 -3.53
C SER A 71 6.62 7.88 -4.18
N LEU A 72 5.55 7.88 -3.40
CA LEU A 72 4.24 7.49 -3.88
C LEU A 72 3.46 8.78 -4.05
N ASP A 73 3.10 9.09 -5.29
CA ASP A 73 2.40 10.33 -5.59
C ASP A 73 3.25 11.53 -5.12
N GLY A 74 4.57 11.39 -5.23
CA GLY A 74 5.51 12.45 -4.85
C GLY A 74 5.79 12.51 -3.35
N ARG A 75 5.40 11.49 -2.60
CA ARG A 75 5.64 11.45 -1.16
C ARG A 75 6.06 10.05 -0.77
N GLN A 76 7.26 9.92 -0.21
CA GLN A 76 7.77 8.61 0.16
C GLN A 76 6.93 7.95 1.24
N ILE A 77 6.65 6.67 1.01
CA ILE A 77 5.87 5.85 1.93
C ILE A 77 6.65 4.62 2.31
N ARG A 78 6.42 4.12 3.51
CA ARG A 78 7.13 2.94 4.00
C ARG A 78 6.23 1.73 3.95
N VAL A 79 6.64 0.73 3.17
CA VAL A 79 5.88 -0.49 3.03
C VAL A 79 6.47 -1.58 3.93
N ASP A 80 5.80 -1.84 5.05
CA ASP A 80 6.21 -2.87 5.99
C ASP A 80 5.28 -4.05 5.83
N HIS A 81 5.82 -5.15 5.31
CA HIS A 81 5.01 -6.32 5.04
C HIS A 81 4.35 -6.91 6.27
N ALA A 82 3.02 -6.83 6.27
CA ALA A 82 2.24 -7.42 7.36
C ALA A 82 2.41 -8.94 7.34
N GLY A 83 2.45 -9.51 6.13
CA GLY A 83 2.61 -10.96 5.96
C GLY A 83 3.98 -11.33 5.37
N LYS A 84 4.04 -11.47 4.03
CA LYS A 84 5.28 -11.85 3.35
C LYS A 84 5.72 -13.24 3.80
N MET A 1 2.09 -10.34 10.89
CA MET A 1 1.94 -11.54 11.76
C MET A 1 1.93 -12.82 10.90
N SER A 2 2.68 -12.80 9.80
CA SER A 2 2.77 -13.96 8.91
C SER A 2 1.36 -14.39 8.46
N SER A 3 0.61 -13.43 7.93
CA SER A 3 -0.75 -13.69 7.45
C SER A 3 -0.75 -14.62 6.22
N GLU A 4 0.39 -14.72 5.54
CA GLU A 4 0.51 -15.56 4.35
C GLU A 4 -0.53 -15.15 3.30
N GLU A 5 -0.96 -13.88 3.37
CA GLU A 5 -1.95 -13.35 2.43
C GLU A 5 -1.29 -12.36 1.46
N GLY A 6 -0.27 -11.64 1.95
CA GLY A 6 0.44 -10.66 1.12
C GLY A 6 0.08 -9.22 1.53
N LYS A 7 -0.41 -9.04 2.75
CA LYS A 7 -0.77 -7.71 3.23
C LYS A 7 0.45 -6.91 3.62
N LEU A 8 0.53 -5.70 3.05
CA LEU A 8 1.63 -4.78 3.34
C LEU A 8 1.09 -3.59 4.11
N PHE A 9 1.94 -3.00 4.97
CA PHE A 9 1.53 -1.83 5.75
C PHE A 9 2.18 -0.57 5.18
N VAL A 10 1.40 0.27 4.52
CA VAL A 10 1.94 1.50 3.91
C VAL A 10 1.79 2.66 4.89
N GLY A 11 2.87 3.44 5.03
CA GLY A 11 2.86 4.60 5.95
C GLY A 11 3.26 5.87 5.21
N GLY A 12 2.85 7.01 5.77
CA GLY A 12 3.14 8.32 5.17
C GLY A 12 2.39 8.47 3.85
N LEU A 13 1.17 7.91 3.78
CA LEU A 13 0.37 7.98 2.56
C LEU A 13 0.10 9.42 2.14
N ASN A 14 0.26 9.67 0.85
CA ASN A 14 0.05 11.00 0.27
C ASN A 14 -1.38 11.46 0.48
N PHE A 15 -1.54 12.76 0.70
CA PHE A 15 -2.86 13.37 0.92
C PHE A 15 -3.87 12.94 -0.15
N ASN A 16 -3.37 12.61 -1.35
CA ASN A 16 -4.23 12.19 -2.46
C ASN A 16 -4.14 10.68 -2.72
N THR A 17 -3.85 9.91 -1.66
CA THR A 17 -3.77 8.46 -1.77
C THR A 17 -5.15 7.86 -1.51
N ASP A 18 -5.54 6.94 -2.39
CA ASP A 18 -6.83 6.29 -2.28
C ASP A 18 -6.71 4.83 -2.69
N GLU A 19 -7.82 4.11 -2.68
CA GLU A 19 -7.80 2.69 -3.04
C GLU A 19 -7.29 2.53 -4.47
N GLN A 20 -7.75 3.41 -5.35
CA GLN A 20 -7.34 3.37 -6.75
C GLN A 20 -5.89 3.81 -6.93
N ALA A 21 -5.48 4.86 -6.20
CA ALA A 21 -4.12 5.36 -6.30
C ALA A 21 -3.16 4.31 -5.76
N LEU A 22 -3.54 3.74 -4.62
CA LEU A 22 -2.74 2.72 -3.97
C LEU A 22 -2.68 1.48 -4.85
N GLU A 23 -3.84 1.07 -5.36
CA GLU A 23 -3.94 -0.10 -6.20
C GLU A 23 -3.13 0.08 -7.49
N ASP A 24 -3.22 1.25 -8.11
CA ASP A 24 -2.51 1.50 -9.39
C ASP A 24 -0.99 1.33 -9.27
N HIS A 25 -0.37 2.01 -8.30
CA HIS A 25 1.09 1.94 -8.15
C HIS A 25 1.57 0.55 -7.70
N PHE A 26 0.88 -0.01 -6.70
CA PHE A 26 1.24 -1.32 -6.18
C PHE A 26 0.91 -2.43 -7.18
N SER A 27 -0.14 -2.22 -8.00
CA SER A 27 -0.51 -3.20 -9.03
C SER A 27 0.65 -3.35 -9.99
N SER A 28 1.23 -2.19 -10.33
CA SER A 28 2.36 -2.15 -11.25
C SER A 28 3.52 -2.95 -10.67
N PHE A 29 3.75 -2.81 -9.36
CA PHE A 29 4.85 -3.55 -8.71
C PHE A 29 4.51 -5.05 -8.60
N GLY A 30 3.24 -5.37 -8.36
CA GLY A 30 2.80 -6.77 -8.25
C GLY A 30 1.26 -6.85 -8.20
N PRO A 31 0.67 -8.05 -8.26
CA PRO A 31 -0.83 -8.18 -8.22
C PRO A 31 -1.42 -7.77 -6.86
N ILE A 32 -2.62 -7.17 -6.90
CA ILE A 32 -3.27 -6.70 -5.67
C ILE A 32 -4.55 -7.50 -5.36
N SER A 33 -4.52 -8.25 -4.25
CA SER A 33 -5.70 -9.02 -3.83
C SER A 33 -6.81 -8.06 -3.40
N GLU A 34 -6.44 -7.07 -2.59
CA GLU A 34 -7.37 -6.05 -2.10
C GLU A 34 -6.61 -4.77 -1.85
N VAL A 35 -7.34 -3.65 -1.75
CA VAL A 35 -6.71 -2.36 -1.55
C VAL A 35 -7.55 -1.48 -0.62
N VAL A 36 -6.91 -0.87 0.36
CA VAL A 36 -7.60 -0.01 1.33
C VAL A 36 -6.69 1.18 1.73
N VAL A 37 -7.26 2.38 1.69
CA VAL A 37 -6.53 3.59 2.11
C VAL A 37 -7.40 4.34 3.11
N VAL A 38 -6.82 4.71 4.25
CA VAL A 38 -7.58 5.44 5.27
C VAL A 38 -7.73 6.89 4.80
N LYS A 39 -8.99 7.28 4.59
CA LYS A 39 -9.29 8.64 4.13
C LYS A 39 -10.21 9.33 5.12
N ASP A 40 -9.92 10.61 5.37
CA ASP A 40 -10.71 11.39 6.29
C ASP A 40 -12.07 11.64 5.66
N ARG A 41 -13.14 11.38 6.41
CA ARG A 41 -14.51 11.58 5.91
C ARG A 41 -14.92 13.06 6.02
N GLU A 42 -14.15 13.85 6.77
CA GLU A 42 -14.44 15.27 6.94
C GLU A 42 -13.53 16.13 6.05
N THR A 43 -12.34 15.61 5.73
CA THR A 43 -11.40 16.33 4.87
C THR A 43 -11.29 15.66 3.50
N GLN A 44 -11.71 14.39 3.43
CA GLN A 44 -11.61 13.60 2.21
C GLN A 44 -10.15 13.53 1.78
N ARG A 45 -9.27 13.51 2.80
CA ARG A 45 -7.84 13.45 2.61
C ARG A 45 -7.26 12.25 3.36
N SER A 46 -6.34 11.56 2.70
CA SER A 46 -5.68 10.39 3.28
C SER A 46 -5.07 10.78 4.62
N ARG A 47 -5.06 9.83 5.54
CA ARG A 47 -4.52 10.08 6.89
C ARG A 47 -3.06 9.65 7.04
N GLY A 48 -2.40 9.35 5.92
CA GLY A 48 -1.00 8.95 5.95
C GLY A 48 -0.84 7.44 6.24
N PHE A 49 -1.94 6.71 6.31
CA PHE A 49 -1.90 5.27 6.58
C PHE A 49 -2.90 4.53 5.69
N GLY A 50 -2.48 3.38 5.16
CA GLY A 50 -3.36 2.59 4.29
C GLY A 50 -2.96 1.11 4.34
N PHE A 51 -3.97 0.24 4.15
CA PHE A 51 -3.75 -1.20 4.14
C PHE A 51 -3.98 -1.75 2.73
N ILE A 52 -3.02 -2.52 2.23
CA ILE A 52 -3.10 -3.09 0.89
C ILE A 52 -2.89 -4.61 0.97
N THR A 53 -3.72 -5.39 0.28
CA THR A 53 -3.59 -6.85 0.32
C THR A 53 -3.17 -7.39 -1.04
N PHE A 54 -2.13 -8.23 -1.03
CA PHE A 54 -1.61 -8.84 -2.25
C PHE A 54 -2.15 -10.23 -2.44
N THR A 55 -2.00 -10.72 -3.68
CA THR A 55 -2.45 -12.05 -4.04
C THR A 55 -1.71 -13.07 -3.19
N ASN A 56 -0.39 -12.91 -3.11
CA ASN A 56 0.45 -13.82 -2.36
C ASN A 56 1.62 -13.08 -1.68
N PRO A 57 2.12 -13.55 -0.54
CA PRO A 57 3.28 -12.91 0.17
C PRO A 57 4.41 -12.51 -0.78
N GLU A 58 4.56 -13.29 -1.85
CA GLU A 58 5.61 -13.03 -2.85
C GLU A 58 5.34 -11.71 -3.55
N HIS A 59 4.06 -11.47 -3.86
CA HIS A 59 3.67 -10.25 -4.55
C HIS A 59 3.80 -9.06 -3.61
N ALA A 60 3.42 -9.28 -2.36
CA ALA A 60 3.52 -8.27 -1.33
C ALA A 60 5.00 -7.89 -1.15
N SER A 61 5.85 -8.92 -1.17
CA SER A 61 7.29 -8.72 -1.01
C SER A 61 7.84 -7.78 -2.07
N VAL A 62 7.39 -7.96 -3.32
CA VAL A 62 7.87 -7.11 -4.42
C VAL A 62 7.47 -5.66 -4.18
N ALA A 63 6.21 -5.44 -3.76
CA ALA A 63 5.72 -4.08 -3.57
C ALA A 63 6.57 -3.34 -2.55
N MET A 64 6.80 -3.94 -1.36
CA MET A 64 7.62 -3.27 -0.36
C MET A 64 9.06 -3.17 -0.83
N ARG A 65 9.52 -4.18 -1.56
CA ARG A 65 10.89 -4.17 -2.06
C ARG A 65 11.10 -2.98 -2.98
N ALA A 66 10.11 -2.75 -3.86
CA ALA A 66 10.18 -1.65 -4.83
C ALA A 66 9.51 -0.35 -4.33
N MET A 67 8.85 -0.37 -3.15
CA MET A 67 8.14 0.85 -2.69
C MET A 67 8.56 1.34 -1.30
N ASN A 68 9.21 0.51 -0.47
CA ASN A 68 9.61 0.96 0.87
C ASN A 68 10.38 2.28 0.83
N GLY A 69 9.76 3.32 1.37
CA GLY A 69 10.35 4.64 1.40
C GLY A 69 10.40 5.26 -0.01
N GLU A 70 9.47 4.85 -0.87
CA GLU A 70 9.44 5.32 -2.26
C GLU A 70 8.30 6.30 -2.52
N SER A 71 8.65 7.34 -3.29
CA SER A 71 7.73 8.41 -3.65
C SER A 71 6.45 7.89 -4.29
N LEU A 72 5.40 7.93 -3.50
CA LEU A 72 4.07 7.57 -3.97
C LEU A 72 3.32 8.88 -4.13
N ASP A 73 2.93 9.20 -5.36
CA ASP A 73 2.26 10.47 -5.64
C ASP A 73 3.19 11.63 -5.23
N GLY A 74 4.51 11.39 -5.35
CA GLY A 74 5.51 12.40 -5.02
C GLY A 74 5.80 12.51 -3.52
N ARG A 75 5.38 11.52 -2.75
CA ARG A 75 5.62 11.50 -1.31
C ARG A 75 6.00 10.09 -0.90
N GLN A 76 7.21 9.93 -0.37
CA GLN A 76 7.69 8.60 0.00
C GLN A 76 6.83 7.97 1.08
N ILE A 77 6.51 6.69 0.86
CA ILE A 77 5.71 5.90 1.78
C ILE A 77 6.49 4.68 2.21
N ARG A 78 6.29 4.27 3.45
CA ARG A 78 7.00 3.12 3.99
C ARG A 78 6.10 1.91 3.99
N VAL A 79 6.55 0.87 3.28
CA VAL A 79 5.77 -0.35 3.17
C VAL A 79 6.40 -1.45 4.03
N ASP A 80 5.73 -1.75 5.15
CA ASP A 80 6.18 -2.79 6.06
C ASP A 80 5.28 -3.98 5.88
N HIS A 81 5.83 -5.04 5.32
CA HIS A 81 5.06 -6.23 5.02
C HIS A 81 4.43 -6.87 6.25
N ALA A 82 3.09 -6.85 6.26
CA ALA A 82 2.34 -7.46 7.35
C ALA A 82 2.56 -8.97 7.35
N GLY A 83 2.62 -9.56 6.15
CA GLY A 83 2.82 -11.02 6.01
C GLY A 83 4.19 -11.37 5.42
N LYS A 84 4.26 -11.49 4.09
CA LYS A 84 5.50 -11.86 3.40
C LYS A 84 5.92 -13.27 3.80
N MET A 1 1.24 -16.98 10.66
CA MET A 1 1.19 -15.50 10.54
C MET A 1 0.51 -15.12 9.22
N SER A 2 1.08 -15.58 8.12
CA SER A 2 0.54 -15.29 6.78
C SER A 2 0.77 -16.49 5.87
N SER A 3 -0.25 -16.82 5.07
CA SER A 3 -0.16 -17.95 4.14
C SER A 3 -0.46 -17.53 2.70
N GLU A 4 -1.30 -16.50 2.55
CA GLU A 4 -1.66 -16.01 1.21
C GLU A 4 -2.29 -14.60 1.25
N GLU A 5 -2.21 -13.92 2.40
CA GLU A 5 -2.78 -12.58 2.54
C GLU A 5 -2.02 -11.56 1.70
N GLY A 6 -0.69 -11.58 1.80
CA GLY A 6 0.14 -10.64 1.05
C GLY A 6 -0.10 -9.19 1.51
N LYS A 7 -0.56 -9.02 2.75
CA LYS A 7 -0.87 -7.70 3.28
C LYS A 7 0.38 -6.93 3.66
N LEU A 8 0.47 -5.71 3.12
CA LEU A 8 1.58 -4.81 3.39
C LEU A 8 1.05 -3.61 4.17
N PHE A 9 1.90 -3.02 5.02
CA PHE A 9 1.50 -1.85 5.81
C PHE A 9 2.18 -0.60 5.24
N VAL A 10 1.39 0.31 4.64
CA VAL A 10 1.96 1.53 4.05
C VAL A 10 1.83 2.70 5.01
N GLY A 11 2.90 3.50 5.12
CA GLY A 11 2.91 4.67 6.00
C GLY A 11 3.31 5.92 5.23
N GLY A 12 2.95 7.07 5.79
CA GLY A 12 3.25 8.36 5.14
C GLY A 12 2.45 8.52 3.85
N LEU A 13 1.23 7.99 3.85
CA LEU A 13 0.36 8.04 2.67
C LEU A 13 0.08 9.47 2.26
N ASN A 14 0.26 9.76 0.98
CA ASN A 14 0.03 11.10 0.45
C ASN A 14 -1.43 11.48 0.66
N PHE A 15 -1.66 12.77 0.91
CA PHE A 15 -3.01 13.27 1.15
C PHE A 15 -3.98 12.89 0.01
N ASN A 16 -3.42 12.63 -1.19
CA ASN A 16 -4.24 12.28 -2.35
C ASN A 16 -4.13 10.79 -2.72
N THR A 17 -3.59 9.96 -1.82
CA THR A 17 -3.47 8.53 -2.07
C THR A 17 -4.73 7.83 -1.58
N ASP A 18 -5.32 7.03 -2.45
CA ASP A 18 -6.55 6.31 -2.10
C ASP A 18 -6.49 4.88 -2.64
N GLU A 19 -7.63 4.19 -2.66
CA GLU A 19 -7.68 2.82 -3.14
C GLU A 19 -7.19 2.73 -4.58
N GLN A 20 -7.60 3.69 -5.41
CA GLN A 20 -7.20 3.70 -6.81
C GLN A 20 -5.72 4.06 -6.98
N ALA A 21 -5.26 5.06 -6.22
CA ALA A 21 -3.87 5.49 -6.32
C ALA A 21 -2.96 4.40 -5.79
N LEU A 22 -3.37 3.82 -4.67
CA LEU A 22 -2.60 2.75 -4.03
C LEU A 22 -2.62 1.51 -4.89
N GLU A 23 -3.81 1.13 -5.35
CA GLU A 23 -3.96 -0.06 -6.18
C GLU A 23 -3.22 0.10 -7.51
N ASP A 24 -3.32 1.27 -8.14
CA ASP A 24 -2.68 1.48 -9.44
C ASP A 24 -1.15 1.32 -9.39
N HIS A 25 -0.49 2.03 -8.47
CA HIS A 25 0.99 1.96 -8.38
C HIS A 25 1.47 0.59 -7.90
N PHE A 26 0.81 0.06 -6.88
CA PHE A 26 1.18 -1.24 -6.32
C PHE A 26 0.85 -2.37 -7.29
N SER A 27 -0.21 -2.20 -8.09
CA SER A 27 -0.60 -3.20 -9.09
C SER A 27 0.54 -3.34 -10.08
N SER A 28 1.09 -2.19 -10.46
CA SER A 28 2.19 -2.17 -11.40
C SER A 28 3.37 -2.95 -10.84
N PHE A 29 3.63 -2.79 -9.54
CA PHE A 29 4.74 -3.52 -8.89
C PHE A 29 4.40 -5.00 -8.73
N GLY A 30 3.13 -5.32 -8.45
CA GLY A 30 2.71 -6.72 -8.27
C GLY A 30 1.19 -6.87 -8.09
N PRO A 31 0.64 -8.09 -8.11
CA PRO A 31 -0.84 -8.34 -7.95
C PRO A 31 -1.44 -7.71 -6.67
N ILE A 32 -2.65 -7.14 -6.80
CA ILE A 32 -3.34 -6.53 -5.65
C ILE A 32 -4.63 -7.31 -5.32
N SER A 33 -4.61 -8.04 -4.19
CA SER A 33 -5.81 -8.76 -3.77
C SER A 33 -6.91 -7.78 -3.37
N GLU A 34 -6.54 -6.82 -2.50
CA GLU A 34 -7.46 -5.79 -2.04
C GLU A 34 -6.69 -4.50 -1.75
N VAL A 35 -7.42 -3.41 -1.55
CA VAL A 35 -6.81 -2.12 -1.27
C VAL A 35 -7.70 -1.29 -0.34
N VAL A 36 -7.11 -0.76 0.73
CA VAL A 36 -7.87 0.04 1.71
C VAL A 36 -6.99 1.15 2.28
N VAL A 37 -7.21 2.41 1.85
CA VAL A 37 -6.43 3.55 2.35
C VAL A 37 -7.23 4.29 3.42
N VAL A 38 -6.58 4.56 4.55
CA VAL A 38 -7.22 5.29 5.65
C VAL A 38 -7.19 6.78 5.32
N LYS A 39 -8.36 7.41 5.33
CA LYS A 39 -8.49 8.83 5.02
C LYS A 39 -9.60 9.47 5.85
N ASP A 40 -9.71 10.79 5.74
CA ASP A 40 -10.72 11.54 6.45
C ASP A 40 -12.09 11.22 5.86
N ARG A 41 -13.08 11.01 6.71
CA ARG A 41 -14.43 10.71 6.23
C ARG A 41 -15.20 11.99 5.88
N GLU A 42 -14.68 13.14 6.30
CA GLU A 42 -15.31 14.43 6.03
C GLU A 42 -14.57 15.17 4.92
N THR A 43 -13.28 14.87 4.74
CA THR A 43 -12.46 15.51 3.71
C THR A 43 -12.04 14.49 2.64
N GLN A 44 -12.16 13.21 2.97
CA GLN A 44 -11.76 12.14 2.06
C GLN A 44 -10.27 12.32 1.71
N ARG A 45 -9.53 12.84 2.68
CA ARG A 45 -8.10 13.07 2.55
C ARG A 45 -7.33 12.06 3.39
N SER A 46 -6.40 11.40 2.73
CA SER A 46 -5.56 10.38 3.37
C SER A 46 -5.00 10.91 4.68
N ARG A 47 -4.97 10.03 5.69
CA ARG A 47 -4.49 10.39 7.02
C ARG A 47 -3.01 10.02 7.22
N GLY A 48 -2.29 9.79 6.12
CA GLY A 48 -0.87 9.43 6.21
C GLY A 48 -0.67 7.92 6.43
N PHE A 49 -1.77 7.15 6.46
CA PHE A 49 -1.70 5.71 6.64
C PHE A 49 -2.64 5.00 5.70
N GLY A 50 -2.25 3.81 5.24
CA GLY A 50 -3.05 3.02 4.33
C GLY A 50 -2.70 1.54 4.44
N PHE A 51 -3.62 0.72 3.94
CA PHE A 51 -3.46 -0.73 3.95
C PHE A 51 -3.68 -1.26 2.54
N ILE A 52 -2.95 -2.32 2.19
CA ILE A 52 -3.04 -2.91 0.87
C ILE A 52 -2.86 -4.44 0.97
N THR A 53 -3.74 -5.19 0.30
CA THR A 53 -3.65 -6.66 0.34
C THR A 53 -3.23 -7.20 -1.02
N PHE A 54 -2.22 -8.07 -1.01
CA PHE A 54 -1.71 -8.68 -2.24
C PHE A 54 -2.25 -10.08 -2.43
N THR A 55 -2.13 -10.55 -3.67
CA THR A 55 -2.58 -11.89 -4.02
C THR A 55 -1.84 -12.91 -3.16
N ASN A 56 -0.52 -12.77 -3.10
CA ASN A 56 0.31 -13.68 -2.32
C ASN A 56 1.47 -12.94 -1.64
N PRO A 57 1.96 -13.43 -0.48
CA PRO A 57 3.11 -12.80 0.23
C PRO A 57 4.26 -12.43 -0.71
N GLU A 58 4.45 -13.24 -1.73
CA GLU A 58 5.51 -12.99 -2.73
C GLU A 58 5.24 -11.69 -3.46
N HIS A 59 3.96 -11.46 -3.77
CA HIS A 59 3.54 -10.27 -4.47
C HIS A 59 3.66 -9.07 -3.55
N ALA A 60 3.30 -9.29 -2.28
CA ALA A 60 3.42 -8.27 -1.26
C ALA A 60 4.88 -7.85 -1.13
N SER A 61 5.76 -8.86 -1.17
CA SER A 61 7.20 -8.63 -1.04
C SER A 61 7.73 -7.73 -2.16
N VAL A 62 7.25 -7.93 -3.40
CA VAL A 62 7.73 -7.12 -4.52
C VAL A 62 7.38 -5.65 -4.30
N ALA A 63 6.12 -5.39 -3.92
CA ALA A 63 5.69 -4.01 -3.75
C ALA A 63 6.52 -3.31 -2.70
N MET A 64 6.69 -3.91 -1.51
CA MET A 64 7.50 -3.27 -0.48
C MET A 64 8.95 -3.18 -0.94
N ARG A 65 9.40 -4.18 -1.69
CA ARG A 65 10.76 -4.18 -2.19
C ARG A 65 10.98 -2.97 -3.09
N ALA A 66 10.00 -2.70 -3.95
CA ALA A 66 10.09 -1.58 -4.90
C ALA A 66 9.47 -0.27 -4.38
N MET A 67 8.83 -0.29 -3.20
CA MET A 67 8.16 0.93 -2.69
C MET A 67 8.61 1.37 -1.27
N ASN A 68 9.23 0.47 -0.49
CA ASN A 68 9.64 0.85 0.88
C ASN A 68 10.44 2.16 0.90
N GLY A 69 9.78 3.20 1.42
CA GLY A 69 10.38 4.52 1.53
C GLY A 69 10.56 5.18 0.16
N GLU A 70 9.71 4.80 -0.80
CA GLU A 70 9.80 5.32 -2.16
C GLU A 70 8.65 6.27 -2.50
N SER A 71 9.01 7.32 -3.22
CA SER A 71 8.09 8.38 -3.63
C SER A 71 6.85 7.84 -4.32
N LEU A 72 5.76 7.86 -3.58
CA LEU A 72 4.46 7.48 -4.12
C LEU A 72 3.70 8.78 -4.35
N ASP A 73 3.41 9.07 -5.61
CA ASP A 73 2.74 10.32 -5.96
C ASP A 73 3.58 11.52 -5.47
N GLY A 74 4.91 11.34 -5.50
CA GLY A 74 5.85 12.40 -5.09
C GLY A 74 6.06 12.47 -3.57
N ARG A 75 5.62 11.45 -2.84
CA ARG A 75 5.80 11.42 -1.39
C ARG A 75 6.18 10.02 -0.95
N GLN A 76 7.37 9.88 -0.39
CA GLN A 76 7.85 8.56 0.01
C GLN A 76 6.96 7.94 1.08
N ILE A 77 6.66 6.67 0.86
CA ILE A 77 5.84 5.88 1.77
C ILE A 77 6.59 4.63 2.17
N ARG A 78 6.41 4.19 3.41
CA ARG A 78 7.10 3.00 3.90
C ARG A 78 6.16 1.82 3.96
N VAL A 79 6.53 0.78 3.21
CA VAL A 79 5.72 -0.42 3.13
C VAL A 79 6.35 -1.54 3.97
N ASP A 80 5.71 -1.83 5.10
CA ASP A 80 6.16 -2.89 6.01
C ASP A 80 5.25 -4.09 5.84
N HIS A 81 5.79 -5.15 5.28
CA HIS A 81 5.02 -6.35 5.00
C HIS A 81 4.38 -6.97 6.23
N ALA A 82 3.04 -6.93 6.25
CA ALA A 82 2.29 -7.52 7.34
C ALA A 82 2.44 -9.05 7.33
N GLY A 83 2.44 -9.63 6.11
CA GLY A 83 2.56 -11.08 5.96
C GLY A 83 3.95 -11.50 5.47
N LYS A 84 4.13 -11.56 4.14
CA LYS A 84 5.40 -11.98 3.55
C LYS A 84 5.71 -13.43 3.93
N MET A 1 5.04 -12.20 12.85
CA MET A 1 3.73 -12.83 12.51
C MET A 1 3.50 -12.70 11.01
N SER A 2 3.63 -13.82 10.30
CA SER A 2 3.44 -13.85 8.85
C SER A 2 2.41 -14.91 8.47
N SER A 3 1.65 -14.64 7.41
CA SER A 3 0.63 -15.57 6.94
C SER A 3 0.33 -15.34 5.46
N GLU A 4 -0.32 -16.31 4.83
CA GLU A 4 -0.67 -16.19 3.41
C GLU A 4 -1.78 -15.16 3.22
N GLU A 5 -1.38 -13.93 2.92
CA GLU A 5 -2.33 -12.84 2.71
C GLU A 5 -1.74 -11.77 1.79
N GLY A 6 -0.43 -11.53 1.93
CA GLY A 6 0.26 -10.54 1.10
C GLY A 6 -0.09 -9.10 1.51
N LYS A 7 -0.54 -8.94 2.76
CA LYS A 7 -0.90 -7.61 3.25
C LYS A 7 0.35 -6.80 3.61
N LEU A 8 0.42 -5.60 3.04
CA LEU A 8 1.54 -4.69 3.30
C LEU A 8 1.04 -3.50 4.11
N PHE A 9 1.89 -2.94 4.96
CA PHE A 9 1.52 -1.78 5.77
C PHE A 9 2.19 -0.51 5.22
N VAL A 10 1.39 0.40 4.67
CA VAL A 10 1.95 1.63 4.09
C VAL A 10 1.81 2.79 5.08
N GLY A 11 2.87 3.59 5.21
CA GLY A 11 2.88 4.73 6.12
C GLY A 11 3.32 5.99 5.40
N GLY A 12 2.94 7.16 5.96
CA GLY A 12 3.27 8.44 5.35
C GLY A 12 2.58 8.59 4.00
N LEU A 13 1.34 8.10 3.91
CA LEU A 13 0.57 8.15 2.67
C LEU A 13 0.31 9.58 2.23
N ASN A 14 0.43 9.80 0.91
CA ASN A 14 0.20 11.13 0.35
C ASN A 14 -1.23 11.56 0.59
N PHE A 15 -1.45 12.87 0.65
CA PHE A 15 -2.78 13.42 0.90
C PHE A 15 -3.78 12.94 -0.15
N ASN A 16 -3.32 12.79 -1.38
CA ASN A 16 -4.19 12.33 -2.47
C ASN A 16 -4.12 10.81 -2.67
N THR A 17 -3.50 10.09 -1.71
CA THR A 17 -3.41 8.64 -1.80
C THR A 17 -4.78 8.04 -1.59
N ASP A 18 -5.14 7.12 -2.47
CA ASP A 18 -6.43 6.47 -2.38
C ASP A 18 -6.29 5.00 -2.70
N GLU A 19 -7.39 4.27 -2.59
CA GLU A 19 -7.39 2.84 -2.88
C GLU A 19 -6.96 2.62 -4.32
N GLN A 20 -7.45 3.47 -5.21
CA GLN A 20 -7.11 3.41 -6.63
C GLN A 20 -5.68 3.86 -6.87
N ALA A 21 -5.26 4.92 -6.19
CA ALA A 21 -3.89 5.43 -6.37
C ALA A 21 -2.90 4.37 -5.94
N LEU A 22 -3.16 3.81 -4.76
CA LEU A 22 -2.30 2.75 -4.22
C LEU A 22 -2.39 1.48 -5.04
N GLU A 23 -3.62 1.09 -5.39
CA GLU A 23 -3.84 -0.12 -6.16
C GLU A 23 -3.13 0.00 -7.52
N ASP A 24 -3.25 1.15 -8.17
CA ASP A 24 -2.63 1.34 -9.48
C ASP A 24 -1.10 1.17 -9.46
N HIS A 25 -0.43 1.88 -8.54
CA HIS A 25 1.04 1.80 -8.46
C HIS A 25 1.52 0.44 -7.96
N PHE A 26 0.86 -0.08 -6.93
CA PHE A 26 1.23 -1.38 -6.38
C PHE A 26 0.89 -2.51 -7.35
N SER A 27 -0.20 -2.33 -8.13
CA SER A 27 -0.59 -3.34 -9.13
C SER A 27 0.53 -3.47 -10.14
N SER A 28 1.10 -2.33 -10.50
CA SER A 28 2.19 -2.30 -11.45
C SER A 28 3.37 -3.11 -10.93
N PHE A 29 3.66 -2.97 -9.63
CA PHE A 29 4.77 -3.71 -9.01
C PHE A 29 4.43 -5.20 -8.86
N GLY A 30 3.17 -5.50 -8.56
CA GLY A 30 2.73 -6.90 -8.39
C GLY A 30 1.19 -6.97 -8.31
N PRO A 31 0.58 -8.15 -8.33
CA PRO A 31 -0.93 -8.27 -8.27
C PRO A 31 -1.49 -7.83 -6.92
N ILE A 32 -2.68 -7.22 -6.94
CA ILE A 32 -3.33 -6.71 -5.72
C ILE A 32 -4.61 -7.48 -5.40
N SER A 33 -4.62 -8.15 -4.24
CA SER A 33 -5.81 -8.89 -3.81
C SER A 33 -6.92 -7.91 -3.44
N GLU A 34 -6.58 -6.94 -2.57
CA GLU A 34 -7.52 -5.92 -2.13
C GLU A 34 -6.78 -4.65 -1.73
N VAL A 35 -7.53 -3.58 -1.46
CA VAL A 35 -6.92 -2.31 -1.07
C VAL A 35 -7.86 -1.56 -0.11
N VAL A 36 -7.28 -1.09 1.00
CA VAL A 36 -8.05 -0.35 2.01
C VAL A 36 -7.20 0.81 2.55
N VAL A 37 -7.53 2.04 2.14
CA VAL A 37 -6.78 3.24 2.57
C VAL A 37 -7.58 3.99 3.63
N VAL A 38 -6.90 4.38 4.70
CA VAL A 38 -7.55 5.14 5.77
C VAL A 38 -7.65 6.59 5.30
N LYS A 39 -8.84 6.99 4.87
CA LYS A 39 -9.09 8.33 4.37
C LYS A 39 -10.08 9.07 5.27
N ASP A 40 -9.84 10.37 5.44
CA ASP A 40 -10.72 11.18 6.25
C ASP A 40 -12.09 11.21 5.61
N ARG A 41 -13.13 10.92 6.38
CA ARG A 41 -14.50 10.92 5.85
C ARG A 41 -15.09 12.34 5.82
N GLU A 42 -14.42 13.27 6.52
CA GLU A 42 -14.87 14.67 6.56
C GLU A 42 -14.02 15.54 5.64
N THR A 43 -12.78 15.12 5.40
CA THR A 43 -11.86 15.85 4.52
C THR A 43 -11.67 15.09 3.20
N GLN A 44 -12.05 13.81 3.18
CA GLN A 44 -11.89 12.97 2.00
C GLN A 44 -10.41 12.98 1.56
N ARG A 45 -9.54 13.09 2.57
CA ARG A 45 -8.11 13.14 2.36
C ARG A 45 -7.41 12.07 3.20
N SER A 46 -6.45 11.39 2.58
CA SER A 46 -5.69 10.33 3.26
C SER A 46 -5.08 10.88 4.54
N ARG A 47 -5.00 10.02 5.55
CA ARG A 47 -4.48 10.41 6.86
C ARG A 47 -3.00 10.02 7.04
N GLY A 48 -2.30 9.72 5.94
CA GLY A 48 -0.90 9.32 6.03
C GLY A 48 -0.75 7.82 6.34
N PHE A 49 -1.86 7.10 6.42
CA PHE A 49 -1.85 5.67 6.71
C PHE A 49 -2.80 4.95 5.75
N GLY A 50 -2.36 3.78 5.27
CA GLY A 50 -3.17 2.99 4.34
C GLY A 50 -2.79 1.53 4.40
N PHE A 51 -3.68 0.70 3.89
CA PHE A 51 -3.49 -0.75 3.87
C PHE A 51 -3.73 -1.27 2.46
N ILE A 52 -2.96 -2.29 2.08
CA ILE A 52 -3.07 -2.89 0.75
C ILE A 52 -2.85 -4.41 0.85
N THR A 53 -3.76 -5.19 0.26
CA THR A 53 -3.65 -6.65 0.32
C THR A 53 -3.25 -7.22 -1.04
N PHE A 54 -2.24 -8.08 -1.02
CA PHE A 54 -1.74 -8.72 -2.24
C PHE A 54 -2.28 -10.12 -2.41
N THR A 55 -2.17 -10.63 -3.63
CA THR A 55 -2.62 -11.96 -3.96
C THR A 55 -1.88 -12.97 -3.12
N ASN A 56 -0.55 -12.82 -3.06
CA ASN A 56 0.29 -13.72 -2.28
C ASN A 56 1.46 -12.98 -1.63
N PRO A 57 1.95 -13.44 -0.48
CA PRO A 57 3.11 -12.80 0.23
C PRO A 57 4.25 -12.44 -0.73
N GLU A 58 4.41 -13.23 -1.78
CA GLU A 58 5.44 -13.00 -2.77
C GLU A 58 5.20 -11.69 -3.51
N HIS A 59 3.93 -11.44 -3.83
CA HIS A 59 3.55 -10.24 -4.55
C HIS A 59 3.67 -9.03 -3.63
N ALA A 60 3.28 -9.23 -2.37
CA ALA A 60 3.39 -8.20 -1.36
C ALA A 60 4.86 -7.82 -1.18
N SER A 61 5.71 -8.86 -1.19
CA SER A 61 7.15 -8.67 -1.02
C SER A 61 7.72 -7.76 -2.10
N VAL A 62 7.29 -7.96 -3.35
CA VAL A 62 7.80 -7.15 -4.46
C VAL A 62 7.41 -5.69 -4.26
N ALA A 63 6.15 -5.44 -3.89
CA ALA A 63 5.68 -4.07 -3.74
C ALA A 63 6.50 -3.31 -2.70
N MET A 64 6.65 -3.88 -1.49
CA MET A 64 7.45 -3.20 -0.48
C MET A 64 8.89 -3.11 -0.93
N ARG A 65 9.35 -4.12 -1.65
CA ARG A 65 10.72 -4.13 -2.14
C ARG A 65 10.93 -2.92 -3.07
N ALA A 66 9.95 -2.68 -3.93
CA ALA A 66 10.03 -1.59 -4.91
C ALA A 66 9.43 -0.26 -4.40
N MET A 67 8.79 -0.25 -3.20
CA MET A 67 8.15 1.00 -2.72
C MET A 67 8.62 1.44 -1.32
N ASN A 68 9.21 0.54 -0.51
CA ASN A 68 9.66 0.91 0.84
C ASN A 68 10.50 2.19 0.83
N GLY A 69 9.94 3.24 1.42
CA GLY A 69 10.61 4.52 1.50
C GLY A 69 10.72 5.19 0.12
N GLU A 70 9.75 4.90 -0.74
CA GLU A 70 9.75 5.42 -2.12
C GLU A 70 8.59 6.36 -2.40
N SER A 71 8.91 7.44 -3.11
CA SER A 71 7.98 8.48 -3.49
C SER A 71 6.73 7.92 -4.16
N LEU A 72 5.65 7.90 -3.40
CA LEU A 72 4.35 7.49 -3.91
C LEU A 72 3.56 8.76 -4.11
N ASP A 73 3.19 9.04 -5.36
CA ASP A 73 2.48 10.28 -5.69
C ASP A 73 3.34 11.49 -5.25
N GLY A 74 4.67 11.33 -5.35
CA GLY A 74 5.62 12.38 -4.99
C GLY A 74 5.87 12.49 -3.48
N ARG A 75 5.46 11.48 -2.72
CA ARG A 75 5.69 11.48 -1.27
C ARG A 75 6.09 10.09 -0.83
N GLN A 76 7.31 9.97 -0.33
CA GLN A 76 7.83 8.68 0.07
C GLN A 76 6.98 8.03 1.16
N ILE A 77 6.73 6.74 0.98
CA ILE A 77 5.93 5.95 1.92
C ILE A 77 6.70 4.72 2.32
N ARG A 78 6.45 4.24 3.54
CA ARG A 78 7.14 3.07 4.05
C ARG A 78 6.21 1.87 4.02
N VAL A 79 6.57 0.89 3.23
CA VAL A 79 5.76 -0.31 3.09
C VAL A 79 6.38 -1.44 3.92
N ASP A 80 5.73 -1.76 5.04
CA ASP A 80 6.18 -2.83 5.91
C ASP A 80 5.26 -4.01 5.73
N HIS A 81 5.78 -5.07 5.16
CA HIS A 81 4.98 -6.25 4.87
C HIS A 81 4.38 -6.87 6.12
N ALA A 82 3.05 -6.84 6.19
CA ALA A 82 2.33 -7.45 7.31
C ALA A 82 2.57 -8.96 7.35
N GLY A 83 2.61 -9.57 6.15
CA GLY A 83 2.80 -11.02 6.04
C GLY A 83 4.17 -11.37 5.44
N LYS A 84 4.23 -11.45 4.10
CA LYS A 84 5.46 -11.80 3.39
C LYS A 84 5.88 -13.23 3.76
N MET A 1 -6.63 -18.56 -2.75
CA MET A 1 -6.35 -17.47 -1.76
C MET A 1 -4.84 -17.27 -1.63
N SER A 2 -4.46 -16.29 -0.81
CA SER A 2 -3.05 -16.00 -0.58
C SER A 2 -2.43 -17.08 0.27
N SER A 3 -1.09 -17.16 0.25
CA SER A 3 -0.39 -18.17 1.05
C SER A 3 -0.59 -17.84 2.52
N GLU A 4 -0.42 -16.56 2.83
CA GLU A 4 -0.60 -16.06 4.18
C GLU A 4 -1.59 -14.90 4.18
N GLU A 5 -1.33 -13.89 3.33
CA GLU A 5 -2.21 -12.72 3.22
C GLU A 5 -1.70 -11.71 2.17
N GLY A 6 -0.38 -11.60 2.05
CA GLY A 6 0.25 -10.66 1.11
C GLY A 6 -0.09 -9.20 1.48
N LYS A 7 -0.43 -8.97 2.75
CA LYS A 7 -0.78 -7.61 3.20
C LYS A 7 0.46 -6.81 3.58
N LEU A 8 0.55 -5.62 2.99
CA LEU A 8 1.65 -4.70 3.27
C LEU A 8 1.12 -3.50 4.05
N PHE A 9 1.96 -2.91 4.89
CA PHE A 9 1.57 -1.74 5.68
C PHE A 9 2.22 -0.49 5.09
N VAL A 10 1.42 0.37 4.47
CA VAL A 10 1.96 1.60 3.86
C VAL A 10 1.78 2.77 4.81
N GLY A 11 2.88 3.47 5.10
CA GLY A 11 2.84 4.63 6.00
C GLY A 11 3.23 5.91 5.27
N GLY A 12 2.79 7.05 5.83
CA GLY A 12 3.07 8.36 5.24
C GLY A 12 2.35 8.52 3.90
N LEU A 13 1.14 7.95 3.81
CA LEU A 13 0.36 8.04 2.57
C LEU A 13 0.06 9.48 2.18
N ASN A 14 0.23 9.76 0.89
CA ASN A 14 0.00 11.10 0.33
C ASN A 14 -1.46 11.50 0.47
N PHE A 15 -1.67 12.79 0.71
CA PHE A 15 -3.02 13.35 0.87
C PHE A 15 -3.95 12.92 -0.26
N ASN A 16 -3.40 12.70 -1.44
CA ASN A 16 -4.20 12.29 -2.60
C ASN A 16 -4.07 10.78 -2.87
N THR A 17 -3.83 10.02 -1.80
CA THR A 17 -3.70 8.58 -1.90
C THR A 17 -5.07 7.94 -1.72
N ASP A 18 -5.37 6.96 -2.57
CA ASP A 18 -6.63 6.29 -2.52
C ASP A 18 -6.46 4.82 -2.87
N GLU A 19 -7.55 4.07 -2.80
CA GLU A 19 -7.50 2.64 -3.11
C GLU A 19 -7.01 2.45 -4.54
N GLN A 20 -7.49 3.30 -5.42
CA GLN A 20 -7.08 3.26 -6.82
C GLN A 20 -5.65 3.74 -7.01
N ALA A 21 -5.28 4.79 -6.28
CA ALA A 21 -3.92 5.33 -6.39
C ALA A 21 -2.91 4.29 -5.93
N LEU A 22 -3.20 3.70 -4.78
CA LEU A 22 -2.33 2.66 -4.23
C LEU A 22 -2.39 1.38 -5.05
N GLU A 23 -3.60 0.98 -5.43
CA GLU A 23 -3.76 -0.23 -6.22
C GLU A 23 -3.05 -0.10 -7.55
N ASP A 24 -3.17 1.07 -8.19
CA ASP A 24 -2.53 1.28 -9.50
C ASP A 24 -1.01 1.13 -9.44
N HIS A 25 -0.37 1.83 -8.50
CA HIS A 25 1.10 1.76 -8.38
C HIS A 25 1.58 0.39 -7.89
N PHE A 26 0.90 -0.14 -6.89
CA PHE A 26 1.28 -1.44 -6.32
C PHE A 26 0.96 -2.58 -7.31
N SER A 27 -0.10 -2.40 -8.11
CA SER A 27 -0.46 -3.40 -9.12
C SER A 27 0.66 -3.51 -10.12
N SER A 28 1.23 -2.36 -10.47
CA SER A 28 2.32 -2.30 -11.41
C SER A 28 3.50 -3.09 -10.88
N PHE A 29 3.79 -2.95 -9.58
CA PHE A 29 4.90 -3.68 -8.96
C PHE A 29 4.59 -5.19 -8.82
N GLY A 30 3.33 -5.51 -8.52
CA GLY A 30 2.91 -6.91 -8.37
C GLY A 30 1.38 -7.00 -8.31
N PRO A 31 0.78 -8.20 -8.34
CA PRO A 31 -0.72 -8.33 -8.30
C PRO A 31 -1.32 -7.90 -6.97
N ILE A 32 -2.52 -7.31 -7.00
CA ILE A 32 -3.18 -6.82 -5.79
C ILE A 32 -4.47 -7.60 -5.48
N SER A 33 -4.50 -8.27 -4.33
CA SER A 33 -5.68 -9.01 -3.90
C SER A 33 -6.80 -8.03 -3.52
N GLU A 34 -6.42 -6.99 -2.76
CA GLU A 34 -7.36 -5.98 -2.30
C GLU A 34 -6.61 -4.71 -1.91
N VAL A 35 -7.34 -3.60 -1.78
CA VAL A 35 -6.72 -2.33 -1.40
C VAL A 35 -7.67 -1.51 -0.51
N VAL A 36 -7.10 -0.91 0.53
CA VAL A 36 -7.87 -0.11 1.48
C VAL A 36 -7.05 1.11 1.91
N VAL A 37 -7.67 2.29 1.86
CA VAL A 37 -7.00 3.53 2.26
C VAL A 37 -7.87 4.28 3.27
N VAL A 38 -7.27 4.74 4.35
CA VAL A 38 -8.00 5.49 5.38
C VAL A 38 -8.16 6.94 4.91
N LYS A 39 -9.40 7.40 4.85
CA LYS A 39 -9.70 8.77 4.42
C LYS A 39 -10.34 9.56 5.55
N ASP A 40 -10.07 10.85 5.59
CA ASP A 40 -10.63 11.72 6.59
C ASP A 40 -12.11 11.94 6.27
N ARG A 41 -12.96 11.85 7.28
CA ARG A 41 -14.40 12.04 7.05
C ARG A 41 -14.78 13.52 6.98
N GLU A 42 -13.85 14.40 7.40
CA GLU A 42 -14.09 15.84 7.38
C GLU A 42 -13.33 16.51 6.23
N THR A 43 -12.25 15.87 5.77
CA THR A 43 -11.43 16.42 4.69
C THR A 43 -11.46 15.51 3.46
N GLN A 44 -11.86 14.26 3.65
CA GLN A 44 -11.89 13.27 2.58
C GLN A 44 -10.48 13.12 2.00
N ARG A 45 -9.49 13.28 2.90
CA ARG A 45 -8.08 13.20 2.56
C ARG A 45 -7.45 11.97 3.21
N SER A 46 -6.47 11.42 2.53
CA SER A 46 -5.75 10.24 3.03
C SER A 46 -5.23 10.52 4.44
N ARG A 47 -5.26 9.49 5.28
CA ARG A 47 -4.85 9.61 6.68
C ARG A 47 -3.35 9.34 6.86
N GLY A 48 -2.63 9.09 5.77
CA GLY A 48 -1.19 8.81 5.85
C GLY A 48 -0.93 7.33 6.20
N PHE A 49 -1.98 6.51 6.24
CA PHE A 49 -1.85 5.10 6.55
C PHE A 49 -2.97 4.31 5.87
N GLY A 50 -2.58 3.29 5.09
CA GLY A 50 -3.55 2.48 4.39
C GLY A 50 -3.12 1.01 4.38
N PHE A 51 -4.08 0.12 4.16
CA PHE A 51 -3.80 -1.32 4.11
C PHE A 51 -4.03 -1.84 2.68
N ILE A 52 -3.01 -2.52 2.14
CA ILE A 52 -3.09 -3.06 0.79
C ILE A 52 -2.82 -4.58 0.84
N THR A 53 -3.73 -5.37 0.25
CA THR A 53 -3.59 -6.82 0.27
C THR A 53 -3.16 -7.36 -1.10
N PHE A 54 -2.13 -8.20 -1.09
CA PHE A 54 -1.62 -8.83 -2.31
C PHE A 54 -2.15 -10.22 -2.50
N THR A 55 -2.03 -10.71 -3.72
CA THR A 55 -2.47 -12.04 -4.09
C THR A 55 -1.73 -13.06 -3.23
N ASN A 56 -0.42 -12.90 -3.16
CA ASN A 56 0.41 -13.81 -2.38
C ASN A 56 1.55 -13.04 -1.67
N PRO A 57 2.01 -13.49 -0.50
CA PRO A 57 3.14 -12.83 0.24
C PRO A 57 4.32 -12.50 -0.66
N GLU A 58 4.50 -13.29 -1.72
CA GLU A 58 5.59 -13.05 -2.67
C GLU A 58 5.36 -11.75 -3.42
N HIS A 59 4.10 -11.50 -3.77
CA HIS A 59 3.74 -10.29 -4.49
C HIS A 59 3.83 -9.09 -3.56
N ALA A 60 3.39 -9.31 -2.32
CA ALA A 60 3.45 -8.28 -1.30
C ALA A 60 4.91 -7.90 -1.05
N SER A 61 5.77 -8.93 -1.03
CA SER A 61 7.21 -8.73 -0.81
C SER A 61 7.82 -7.82 -1.86
N VAL A 62 7.45 -8.03 -3.14
CA VAL A 62 8.02 -7.21 -4.22
C VAL A 62 7.62 -5.75 -4.05
N ALA A 63 6.35 -5.51 -3.68
CA ALA A 63 5.87 -4.14 -3.55
C ALA A 63 6.69 -3.38 -2.54
N MET A 64 6.94 -3.95 -1.35
CA MET A 64 7.76 -3.24 -0.36
C MET A 64 9.18 -3.06 -0.89
N ARG A 65 9.68 -4.05 -1.63
CA ARG A 65 11.02 -3.98 -2.18
C ARG A 65 11.13 -2.80 -3.13
N ALA A 66 10.10 -2.62 -3.96
CA ALA A 66 10.11 -1.53 -4.94
C ALA A 66 9.45 -0.23 -4.45
N MET A 67 8.79 -0.25 -3.27
CA MET A 67 8.10 0.97 -2.80
C MET A 67 8.50 1.44 -1.39
N ASN A 68 9.08 0.57 -0.55
CA ASN A 68 9.45 0.99 0.82
C ASN A 68 10.35 2.23 0.78
N GLY A 69 9.84 3.31 1.36
CA GLY A 69 10.54 4.56 1.41
C GLY A 69 10.61 5.21 0.02
N GLU A 70 9.63 4.90 -0.84
CA GLU A 70 9.62 5.43 -2.21
C GLU A 70 8.47 6.39 -2.47
N SER A 71 8.79 7.42 -3.25
CA SER A 71 7.85 8.48 -3.62
C SER A 71 6.59 7.96 -4.28
N LEU A 72 5.51 7.96 -3.50
CA LEU A 72 4.21 7.60 -4.00
C LEU A 72 3.44 8.90 -4.15
N ASP A 73 3.07 9.22 -5.39
CA ASP A 73 2.39 10.49 -5.67
C ASP A 73 3.29 11.66 -5.21
N GLY A 74 4.61 11.46 -5.36
CA GLY A 74 5.60 12.48 -5.00
C GLY A 74 5.85 12.58 -3.49
N ARG A 75 5.43 11.56 -2.74
CA ARG A 75 5.64 11.54 -1.30
C ARG A 75 6.04 10.13 -0.89
N GLN A 76 7.25 10.00 -0.33
CA GLN A 76 7.74 8.69 0.04
C GLN A 76 6.89 8.04 1.11
N ILE A 77 6.58 6.77 0.88
CA ILE A 77 5.78 5.96 1.79
C ILE A 77 6.57 4.76 2.21
N ARG A 78 6.32 4.27 3.43
CA ARG A 78 7.04 3.12 3.94
C ARG A 78 6.15 1.90 3.95
N VAL A 79 6.60 0.88 3.22
CA VAL A 79 5.85 -0.36 3.10
C VAL A 79 6.45 -1.43 4.00
N ASP A 80 5.76 -1.72 5.10
CA ASP A 80 6.19 -2.74 6.05
C ASP A 80 5.26 -3.93 5.88
N HIS A 81 5.80 -5.01 5.35
CA HIS A 81 5.01 -6.21 5.08
C HIS A 81 4.34 -6.78 6.31
N ALA A 82 3.01 -6.73 6.29
CA ALA A 82 2.21 -7.30 7.37
C ALA A 82 2.42 -8.82 7.44
N GLY A 83 2.51 -9.45 6.26
CA GLY A 83 2.69 -10.90 6.17
C GLY A 83 4.05 -11.29 5.58
N LYS A 84 4.11 -11.40 4.24
CA LYS A 84 5.35 -11.79 3.54
C LYS A 84 5.70 -13.23 3.93
N MET A 1 -0.34 -8.42 10.46
CA MET A 1 -1.57 -9.17 10.86
C MET A 1 -1.96 -10.16 9.75
N SER A 2 -0.95 -10.80 9.16
CA SER A 2 -1.19 -11.77 8.09
C SER A 2 -0.07 -12.80 8.05
N SER A 3 -0.35 -13.94 7.42
CA SER A 3 0.63 -15.02 7.30
C SER A 3 0.85 -15.42 5.83
N GLU A 4 -0.17 -15.19 5.00
CA GLU A 4 -0.10 -15.52 3.58
C GLU A 4 -1.10 -14.69 2.76
N GLU A 5 -1.60 -13.60 3.34
CA GLU A 5 -2.56 -12.73 2.65
C GLU A 5 -1.85 -11.70 1.74
N GLY A 6 -0.53 -11.58 1.88
CA GLY A 6 0.25 -10.63 1.07
C GLY A 6 -0.03 -9.18 1.46
N LYS A 7 -0.49 -8.98 2.69
CA LYS A 7 -0.80 -7.64 3.18
C LYS A 7 0.46 -6.86 3.54
N LEU A 8 0.52 -5.64 3.03
CA LEU A 8 1.63 -4.73 3.29
C LEU A 8 1.11 -3.52 4.05
N PHE A 9 1.95 -2.93 4.90
CA PHE A 9 1.53 -1.74 5.67
C PHE A 9 2.20 -0.49 5.11
N VAL A 10 1.42 0.36 4.44
CA VAL A 10 1.96 1.59 3.85
C VAL A 10 1.78 2.77 4.82
N GLY A 11 2.88 3.48 5.07
CA GLY A 11 2.86 4.63 5.97
C GLY A 11 3.28 5.91 5.25
N GLY A 12 2.87 7.05 5.80
CA GLY A 12 3.19 8.34 5.21
C GLY A 12 2.47 8.52 3.88
N LEU A 13 1.24 7.98 3.79
CA LEU A 13 0.46 8.07 2.56
C LEU A 13 0.18 9.52 2.16
N ASN A 14 0.29 9.77 0.85
CA ASN A 14 0.06 11.10 0.29
C ASN A 14 -1.39 11.51 0.50
N PHE A 15 -1.60 12.79 0.76
CA PHE A 15 -2.94 13.33 1.00
C PHE A 15 -3.92 12.94 -0.14
N ASN A 16 -3.36 12.72 -1.35
CA ASN A 16 -4.19 12.35 -2.50
C ASN A 16 -4.10 10.84 -2.79
N THR A 17 -3.77 10.06 -1.76
CA THR A 17 -3.66 8.62 -1.88
C THR A 17 -5.03 7.99 -1.74
N ASP A 18 -5.35 7.10 -2.66
CA ASP A 18 -6.63 6.41 -2.65
C ASP A 18 -6.43 4.94 -2.90
N GLU A 19 -7.51 4.18 -2.78
CA GLU A 19 -7.45 2.75 -3.02
C GLU A 19 -6.99 2.50 -4.44
N GLN A 20 -7.48 3.32 -5.36
CA GLN A 20 -7.10 3.22 -6.77
C GLN A 20 -5.68 3.71 -6.99
N ALA A 21 -5.29 4.79 -6.31
CA ALA A 21 -3.94 5.33 -6.47
C ALA A 21 -2.93 4.31 -5.99
N LEU A 22 -3.20 3.76 -4.81
CA LEU A 22 -2.32 2.73 -4.24
C LEU A 22 -2.38 1.43 -5.04
N GLU A 23 -3.59 1.02 -5.41
CA GLU A 23 -3.77 -0.20 -6.17
C GLU A 23 -3.03 -0.10 -7.50
N ASP A 24 -3.15 1.04 -8.18
CA ASP A 24 -2.51 1.22 -9.49
C ASP A 24 -0.98 1.10 -9.43
N HIS A 25 -0.34 1.81 -8.49
CA HIS A 25 1.13 1.77 -8.38
C HIS A 25 1.63 0.43 -7.88
N PHE A 26 0.96 -0.11 -6.86
CA PHE A 26 1.33 -1.40 -6.29
C PHE A 26 1.01 -2.53 -7.28
N SER A 27 -0.03 -2.33 -8.11
CA SER A 27 -0.40 -3.32 -9.12
C SER A 27 0.75 -3.48 -10.08
N SER A 28 1.34 -2.34 -10.44
CA SER A 28 2.46 -2.32 -11.35
C SER A 28 3.61 -3.12 -10.77
N PHE A 29 3.86 -2.96 -9.46
CA PHE A 29 4.94 -3.69 -8.80
C PHE A 29 4.60 -5.18 -8.67
N GLY A 30 3.32 -5.49 -8.42
CA GLY A 30 2.86 -6.88 -8.27
C GLY A 30 1.33 -6.94 -8.24
N PRO A 31 0.70 -8.12 -8.29
CA PRO A 31 -0.80 -8.24 -8.27
C PRO A 31 -1.40 -7.80 -6.92
N ILE A 32 -2.58 -7.16 -6.98
CA ILE A 32 -3.25 -6.67 -5.76
C ILE A 32 -4.54 -7.43 -5.50
N SER A 33 -4.59 -8.16 -4.38
CA SER A 33 -5.80 -8.91 -4.00
C SER A 33 -6.89 -7.93 -3.54
N GLU A 34 -6.47 -6.90 -2.78
CA GLU A 34 -7.41 -5.90 -2.27
C GLU A 34 -6.65 -4.65 -1.86
N VAL A 35 -7.38 -3.53 -1.71
CA VAL A 35 -6.75 -2.28 -1.32
C VAL A 35 -7.69 -1.45 -0.44
N VAL A 36 -7.13 -0.86 0.61
CA VAL A 36 -7.89 -0.04 1.56
C VAL A 36 -7.04 1.17 1.99
N VAL A 37 -7.65 2.36 1.99
CA VAL A 37 -6.95 3.58 2.40
C VAL A 37 -7.76 4.29 3.48
N VAL A 38 -7.10 4.67 4.57
CA VAL A 38 -7.77 5.38 5.65
C VAL A 38 -7.85 6.86 5.26
N LYS A 39 -9.02 7.27 4.78
CA LYS A 39 -9.23 8.65 4.36
C LYS A 39 -10.16 9.36 5.34
N ASP A 40 -9.88 10.64 5.58
CA ASP A 40 -10.69 11.43 6.48
C ASP A 40 -12.10 11.54 5.88
N ARG A 41 -13.11 11.22 6.68
CA ARG A 41 -14.50 11.30 6.20
C ARG A 41 -15.03 12.74 6.28
N GLU A 42 -14.32 13.61 7.00
CA GLU A 42 -14.72 15.02 7.13
C GLU A 42 -13.85 15.91 6.24
N THR A 43 -12.64 15.45 5.94
CA THR A 43 -11.71 16.21 5.09
C THR A 43 -11.57 15.53 3.72
N GLN A 44 -12.00 14.27 3.63
CA GLN A 44 -11.89 13.49 2.40
C GLN A 44 -10.43 13.49 1.92
N ARG A 45 -9.53 13.50 2.90
CA ARG A 45 -8.09 13.52 2.66
C ARG A 45 -7.41 12.35 3.37
N SER A 46 -6.49 11.71 2.66
CA SER A 46 -5.75 10.57 3.20
C SER A 46 -5.09 10.97 4.53
N ARG A 47 -5.01 10.01 5.44
CA ARG A 47 -4.46 10.25 6.77
C ARG A 47 -2.98 9.84 6.90
N GLY A 48 -2.37 9.44 5.79
CA GLY A 48 -0.96 9.03 5.81
C GLY A 48 -0.80 7.56 6.24
N PHE A 49 -1.90 6.80 6.22
CA PHE A 49 -1.84 5.39 6.59
C PHE A 49 -2.94 4.62 5.86
N GLY A 50 -2.55 3.50 5.24
CA GLY A 50 -3.49 2.68 4.49
C GLY A 50 -3.03 1.22 4.47
N PHE A 51 -3.95 0.33 4.10
CA PHE A 51 -3.65 -1.10 4.02
C PHE A 51 -3.85 -1.59 2.59
N ILE A 52 -2.97 -2.47 2.13
CA ILE A 52 -3.05 -3.02 0.78
C ILE A 52 -2.81 -4.54 0.83
N THR A 53 -3.73 -5.32 0.27
CA THR A 53 -3.60 -6.78 0.30
C THR A 53 -3.24 -7.34 -1.07
N PHE A 54 -2.21 -8.19 -1.07
CA PHE A 54 -1.72 -8.82 -2.30
C PHE A 54 -2.26 -10.22 -2.48
N THR A 55 -2.12 -10.72 -3.70
CA THR A 55 -2.55 -12.05 -4.06
C THR A 55 -1.83 -13.07 -3.19
N ASN A 56 -0.51 -12.91 -3.10
CA ASN A 56 0.32 -13.81 -2.32
C ASN A 56 1.49 -13.07 -1.66
N PRO A 57 1.98 -13.52 -0.50
CA PRO A 57 3.13 -12.86 0.21
C PRO A 57 4.31 -12.56 -0.72
N GLU A 58 4.41 -13.33 -1.80
CA GLU A 58 5.48 -13.13 -2.78
C GLU A 58 5.27 -11.80 -3.50
N HIS A 59 4.01 -11.51 -3.81
CA HIS A 59 3.66 -10.29 -4.50
C HIS A 59 3.79 -9.11 -3.54
N ALA A 60 3.40 -9.36 -2.28
CA ALA A 60 3.51 -8.34 -1.24
C ALA A 60 4.97 -7.95 -1.07
N SER A 61 5.84 -8.97 -0.96
CA SER A 61 7.27 -8.73 -0.77
C SER A 61 7.85 -7.86 -1.89
N VAL A 62 7.38 -8.06 -3.12
CA VAL A 62 7.89 -7.27 -4.25
C VAL A 62 7.51 -5.80 -4.07
N ALA A 63 6.25 -5.54 -3.69
CA ALA A 63 5.79 -4.17 -3.56
C ALA A 63 6.63 -3.41 -2.54
N MET A 64 6.83 -3.99 -1.35
CA MET A 64 7.66 -3.31 -0.34
C MET A 64 9.09 -3.22 -0.82
N ARG A 65 9.54 -4.24 -1.54
CA ARG A 65 10.90 -4.25 -2.06
C ARG A 65 11.11 -3.05 -2.98
N ALA A 66 10.12 -2.83 -3.86
CA ALA A 66 10.21 -1.74 -4.83
C ALA A 66 9.56 -0.42 -4.36
N MET A 67 8.91 -0.40 -3.18
CA MET A 67 8.22 0.82 -2.71
C MET A 67 8.64 1.32 -1.33
N ASN A 68 9.28 0.49 -0.48
CA ASN A 68 9.67 0.96 0.86
C ASN A 68 10.43 2.27 0.80
N GLY A 69 9.80 3.32 1.32
CA GLY A 69 10.40 4.64 1.33
C GLY A 69 10.46 5.24 -0.08
N GLU A 70 9.50 4.85 -0.93
CA GLU A 70 9.47 5.31 -2.32
C GLU A 70 8.33 6.31 -2.57
N SER A 71 8.68 7.35 -3.32
CA SER A 71 7.76 8.43 -3.68
C SER A 71 6.48 7.94 -4.31
N LEU A 72 5.42 8.00 -3.53
CA LEU A 72 4.08 7.65 -3.99
C LEU A 72 3.34 8.98 -4.16
N ASP A 73 2.95 9.28 -5.39
CA ASP A 73 2.29 10.56 -5.68
C ASP A 73 3.20 11.72 -5.24
N GLY A 74 4.52 11.50 -5.35
CA GLY A 74 5.52 12.52 -5.00
C GLY A 74 5.81 12.57 -3.49
N ARG A 75 5.39 11.55 -2.74
CA ARG A 75 5.64 11.51 -1.31
C ARG A 75 6.05 10.10 -0.92
N GLN A 76 7.27 9.96 -0.42
CA GLN A 76 7.78 8.64 -0.05
C GLN A 76 6.93 8.01 1.04
N ILE A 77 6.57 6.75 0.79
CA ILE A 77 5.78 5.95 1.72
C ILE A 77 6.56 4.74 2.14
N ARG A 78 6.33 4.30 3.38
CA ARG A 78 7.04 3.15 3.91
C ARG A 78 6.14 1.94 3.93
N VAL A 79 6.58 0.90 3.23
CA VAL A 79 5.80 -0.33 3.13
C VAL A 79 6.42 -1.41 4.02
N ASP A 80 5.71 -1.72 5.12
CA ASP A 80 6.15 -2.74 6.06
C ASP A 80 5.25 -3.94 5.88
N HIS A 81 5.83 -5.00 5.35
CA HIS A 81 5.09 -6.21 5.06
C HIS A 81 4.40 -6.81 6.27
N ALA A 82 3.06 -6.85 6.19
CA ALA A 82 2.27 -7.44 7.27
C ALA A 82 2.61 -8.93 7.42
N GLY A 83 2.81 -9.63 6.28
CA GLY A 83 3.14 -11.06 6.32
C GLY A 83 3.61 -11.61 4.97
N LYS A 84 4.71 -11.09 4.44
CA LYS A 84 5.27 -11.57 3.17
C LYS A 84 5.66 -13.06 3.28
N MET A 1 -3.72 -4.72 12.14
CA MET A 1 -4.20 -5.89 11.37
C MET A 1 -3.08 -6.40 10.46
N SER A 2 -2.89 -7.71 10.44
CA SER A 2 -1.85 -8.33 9.61
C SER A 2 -2.30 -9.71 9.13
N SER A 3 -2.00 -10.02 7.86
CA SER A 3 -2.36 -11.32 7.29
C SER A 3 -1.21 -11.88 6.47
N GLU A 4 -1.17 -13.21 6.36
CA GLU A 4 -0.13 -13.89 5.59
C GLU A 4 -0.54 -14.03 4.12
N GLU A 5 -1.56 -13.28 3.71
CA GLU A 5 -2.05 -13.32 2.34
C GLU A 5 -1.34 -12.31 1.44
N GLY A 6 -0.39 -11.56 2.00
CA GLY A 6 0.35 -10.56 1.23
C GLY A 6 -0.01 -9.13 1.62
N LYS A 7 -0.54 -8.95 2.83
CA LYS A 7 -0.91 -7.62 3.30
C LYS A 7 0.32 -6.83 3.72
N LEU A 8 0.45 -5.63 3.15
CA LEU A 8 1.56 -4.74 3.44
C LEU A 8 1.06 -3.54 4.22
N PHE A 9 1.89 -2.98 5.08
CA PHE A 9 1.51 -1.80 5.87
C PHE A 9 2.19 -0.56 5.28
N VAL A 10 1.40 0.33 4.67
CA VAL A 10 1.97 1.54 4.05
C VAL A 10 1.81 2.73 4.99
N GLY A 11 2.90 3.50 5.14
CA GLY A 11 2.89 4.68 6.00
C GLY A 11 3.33 5.93 5.23
N GLY A 12 2.99 7.10 5.77
CA GLY A 12 3.33 8.37 5.12
C GLY A 12 2.57 8.53 3.81
N LEU A 13 1.33 8.04 3.79
CA LEU A 13 0.50 8.09 2.58
C LEU A 13 0.21 9.53 2.17
N ASN A 14 0.34 9.79 0.87
CA ASN A 14 0.10 11.12 0.31
C ASN A 14 -1.36 11.51 0.52
N PHE A 15 -1.59 12.79 0.77
CA PHE A 15 -2.94 13.31 1.01
C PHE A 15 -3.92 12.88 -0.09
N ASN A 16 -3.40 12.64 -1.30
CA ASN A 16 -4.24 12.24 -2.43
C ASN A 16 -4.13 10.74 -2.73
N THR A 17 -3.73 9.95 -1.72
CA THR A 17 -3.62 8.50 -1.90
C THR A 17 -4.94 7.85 -1.53
N ASP A 18 -5.41 6.97 -2.41
CA ASP A 18 -6.67 6.27 -2.19
C ASP A 18 -6.57 4.84 -2.70
N GLU A 19 -7.70 4.14 -2.77
CA GLU A 19 -7.70 2.76 -3.24
C GLU A 19 -7.17 2.69 -4.66
N GLN A 20 -7.57 3.66 -5.49
CA GLN A 20 -7.14 3.69 -6.88
C GLN A 20 -5.68 4.06 -7.02
N ALA A 21 -5.21 5.04 -6.24
CA ALA A 21 -3.81 5.45 -6.31
C ALA A 21 -2.93 4.36 -5.75
N LEU A 22 -3.36 3.80 -4.64
CA LEU A 22 -2.63 2.74 -3.98
C LEU A 22 -2.59 1.50 -4.86
N GLU A 23 -3.76 1.12 -5.38
CA GLU A 23 -3.88 -0.06 -6.22
C GLU A 23 -3.12 0.12 -7.53
N ASP A 24 -3.23 1.29 -8.17
CA ASP A 24 -2.57 1.52 -9.47
C ASP A 24 -1.04 1.36 -9.41
N HIS A 25 -0.38 2.01 -8.45
CA HIS A 25 1.08 1.94 -8.35
C HIS A 25 1.57 0.56 -7.90
N PHE A 26 0.91 0.00 -6.89
CA PHE A 26 1.27 -1.30 -6.37
C PHE A 26 0.91 -2.41 -7.38
N SER A 27 -0.16 -2.20 -8.15
CA SER A 27 -0.56 -3.16 -9.18
C SER A 27 0.56 -3.30 -10.18
N SER A 28 1.14 -2.15 -10.53
CA SER A 28 2.24 -2.11 -11.47
C SER A 28 3.41 -2.93 -10.94
N PHE A 29 3.68 -2.80 -9.64
CA PHE A 29 4.79 -3.55 -9.03
C PHE A 29 4.45 -5.05 -8.91
N GLY A 30 3.19 -5.36 -8.63
CA GLY A 30 2.76 -6.76 -8.49
C GLY A 30 1.22 -6.85 -8.42
N PRO A 31 0.61 -8.03 -8.37
CA PRO A 31 -0.89 -8.16 -8.31
C PRO A 31 -1.45 -7.70 -6.97
N ILE A 32 -2.65 -7.10 -7.01
CA ILE A 32 -3.30 -6.59 -5.79
C ILE A 32 -4.58 -7.37 -5.47
N SER A 33 -4.58 -8.10 -4.35
CA SER A 33 -5.76 -8.85 -3.91
C SER A 33 -6.87 -7.89 -3.50
N GLU A 34 -6.50 -6.88 -2.72
CA GLU A 34 -7.45 -5.87 -2.25
C GLU A 34 -6.70 -4.59 -1.90
N VAL A 35 -7.43 -3.49 -1.72
CA VAL A 35 -6.82 -2.21 -1.40
C VAL A 35 -7.74 -1.39 -0.47
N VAL A 36 -7.15 -0.85 0.61
CA VAL A 36 -7.92 -0.06 1.57
C VAL A 36 -7.07 1.08 2.14
N VAL A 37 -7.20 2.28 1.59
CA VAL A 37 -6.47 3.46 2.09
C VAL A 37 -7.33 4.19 3.12
N VAL A 38 -6.74 4.52 4.27
CA VAL A 38 -7.46 5.22 5.32
C VAL A 38 -7.54 6.71 4.96
N LYS A 39 -8.77 7.21 4.77
CA LYS A 39 -8.97 8.61 4.44
C LYS A 39 -9.90 9.27 5.43
N ASP A 40 -9.76 10.59 5.56
CA ASP A 40 -10.59 11.35 6.46
C ASP A 40 -12.03 11.30 5.96
N ARG A 41 -12.96 11.00 6.85
CA ARG A 41 -14.38 10.92 6.46
C ARG A 41 -15.00 12.31 6.26
N GLU A 42 -14.31 13.35 6.77
CA GLU A 42 -14.81 14.73 6.65
C GLU A 42 -14.05 15.51 5.57
N THR A 43 -12.79 15.12 5.32
CA THR A 43 -11.97 15.78 4.30
C THR A 43 -11.74 14.88 3.09
N GLN A 44 -12.02 13.58 3.26
CA GLN A 44 -11.81 12.59 2.22
C GLN A 44 -10.34 12.65 1.77
N ARG A 45 -9.47 12.94 2.72
CA ARG A 45 -8.04 13.05 2.51
C ARG A 45 -7.30 12.00 3.34
N SER A 46 -6.34 11.35 2.70
CA SER A 46 -5.53 10.32 3.36
C SER A 46 -4.93 10.87 4.66
N ARG A 47 -4.89 10.01 5.67
CA ARG A 47 -4.37 10.40 6.98
C ARG A 47 -2.90 9.99 7.15
N GLY A 48 -2.20 9.78 6.04
CA GLY A 48 -0.80 9.37 6.09
C GLY A 48 -0.65 7.86 6.31
N PHE A 49 -1.78 7.13 6.33
CA PHE A 49 -1.74 5.68 6.53
C PHE A 49 -2.71 5.00 5.58
N GLY A 50 -2.35 3.79 5.12
CA GLY A 50 -3.17 3.02 4.21
C GLY A 50 -2.83 1.54 4.31
N PHE A 51 -3.74 0.71 3.78
CA PHE A 51 -3.57 -0.74 3.80
C PHE A 51 -3.75 -1.28 2.39
N ILE A 52 -3.00 -2.33 2.07
CA ILE A 52 -3.05 -2.95 0.76
C ILE A 52 -2.92 -4.47 0.89
N THR A 53 -3.80 -5.22 0.22
CA THR A 53 -3.75 -6.69 0.30
C THR A 53 -3.31 -7.28 -1.03
N PHE A 54 -2.27 -8.12 -0.98
CA PHE A 54 -1.74 -8.78 -2.18
C PHE A 54 -2.28 -10.18 -2.32
N THR A 55 -2.11 -10.71 -3.53
CA THR A 55 -2.56 -12.05 -3.85
C THR A 55 -1.81 -13.05 -2.96
N ASN A 56 -0.49 -12.88 -2.90
CA ASN A 56 0.36 -13.75 -2.11
C ASN A 56 1.55 -12.97 -1.51
N PRO A 57 2.07 -13.38 -0.35
CA PRO A 57 3.24 -12.68 0.29
C PRO A 57 4.38 -12.40 -0.68
N GLU A 58 4.44 -13.16 -1.76
CA GLU A 58 5.47 -12.97 -2.78
C GLU A 58 5.24 -11.65 -3.51
N HIS A 59 3.97 -11.38 -3.80
CA HIS A 59 3.58 -10.17 -4.50
C HIS A 59 3.72 -8.98 -3.56
N ALA A 60 3.33 -9.21 -2.31
CA ALA A 60 3.43 -8.19 -1.29
C ALA A 60 4.89 -7.80 -1.09
N SER A 61 5.77 -8.82 -1.04
CA SER A 61 7.19 -8.60 -0.83
C SER A 61 7.77 -7.71 -1.93
N VAL A 62 7.32 -7.91 -3.18
CA VAL A 62 7.82 -7.09 -4.30
C VAL A 62 7.41 -5.64 -4.09
N ALA A 63 6.16 -5.42 -3.67
CA ALA A 63 5.67 -4.06 -3.50
C ALA A 63 6.52 -3.30 -2.50
N MET A 64 6.81 -3.90 -1.34
CA MET A 64 7.67 -3.21 -0.37
C MET A 64 9.09 -3.07 -0.92
N ARG A 65 9.53 -4.06 -1.70
CA ARG A 65 10.86 -4.02 -2.26
C ARG A 65 11.00 -2.79 -3.17
N ALA A 66 9.98 -2.57 -4.01
CA ALA A 66 10.00 -1.44 -4.94
C ALA A 66 9.31 -0.18 -4.41
N MET A 67 8.66 -0.24 -3.22
CA MET A 67 7.94 0.93 -2.70
C MET A 67 8.35 1.39 -1.29
N ASN A 68 8.98 0.52 -0.48
CA ASN A 68 9.36 0.92 0.88
C ASN A 68 10.31 2.11 0.83
N GLY A 69 9.85 3.21 1.41
CA GLY A 69 10.62 4.44 1.44
C GLY A 69 10.69 5.06 0.04
N GLU A 70 9.68 4.79 -0.79
CA GLU A 70 9.67 5.29 -2.18
C GLU A 70 8.52 6.26 -2.46
N SER A 71 8.83 7.27 -3.25
CA SER A 71 7.88 8.30 -3.64
C SER A 71 6.63 7.73 -4.30
N LEU A 72 5.55 7.73 -3.52
CA LEU A 72 4.25 7.32 -4.00
C LEU A 72 3.45 8.61 -4.18
N ASP A 73 3.06 8.89 -5.43
CA ASP A 73 2.36 10.13 -5.73
C ASP A 73 3.22 11.34 -5.31
N GLY A 74 4.55 11.16 -5.42
CA GLY A 74 5.51 12.22 -5.08
C GLY A 74 5.82 12.31 -3.59
N ARG A 75 5.44 11.30 -2.81
CA ARG A 75 5.71 11.30 -1.37
C ARG A 75 6.14 9.91 -0.91
N GLN A 76 7.33 9.83 -0.34
CA GLN A 76 7.86 8.56 0.12
C GLN A 76 6.94 7.92 1.16
N ILE A 77 6.64 6.64 0.91
CA ILE A 77 5.80 5.86 1.81
C ILE A 77 6.58 4.64 2.26
N ARG A 78 6.35 4.22 3.50
CA ARG A 78 7.07 3.06 4.04
C ARG A 78 6.16 1.85 4.06
N VAL A 79 6.59 0.82 3.34
CA VAL A 79 5.83 -0.41 3.23
C VAL A 79 6.43 -1.50 4.12
N ASP A 80 5.72 -1.84 5.19
CA ASP A 80 6.15 -2.87 6.12
C ASP A 80 5.21 -4.04 5.96
N HIS A 81 5.75 -5.12 5.41
CA HIS A 81 4.95 -6.31 5.13
C HIS A 81 4.32 -6.93 6.35
N ALA A 82 2.99 -6.91 6.38
CA ALA A 82 2.25 -7.52 7.47
C ALA A 82 2.47 -9.04 7.48
N GLY A 83 2.52 -9.64 6.28
CA GLY A 83 2.71 -11.09 6.14
C GLY A 83 4.06 -11.45 5.52
N LYS A 84 4.11 -11.48 4.17
CA LYS A 84 5.33 -11.84 3.44
C LYS A 84 5.69 -13.30 3.73
N MET A 1 6.78 -21.02 6.72
CA MET A 1 5.57 -20.40 7.32
C MET A 1 5.28 -19.07 6.63
N SER A 2 4.16 -19.01 5.91
CA SER A 2 3.77 -17.80 5.20
C SER A 2 2.34 -17.39 5.58
N SER A 3 2.10 -16.07 5.59
CA SER A 3 0.79 -15.53 5.93
C SER A 3 -0.25 -15.96 4.90
N GLU A 4 0.17 -16.02 3.63
CA GLU A 4 -0.72 -16.39 2.52
C GLU A 4 -1.79 -15.31 2.32
N GLU A 5 -1.47 -14.08 2.72
CA GLU A 5 -2.38 -12.94 2.59
C GLU A 5 -1.74 -11.86 1.72
N GLY A 6 -0.42 -11.69 1.87
CA GLY A 6 0.33 -10.70 1.09
C GLY A 6 0.00 -9.27 1.52
N LYS A 7 -0.46 -9.09 2.75
CA LYS A 7 -0.81 -7.77 3.25
C LYS A 7 0.42 -6.96 3.62
N LEU A 8 0.52 -5.76 3.02
CA LEU A 8 1.62 -4.84 3.30
C LEU A 8 1.07 -3.63 4.05
N PHE A 9 1.89 -3.03 4.91
CA PHE A 9 1.47 -1.85 5.67
C PHE A 9 2.15 -0.60 5.09
N VAL A 10 1.36 0.29 4.49
CA VAL A 10 1.90 1.52 3.90
C VAL A 10 1.77 2.67 4.89
N GLY A 11 2.85 3.45 5.03
CA GLY A 11 2.85 4.60 5.94
C GLY A 11 3.26 5.88 5.22
N GLY A 12 2.85 7.02 5.78
CA GLY A 12 3.15 8.32 5.19
C GLY A 12 2.41 8.49 3.87
N LEU A 13 1.19 7.94 3.79
CA LEU A 13 0.39 8.01 2.57
C LEU A 13 0.13 9.45 2.16
N ASN A 14 0.30 9.72 0.87
CA ASN A 14 0.08 11.05 0.31
C ASN A 14 -1.36 11.48 0.50
N PHE A 15 -1.55 12.78 0.73
CA PHE A 15 -2.88 13.35 0.94
C PHE A 15 -3.87 12.94 -0.17
N ASN A 16 -3.34 12.61 -1.35
CA ASN A 16 -4.17 12.21 -2.48
C ASN A 16 -4.11 10.70 -2.75
N THR A 17 -3.79 9.91 -1.71
CA THR A 17 -3.71 8.46 -1.84
C THR A 17 -5.07 7.86 -1.55
N ASP A 18 -5.55 7.04 -2.47
CA ASP A 18 -6.84 6.38 -2.32
C ASP A 18 -6.72 4.91 -2.65
N GLU A 19 -7.83 4.19 -2.61
CA GLU A 19 -7.82 2.76 -2.92
C GLU A 19 -7.32 2.54 -4.34
N GLN A 20 -7.75 3.43 -5.24
CA GLN A 20 -7.36 3.34 -6.65
C GLN A 20 -5.94 3.81 -6.86
N ALA A 21 -5.55 4.90 -6.19
CA ALA A 21 -4.19 5.41 -6.32
C ALA A 21 -3.22 4.38 -5.78
N LEU A 22 -3.60 3.80 -4.64
CA LEU A 22 -2.79 2.79 -3.99
C LEU A 22 -2.72 1.54 -4.85
N GLU A 23 -3.88 1.12 -5.33
CA GLU A 23 -3.98 -0.07 -6.17
C GLU A 23 -3.17 0.10 -7.46
N ASP A 24 -3.29 1.25 -8.11
CA ASP A 24 -2.59 1.49 -9.39
C ASP A 24 -1.07 1.37 -9.29
N HIS A 25 -0.46 2.03 -8.29
CA HIS A 25 1.00 2.00 -8.16
C HIS A 25 1.51 0.64 -7.69
N PHE A 26 0.84 0.08 -6.69
CA PHE A 26 1.24 -1.23 -6.16
C PHE A 26 0.92 -2.35 -7.15
N SER A 27 -0.14 -2.18 -7.94
CA SER A 27 -0.50 -3.18 -8.96
C SER A 27 0.63 -3.28 -9.96
N SER A 28 1.16 -2.11 -10.32
CA SER A 28 2.26 -2.04 -11.26
C SER A 28 3.46 -2.81 -10.73
N PHE A 29 3.74 -2.66 -9.43
CA PHE A 29 4.86 -3.37 -8.80
C PHE A 29 4.56 -4.86 -8.64
N GLY A 30 3.29 -5.21 -8.34
CA GLY A 30 2.91 -6.61 -8.15
C GLY A 30 1.37 -6.78 -7.99
N PRO A 31 0.85 -8.00 -8.03
CA PRO A 31 -0.64 -8.26 -7.89
C PRO A 31 -1.26 -7.68 -6.61
N ILE A 32 -2.49 -7.17 -6.74
CA ILE A 32 -3.22 -6.61 -5.59
C ILE A 32 -4.50 -7.41 -5.30
N SER A 33 -4.49 -8.17 -4.20
CA SER A 33 -5.67 -8.94 -3.80
C SER A 33 -6.79 -7.99 -3.37
N GLU A 34 -6.42 -7.02 -2.54
CA GLU A 34 -7.36 -6.01 -2.05
C GLU A 34 -6.61 -4.72 -1.79
N VAL A 35 -7.35 -3.61 -1.70
CA VAL A 35 -6.73 -2.32 -1.48
C VAL A 35 -7.59 -1.44 -0.56
N VAL A 36 -6.95 -0.87 0.46
CA VAL A 36 -7.64 -0.03 1.42
C VAL A 36 -6.75 1.15 1.84
N VAL A 37 -7.31 2.35 1.81
CA VAL A 37 -6.59 3.55 2.23
C VAL A 37 -7.45 4.30 3.24
N VAL A 38 -6.85 4.66 4.38
CA VAL A 38 -7.60 5.39 5.40
C VAL A 38 -7.70 6.84 4.97
N LYS A 39 -8.93 7.28 4.68
CA LYS A 39 -9.18 8.65 4.24
C LYS A 39 -10.14 9.34 5.20
N ASP A 40 -9.87 10.63 5.44
CA ASP A 40 -10.70 11.43 6.30
C ASP A 40 -12.07 11.56 5.67
N ARG A 41 -13.12 11.27 6.43
CA ARG A 41 -14.49 11.38 5.91
C ARG A 41 -15.00 12.82 5.96
N GLU A 42 -14.28 13.69 6.69
CA GLU A 42 -14.64 15.10 6.80
C GLU A 42 -13.74 15.97 5.93
N THR A 43 -12.53 15.48 5.66
CA THR A 43 -11.57 16.21 4.82
C THR A 43 -11.41 15.52 3.46
N GLN A 44 -11.86 14.26 3.37
CA GLN A 44 -11.75 13.48 2.16
C GLN A 44 -10.28 13.42 1.73
N ARG A 45 -9.40 13.43 2.72
CA ARG A 45 -7.95 13.41 2.52
C ARG A 45 -7.33 12.24 3.28
N SER A 46 -6.39 11.57 2.63
CA SER A 46 -5.68 10.43 3.23
C SER A 46 -5.07 10.86 4.56
N ARG A 47 -5.03 9.91 5.50
CA ARG A 47 -4.50 10.19 6.84
C ARG A 47 -3.04 9.76 7.00
N GLY A 48 -2.38 9.43 5.89
CA GLY A 48 -0.99 9.00 5.93
C GLY A 48 -0.83 7.50 6.24
N PHE A 49 -1.94 6.78 6.32
CA PHE A 49 -1.91 5.35 6.60
C PHE A 49 -2.91 4.60 5.72
N GLY A 50 -2.49 3.44 5.19
CA GLY A 50 -3.35 2.63 4.34
C GLY A 50 -2.96 1.16 4.39
N PHE A 51 -3.94 0.28 4.20
CA PHE A 51 -3.70 -1.16 4.18
C PHE A 51 -3.94 -1.72 2.78
N ILE A 52 -2.97 -2.46 2.27
CA ILE A 52 -3.05 -3.04 0.92
C ILE A 52 -2.84 -4.56 1.00
N THR A 53 -3.68 -5.33 0.29
CA THR A 53 -3.55 -6.79 0.31
C THR A 53 -3.12 -7.31 -1.05
N PHE A 54 -2.11 -8.17 -1.05
CA PHE A 54 -1.58 -8.79 -2.27
C PHE A 54 -2.14 -10.17 -2.48
N THR A 55 -2.00 -10.64 -3.71
CA THR A 55 -2.47 -11.97 -4.09
C THR A 55 -1.77 -13.01 -3.22
N ASN A 56 -0.45 -12.91 -3.14
CA ASN A 56 0.34 -13.84 -2.35
C ASN A 56 1.52 -13.12 -1.65
N PRO A 57 1.99 -13.61 -0.51
CA PRO A 57 3.16 -13.00 0.22
C PRO A 57 4.30 -12.61 -0.71
N GLU A 58 4.50 -13.42 -1.76
CA GLU A 58 5.55 -13.15 -2.73
C GLU A 58 5.30 -11.83 -3.45
N HIS A 59 4.03 -11.58 -3.76
CA HIS A 59 3.62 -10.37 -4.44
C HIS A 59 3.76 -9.18 -3.51
N ALA A 60 3.41 -9.40 -2.24
CA ALA A 60 3.56 -8.36 -1.23
C ALA A 60 5.03 -8.01 -1.07
N SER A 61 5.87 -9.06 -1.08
CA SER A 61 7.32 -8.89 -0.92
C SER A 61 7.93 -8.02 -2.00
N VAL A 62 7.54 -8.25 -3.26
CA VAL A 62 8.10 -7.47 -4.37
C VAL A 62 7.69 -6.00 -4.32
N ALA A 63 6.41 -5.72 -4.01
CA ALA A 63 5.98 -4.33 -3.99
C ALA A 63 6.73 -3.52 -2.95
N MET A 64 6.79 -4.02 -1.70
CA MET A 64 7.52 -3.29 -0.65
C MET A 64 8.99 -3.15 -1.03
N ARG A 65 9.53 -4.13 -1.73
CA ARG A 65 10.93 -4.08 -2.14
C ARG A 65 11.15 -2.85 -3.02
N ALA A 66 10.20 -2.61 -3.93
CA ALA A 66 10.28 -1.48 -4.86
C ALA A 66 9.59 -0.21 -4.35
N MET A 67 8.90 -0.27 -3.19
CA MET A 67 8.16 0.92 -2.70
C MET A 67 8.59 1.38 -1.28
N ASN A 68 9.26 0.54 -0.50
CA ASN A 68 9.67 0.94 0.86
C ASN A 68 10.42 2.26 0.85
N GLY A 69 9.74 3.29 1.37
CA GLY A 69 10.31 4.63 1.45
C GLY A 69 10.42 5.27 0.07
N GLU A 70 9.55 4.87 -0.85
CA GLU A 70 9.58 5.39 -2.23
C GLU A 70 8.43 6.36 -2.52
N SER A 71 8.77 7.39 -3.29
CA SER A 71 7.85 8.44 -3.67
C SER A 71 6.57 7.92 -4.32
N LEU A 72 5.51 7.96 -3.54
CA LEU A 72 4.19 7.58 -4.02
C LEU A 72 3.44 8.90 -4.21
N ASP A 73 3.10 9.21 -5.45
CA ASP A 73 2.44 10.47 -5.77
C ASP A 73 3.33 11.65 -5.30
N GLY A 74 4.65 11.45 -5.39
CA GLY A 74 5.64 12.47 -5.02
C GLY A 74 5.89 12.55 -3.50
N ARG A 75 5.45 11.54 -2.76
CA ARG A 75 5.68 11.50 -1.31
C ARG A 75 6.05 10.09 -0.90
N GLN A 76 7.25 9.94 -0.34
CA GLN A 76 7.72 8.61 0.03
C GLN A 76 6.85 7.97 1.10
N ILE A 77 6.54 6.70 0.87
CA ILE A 77 5.73 5.90 1.78
C ILE A 77 6.50 4.67 2.17
N ARG A 78 6.28 4.21 3.41
CA ARG A 78 6.99 3.03 3.91
C ARG A 78 6.08 1.83 3.91
N VAL A 79 6.49 0.81 3.15
CA VAL A 79 5.70 -0.41 3.01
C VAL A 79 6.33 -1.51 3.87
N ASP A 80 5.69 -1.80 5.01
CA ASP A 80 6.16 -2.84 5.92
C ASP A 80 5.24 -4.03 5.77
N HIS A 81 5.79 -5.11 5.24
CA HIS A 81 5.02 -6.31 4.98
C HIS A 81 4.39 -6.91 6.23
N ALA A 82 3.06 -6.85 6.27
CA ALA A 82 2.30 -7.43 7.37
C ALA A 82 2.47 -8.95 7.40
N GLY A 83 2.49 -9.56 6.21
CA GLY A 83 2.63 -11.01 6.07
C GLY A 83 4.00 -11.43 5.53
N LYS A 84 4.08 -11.60 4.19
CA LYS A 84 5.33 -12.01 3.54
C LYS A 84 5.70 -13.44 3.95
N MET A 1 6.66 -16.24 5.73
CA MET A 1 5.29 -16.54 5.22
C MET A 1 4.32 -16.63 6.41
N SER A 2 4.24 -15.53 7.16
CA SER A 2 3.35 -15.47 8.33
C SER A 2 1.90 -15.64 7.93
N SER A 3 1.53 -15.05 6.79
CA SER A 3 0.17 -15.14 6.28
C SER A 3 0.18 -15.06 4.76
N GLU A 4 -0.73 -15.81 4.14
CA GLU A 4 -0.83 -15.82 2.67
C GLU A 4 -1.64 -14.62 2.14
N GLU A 5 -2.00 -13.69 3.04
CA GLU A 5 -2.76 -12.50 2.67
C GLU A 5 -1.96 -11.60 1.72
N GLY A 6 -0.64 -11.54 1.93
CA GLY A 6 0.21 -10.67 1.10
C GLY A 6 -0.05 -9.19 1.45
N LYS A 7 -0.54 -8.95 2.67
CA LYS A 7 -0.86 -7.60 3.11
C LYS A 7 0.37 -6.79 3.47
N LEU A 8 0.44 -5.58 2.90
CA LEU A 8 1.52 -4.65 3.16
C LEU A 8 0.99 -3.47 3.95
N PHE A 9 1.83 -2.89 4.81
CA PHE A 9 1.42 -1.74 5.63
C PHE A 9 2.09 -0.47 5.09
N VAL A 10 1.29 0.48 4.61
CA VAL A 10 1.83 1.73 4.06
C VAL A 10 1.67 2.87 5.06
N GLY A 11 2.72 3.67 5.22
CA GLY A 11 2.69 4.81 6.15
C GLY A 11 3.14 6.08 5.45
N GLY A 12 2.71 7.23 5.99
CA GLY A 12 3.06 8.52 5.40
C GLY A 12 2.35 8.72 4.06
N LEU A 13 1.13 8.19 3.97
CA LEU A 13 0.34 8.26 2.74
C LEU A 13 0.07 9.70 2.36
N ASN A 14 0.35 10.04 1.09
CA ASN A 14 0.11 11.38 0.59
C ASN A 14 -1.36 11.70 0.71
N PHE A 15 -1.69 12.99 0.77
CA PHE A 15 -3.07 13.44 0.91
C PHE A 15 -3.95 12.93 -0.22
N ASN A 16 -3.41 12.87 -1.44
CA ASN A 16 -4.19 12.43 -2.60
C ASN A 16 -4.01 10.93 -2.91
N THR A 17 -3.31 10.20 -2.04
CA THR A 17 -3.11 8.77 -2.24
C THR A 17 -4.26 8.03 -1.56
N ASP A 18 -4.88 7.11 -2.29
CA ASP A 18 -6.03 6.38 -1.77
C ASP A 18 -6.03 4.95 -2.30
N GLU A 19 -7.18 4.28 -2.25
CA GLU A 19 -7.28 2.90 -2.71
C GLU A 19 -6.83 2.79 -4.17
N GLN A 20 -7.21 3.77 -4.98
CA GLN A 20 -6.84 3.78 -6.39
C GLN A 20 -5.36 4.07 -6.58
N ALA A 21 -4.83 5.06 -5.85
CA ALA A 21 -3.41 5.40 -5.95
C ALA A 21 -2.57 4.23 -5.46
N LEU A 22 -3.00 3.65 -4.34
CA LEU A 22 -2.32 2.49 -3.76
C LEU A 22 -2.35 1.34 -4.75
N GLU A 23 -3.55 1.06 -5.24
CA GLU A 23 -3.77 -0.04 -6.17
C GLU A 23 -2.97 0.14 -7.47
N ASP A 24 -2.99 1.34 -8.05
CA ASP A 24 -2.31 1.58 -9.33
C ASP A 24 -0.79 1.33 -9.28
N HIS A 25 -0.11 1.92 -8.30
CA HIS A 25 1.35 1.75 -8.21
C HIS A 25 1.76 0.36 -7.75
N PHE A 26 1.05 -0.17 -6.76
CA PHE A 26 1.34 -1.50 -6.23
C PHE A 26 0.97 -2.58 -7.26
N SER A 27 -0.09 -2.32 -8.04
CA SER A 27 -0.51 -3.26 -9.08
C SER A 27 0.61 -3.42 -10.08
N SER A 28 1.22 -2.29 -10.43
CA SER A 28 2.30 -2.26 -11.38
C SER A 28 3.46 -3.11 -10.88
N PHE A 29 3.78 -2.99 -9.59
CA PHE A 29 4.89 -3.76 -9.01
C PHE A 29 4.51 -5.24 -8.86
N GLY A 30 3.24 -5.52 -8.55
CA GLY A 30 2.76 -6.89 -8.39
C GLY A 30 1.22 -6.91 -8.31
N PRO A 31 0.56 -8.08 -8.37
CA PRO A 31 -0.94 -8.16 -8.31
C PRO A 31 -1.48 -7.71 -6.95
N ILE A 32 -2.64 -7.04 -6.97
CA ILE A 32 -3.27 -6.54 -5.75
C ILE A 32 -4.61 -7.24 -5.49
N SER A 33 -4.67 -8.01 -4.40
CA SER A 33 -5.90 -8.70 -4.02
C SER A 33 -6.97 -7.69 -3.60
N GLU A 34 -6.60 -6.80 -2.68
CA GLU A 34 -7.51 -5.75 -2.18
C GLU A 34 -6.70 -4.56 -1.68
N VAL A 35 -7.37 -3.43 -1.43
CA VAL A 35 -6.67 -2.25 -0.93
C VAL A 35 -7.54 -1.53 0.12
N VAL A 36 -6.88 -0.93 1.11
CA VAL A 36 -7.58 -0.20 2.16
C VAL A 36 -6.73 0.99 2.62
N VAL A 37 -7.16 2.21 2.28
CA VAL A 37 -6.45 3.42 2.69
C VAL A 37 -7.33 4.21 3.66
N VAL A 38 -6.75 4.56 4.81
CA VAL A 38 -7.49 5.32 5.81
C VAL A 38 -7.59 6.77 5.36
N LYS A 39 -8.82 7.22 5.12
CA LYS A 39 -9.06 8.59 4.68
C LYS A 39 -9.99 9.30 5.65
N ASP A 40 -9.93 10.64 5.60
CA ASP A 40 -10.78 11.45 6.42
C ASP A 40 -12.22 11.29 5.93
N ARG A 41 -13.15 11.04 6.83
CA ARG A 41 -14.56 10.84 6.44
C ARG A 41 -15.26 12.20 6.21
N GLU A 42 -14.62 13.29 6.64
CA GLU A 42 -15.17 14.63 6.46
C GLU A 42 -14.45 15.38 5.34
N THR A 43 -13.20 15.01 5.08
CA THR A 43 -12.39 15.65 4.03
C THR A 43 -12.15 14.68 2.86
N GLN A 44 -12.35 13.39 3.10
CA GLN A 44 -12.12 12.36 2.10
C GLN A 44 -10.68 12.47 1.59
N ARG A 45 -9.80 12.84 2.51
CA ARG A 45 -8.38 13.02 2.25
C ARG A 45 -7.57 12.07 3.13
N SER A 46 -6.57 11.44 2.54
CA SER A 46 -5.71 10.51 3.25
C SER A 46 -5.17 11.12 4.52
N ARG A 47 -5.13 10.30 5.56
CA ARG A 47 -4.67 10.74 6.88
C ARG A 47 -3.21 10.36 7.15
N GLY A 48 -2.48 9.97 6.09
CA GLY A 48 -1.07 9.58 6.24
C GLY A 48 -0.90 8.08 6.53
N PHE A 49 -1.99 7.31 6.39
CA PHE A 49 -1.94 5.87 6.65
C PHE A 49 -2.74 5.11 5.59
N GLY A 50 -2.30 3.88 5.29
CA GLY A 50 -2.97 3.03 4.32
C GLY A 50 -2.30 1.66 4.26
N PHE A 51 -3.00 0.67 3.70
CA PHE A 51 -2.47 -0.68 3.57
C PHE A 51 -3.27 -1.43 2.52
N ILE A 52 -2.69 -2.48 1.93
CA ILE A 52 -3.39 -3.25 0.90
C ILE A 52 -3.03 -4.73 0.94
N THR A 53 -3.97 -5.56 0.45
CA THR A 53 -3.79 -7.01 0.43
C THR A 53 -3.40 -7.51 -0.97
N PHE A 54 -2.34 -8.32 -1.02
CA PHE A 54 -1.85 -8.90 -2.27
C PHE A 54 -2.39 -10.28 -2.51
N THR A 55 -2.24 -10.74 -3.75
CA THR A 55 -2.67 -12.06 -4.13
C THR A 55 -1.93 -13.10 -3.30
N ASN A 56 -0.60 -12.92 -3.22
CA ASN A 56 0.25 -13.83 -2.46
C ASN A 56 1.42 -13.08 -1.81
N PRO A 57 1.95 -13.56 -0.67
CA PRO A 57 3.11 -12.91 0.02
C PRO A 57 4.22 -12.52 -0.94
N GLU A 58 4.39 -13.31 -1.99
CA GLU A 58 5.41 -13.05 -3.00
C GLU A 58 5.15 -11.73 -3.70
N HIS A 59 3.88 -11.45 -3.96
CA HIS A 59 3.49 -10.23 -4.64
C HIS A 59 3.62 -9.06 -3.68
N ALA A 60 3.25 -9.31 -2.41
CA ALA A 60 3.36 -8.31 -1.37
C ALA A 60 4.82 -7.92 -1.20
N SER A 61 5.71 -8.93 -1.21
CA SER A 61 7.14 -8.68 -1.02
C SER A 61 7.71 -7.79 -2.12
N VAL A 62 7.24 -7.98 -3.36
CA VAL A 62 7.75 -7.16 -4.47
C VAL A 62 7.37 -5.70 -4.27
N ALA A 63 6.12 -5.46 -3.88
CA ALA A 63 5.65 -4.09 -3.70
C ALA A 63 6.49 -3.36 -2.66
N MET A 64 6.70 -3.97 -1.49
CA MET A 64 7.52 -3.32 -0.46
C MET A 64 8.96 -3.24 -0.94
N ARG A 65 9.40 -4.25 -1.70
CA ARG A 65 10.77 -4.27 -2.21
C ARG A 65 10.99 -3.04 -3.09
N ALA A 66 10.02 -2.76 -3.96
CA ALA A 66 10.11 -1.63 -4.88
C ALA A 66 9.49 -0.33 -4.34
N MET A 67 8.84 -0.36 -3.16
CA MET A 67 8.17 0.84 -2.64
C MET A 67 8.64 1.30 -1.25
N ASN A 68 9.30 0.44 -0.46
CA ASN A 68 9.74 0.85 0.90
C ASN A 68 10.52 2.17 0.85
N GLY A 69 9.90 3.23 1.37
CA GLY A 69 10.52 4.53 1.41
C GLY A 69 10.62 5.15 0.02
N GLU A 70 9.69 4.78 -0.87
CA GLU A 70 9.70 5.26 -2.26
C GLU A 70 8.55 6.20 -2.56
N SER A 71 8.87 7.23 -3.33
CA SER A 71 7.92 8.26 -3.74
C SER A 71 6.67 7.68 -4.39
N LEU A 72 5.60 7.68 -3.60
CA LEU A 72 4.29 7.25 -4.08
C LEU A 72 3.49 8.52 -4.28
N ASP A 73 3.10 8.79 -5.52
CA ASP A 73 2.38 10.01 -5.84
C ASP A 73 3.22 11.23 -5.45
N GLY A 74 4.56 11.09 -5.57
CA GLY A 74 5.50 12.16 -5.26
C GLY A 74 5.81 12.30 -3.76
N ARG A 75 5.42 11.30 -2.96
CA ARG A 75 5.69 11.33 -1.52
C ARG A 75 6.11 9.94 -1.07
N GLN A 76 7.31 9.84 -0.51
CA GLN A 76 7.81 8.55 -0.08
C GLN A 76 6.95 7.94 1.01
N ILE A 77 6.68 6.66 0.85
CA ILE A 77 5.88 5.88 1.79
C ILE A 77 6.66 4.67 2.23
N ARG A 78 6.41 4.23 3.45
CA ARG A 78 7.10 3.06 3.97
C ARG A 78 6.18 1.87 3.95
N VAL A 79 6.57 0.86 3.19
CA VAL A 79 5.78 -0.35 3.05
C VAL A 79 6.35 -1.45 3.93
N ASP A 80 5.67 -1.70 5.05
CA ASP A 80 6.07 -2.74 5.99
C ASP A 80 5.15 -3.91 5.80
N HIS A 81 5.70 -4.99 5.26
CA HIS A 81 4.91 -6.18 4.96
C HIS A 81 4.23 -6.77 6.17
N ALA A 82 2.90 -6.68 6.16
CA ALA A 82 2.09 -7.25 7.22
C ALA A 82 2.25 -8.77 7.22
N GLY A 83 2.31 -9.36 6.02
CA GLY A 83 2.45 -10.81 5.87
C GLY A 83 3.84 -11.19 5.31
N LYS A 84 3.91 -11.38 3.98
CA LYS A 84 5.17 -11.78 3.32
C LYS A 84 5.59 -13.17 3.79
N MET A 1 6.35 -12.47 11.18
CA MET A 1 5.14 -13.28 10.91
C MET A 1 4.89 -13.34 9.40
N SER A 2 4.68 -14.55 8.88
CA SER A 2 4.42 -14.74 7.46
C SER A 2 2.98 -15.17 7.22
N SER A 3 2.27 -14.40 6.38
CA SER A 3 0.87 -14.70 6.07
C SER A 3 0.63 -14.74 4.57
N GLU A 4 -0.27 -15.64 4.15
CA GLU A 4 -0.62 -15.79 2.73
C GLU A 4 -1.44 -14.59 2.20
N GLU A 5 -1.84 -13.69 3.10
CA GLU A 5 -2.64 -12.52 2.74
C GLU A 5 -1.91 -11.60 1.78
N GLY A 6 -0.60 -11.45 1.99
CA GLY A 6 0.22 -10.55 1.16
C GLY A 6 -0.05 -9.08 1.52
N LYS A 7 -0.58 -8.85 2.72
CA LYS A 7 -0.90 -7.49 3.16
C LYS A 7 0.36 -6.72 3.56
N LEU A 8 0.50 -5.54 2.98
CA LEU A 8 1.62 -4.65 3.27
C LEU A 8 1.09 -3.45 4.03
N PHE A 9 1.92 -2.87 4.91
CA PHE A 9 1.51 -1.70 5.68
C PHE A 9 2.18 -0.45 5.11
N VAL A 10 1.37 0.44 4.50
CA VAL A 10 1.91 1.67 3.91
C VAL A 10 1.70 2.83 4.87
N GLY A 11 2.79 3.52 5.21
CA GLY A 11 2.73 4.67 6.12
C GLY A 11 3.18 5.95 5.42
N GLY A 12 2.78 7.08 5.98
CA GLY A 12 3.13 8.38 5.41
C GLY A 12 2.44 8.57 4.05
N LEU A 13 1.23 8.03 3.92
CA LEU A 13 0.49 8.13 2.67
C LEU A 13 0.18 9.57 2.27
N ASN A 14 0.36 9.87 1.00
CA ASN A 14 0.06 11.20 0.50
C ASN A 14 -1.45 11.40 0.62
N PHE A 15 -1.85 12.61 0.95
CA PHE A 15 -3.26 12.94 1.13
C PHE A 15 -4.07 12.56 -0.12
N ASN A 16 -3.47 12.79 -1.29
CA ASN A 16 -4.13 12.47 -2.56
C ASN A 16 -4.21 10.95 -2.80
N THR A 17 -3.22 10.20 -2.32
CA THR A 17 -3.19 8.74 -2.50
C THR A 17 -4.47 8.14 -1.97
N ASP A 18 -4.97 7.13 -2.68
CA ASP A 18 -6.19 6.48 -2.28
C ASP A 18 -6.14 4.99 -2.65
N GLU A 19 -7.29 4.33 -2.60
CA GLU A 19 -7.36 2.90 -2.92
C GLU A 19 -6.87 2.66 -4.34
N GLN A 20 -7.30 3.54 -5.25
CA GLN A 20 -6.92 3.44 -6.66
C GLN A 20 -5.47 3.81 -6.87
N ALA A 21 -5.00 4.87 -6.20
CA ALA A 21 -3.62 5.30 -6.36
C ALA A 21 -2.69 4.23 -5.83
N LEU A 22 -3.03 3.69 -4.65
CA LEU A 22 -2.23 2.63 -4.04
C LEU A 22 -2.30 1.35 -4.87
N GLU A 23 -3.52 1.01 -5.29
CA GLU A 23 -3.73 -0.21 -6.07
C GLU A 23 -3.00 -0.13 -7.41
N ASP A 24 -3.07 1.03 -8.08
CA ASP A 24 -2.45 1.20 -9.39
C ASP A 24 -0.91 1.04 -9.39
N HIS A 25 -0.22 1.76 -8.51
CA HIS A 25 1.26 1.69 -8.45
C HIS A 25 1.74 0.31 -7.99
N PHE A 26 1.09 -0.21 -6.95
CA PHE A 26 1.44 -1.51 -6.42
C PHE A 26 1.04 -2.62 -7.41
N SER A 27 -0.01 -2.38 -8.20
CA SER A 27 -0.45 -3.34 -9.21
C SER A 27 0.67 -3.54 -10.21
N SER A 28 1.27 -2.41 -10.58
CA SER A 28 2.36 -2.42 -11.52
C SER A 28 3.52 -3.25 -10.99
N PHE A 29 3.81 -3.11 -9.70
CA PHE A 29 4.89 -3.87 -9.06
C PHE A 29 4.51 -5.35 -8.92
N GLY A 30 3.23 -5.63 -8.64
CA GLY A 30 2.75 -7.01 -8.48
C GLY A 30 1.21 -7.03 -8.40
N PRO A 31 0.56 -8.19 -8.44
CA PRO A 31 -0.94 -8.29 -8.37
C PRO A 31 -1.49 -7.83 -7.02
N ILE A 32 -2.66 -7.18 -7.04
CA ILE A 32 -3.29 -6.67 -5.81
C ILE A 32 -4.59 -7.41 -5.50
N SER A 33 -4.62 -8.12 -4.36
CA SER A 33 -5.82 -8.85 -3.94
C SER A 33 -6.94 -7.87 -3.58
N GLU A 34 -6.61 -6.85 -2.79
CA GLU A 34 -7.58 -5.84 -2.36
C GLU A 34 -6.87 -4.67 -1.70
N VAL A 35 -7.57 -3.55 -1.48
CA VAL A 35 -6.93 -2.38 -0.84
C VAL A 35 -7.89 -1.71 0.15
N VAL A 36 -7.32 -1.12 1.20
CA VAL A 36 -8.10 -0.44 2.23
C VAL A 36 -7.34 0.79 2.76
N VAL A 37 -7.58 1.95 2.14
CA VAL A 37 -6.89 3.19 2.53
C VAL A 37 -7.74 3.97 3.56
N VAL A 38 -7.08 4.44 4.62
CA VAL A 38 -7.75 5.21 5.66
C VAL A 38 -7.76 6.69 5.25
N LYS A 39 -8.96 7.22 5.05
CA LYS A 39 -9.13 8.61 4.65
C LYS A 39 -9.79 9.42 5.74
N ASP A 40 -9.72 10.74 5.59
CA ASP A 40 -10.32 11.66 6.52
C ASP A 40 -11.84 11.60 6.38
N ARG A 41 -12.54 11.55 7.49
CA ARG A 41 -14.01 11.50 7.47
C ARG A 41 -14.61 12.86 7.10
N GLU A 42 -13.84 13.94 7.31
CA GLU A 42 -14.31 15.30 7.02
C GLU A 42 -13.78 15.81 5.67
N THR A 43 -12.59 15.33 5.27
CA THR A 43 -11.99 15.76 4.01
C THR A 43 -12.08 14.64 2.96
N GLN A 44 -12.32 13.42 3.41
CA GLN A 44 -12.39 12.25 2.55
C GLN A 44 -11.08 12.15 1.76
N ARG A 45 -10.00 12.50 2.47
CA ARG A 45 -8.66 12.51 1.90
C ARG A 45 -7.70 11.73 2.81
N SER A 46 -6.76 11.03 2.17
CA SER A 46 -5.80 10.19 2.89
C SER A 46 -5.19 10.91 4.08
N ARG A 47 -5.09 10.16 5.17
CA ARG A 47 -4.56 10.69 6.45
C ARG A 47 -3.09 10.34 6.67
N GLY A 48 -2.46 9.62 5.74
CA GLY A 48 -1.05 9.21 5.91
C GLY A 48 -0.90 7.75 6.31
N PHE A 49 -2.00 6.98 6.23
CA PHE A 49 -1.96 5.56 6.57
C PHE A 49 -3.01 4.81 5.78
N GLY A 50 -2.63 3.64 5.27
CA GLY A 50 -3.54 2.82 4.48
C GLY A 50 -3.09 1.36 4.50
N PHE A 51 -3.87 0.50 3.88
CA PHE A 51 -3.57 -0.92 3.82
C PHE A 51 -3.72 -1.42 2.39
N ILE A 52 -2.91 -2.40 2.03
CA ILE A 52 -2.94 -2.97 0.69
C ILE A 52 -2.74 -4.49 0.77
N THR A 53 -3.73 -5.24 0.26
CA THR A 53 -3.68 -6.70 0.28
C THR A 53 -3.29 -7.27 -1.09
N PHE A 54 -2.27 -8.11 -1.08
CA PHE A 54 -1.76 -8.76 -2.28
C PHE A 54 -2.33 -10.15 -2.46
N THR A 55 -2.19 -10.66 -3.69
CA THR A 55 -2.64 -11.99 -4.03
C THR A 55 -1.92 -13.01 -3.15
N ASN A 56 -0.59 -12.85 -3.09
CA ASN A 56 0.25 -13.74 -2.30
C ASN A 56 1.43 -12.96 -1.68
N PRO A 57 1.94 -13.37 -0.52
CA PRO A 57 3.10 -12.68 0.14
C PRO A 57 4.27 -12.42 -0.80
N GLU A 58 4.33 -13.21 -1.88
CA GLU A 58 5.38 -13.04 -2.88
C GLU A 58 5.18 -11.72 -3.63
N HIS A 59 3.91 -11.42 -3.91
CA HIS A 59 3.56 -10.21 -4.63
C HIS A 59 3.69 -9.02 -3.69
N ALA A 60 3.28 -9.25 -2.44
CA ALA A 60 3.39 -8.23 -1.41
C ALA A 60 4.85 -7.87 -1.19
N SER A 61 5.71 -8.90 -1.14
CA SER A 61 7.14 -8.70 -0.92
C SER A 61 7.76 -7.84 -2.01
N VAL A 62 7.33 -8.02 -3.27
CA VAL A 62 7.89 -7.22 -4.37
C VAL A 62 7.53 -5.75 -4.16
N ALA A 63 6.27 -5.50 -3.78
CA ALA A 63 5.80 -4.14 -3.61
C ALA A 63 6.62 -3.38 -2.57
N MET A 64 6.81 -3.97 -1.38
CA MET A 64 7.61 -3.26 -0.35
C MET A 64 9.03 -3.11 -0.82
N ARG A 65 9.56 -4.11 -1.53
CA ARG A 65 10.92 -4.03 -2.04
C ARG A 65 11.05 -2.86 -3.01
N ALA A 66 10.03 -2.68 -3.85
CA ALA A 66 10.05 -1.61 -4.86
C ALA A 66 9.44 -0.28 -4.37
N MET A 67 8.82 -0.25 -3.17
CA MET A 67 8.18 1.00 -2.70
C MET A 67 8.63 1.47 -1.30
N ASN A 68 9.22 0.60 -0.48
CA ASN A 68 9.65 1.01 0.88
C ASN A 68 10.45 2.31 0.86
N GLY A 69 9.82 3.36 1.40
CA GLY A 69 10.45 4.67 1.48
C GLY A 69 10.58 5.31 0.09
N GLU A 70 9.67 4.94 -0.81
CA GLU A 70 9.71 5.45 -2.20
C GLU A 70 8.59 6.43 -2.48
N SER A 71 8.97 7.50 -3.20
CA SER A 71 8.06 8.57 -3.57
C SER A 71 6.84 8.06 -4.33
N LEU A 72 5.74 7.98 -3.60
CA LEU A 72 4.46 7.58 -4.17
C LEU A 72 3.64 8.85 -4.30
N ASP A 73 3.32 9.23 -5.53
CA ASP A 73 2.60 10.48 -5.79
C ASP A 73 3.43 11.66 -5.27
N GLY A 74 4.77 11.53 -5.36
CA GLY A 74 5.70 12.57 -4.93
C GLY A 74 5.92 12.60 -3.42
N ARG A 75 5.52 11.54 -2.71
CA ARG A 75 5.70 11.48 -1.26
C ARG A 75 6.14 10.07 -0.88
N GLN A 76 7.32 9.97 -0.28
CA GLN A 76 7.84 8.67 0.09
C GLN A 76 6.99 8.03 1.18
N ILE A 77 6.59 6.80 0.92
CA ILE A 77 5.78 6.01 1.83
C ILE A 77 6.55 4.78 2.25
N ARG A 78 6.29 4.31 3.46
CA ARG A 78 7.00 3.14 3.98
C ARG A 78 6.10 1.94 3.97
N VAL A 79 6.52 0.93 3.21
CA VAL A 79 5.75 -0.29 3.07
C VAL A 79 6.37 -1.41 3.93
N ASP A 80 5.71 -1.72 5.06
CA ASP A 80 6.16 -2.77 5.96
C ASP A 80 5.23 -3.94 5.81
N HIS A 81 5.76 -5.03 5.25
CA HIS A 81 4.95 -6.21 4.99
C HIS A 81 4.30 -6.80 6.22
N ALA A 82 2.97 -6.73 6.25
CA ALA A 82 2.18 -7.30 7.33
C ALA A 82 2.31 -8.82 7.34
N GLY A 83 2.33 -9.41 6.14
CA GLY A 83 2.43 -10.87 6.00
C GLY A 83 3.77 -11.32 5.41
N LYS A 84 3.87 -11.35 4.08
CA LYS A 84 5.08 -11.79 3.38
C LYS A 84 5.34 -13.27 3.70
N MET A 1 6.03 -12.98 12.45
CA MET A 1 4.70 -12.68 11.86
C MET A 1 4.75 -12.91 10.35
N SER A 2 4.01 -13.92 9.88
CA SER A 2 3.97 -14.26 8.46
C SER A 2 2.61 -14.82 8.08
N SER A 3 2.15 -14.48 6.88
CA SER A 3 0.85 -14.97 6.40
C SER A 3 0.81 -14.98 4.87
N GLU A 4 -0.18 -15.70 4.33
CA GLU A 4 -0.35 -15.80 2.88
C GLU A 4 -1.25 -14.68 2.32
N GLU A 5 -1.66 -13.75 3.18
CA GLU A 5 -2.52 -12.64 2.78
C GLU A 5 -1.82 -11.71 1.79
N GLY A 6 -0.52 -11.51 2.00
CA GLY A 6 0.26 -10.61 1.15
C GLY A 6 -0.03 -9.13 1.47
N LYS A 7 -0.51 -8.88 2.69
CA LYS A 7 -0.85 -7.52 3.12
C LYS A 7 0.38 -6.73 3.48
N LEU A 8 0.49 -5.52 2.90
CA LEU A 8 1.62 -4.63 3.17
C LEU A 8 1.18 -3.47 4.06
N PHE A 9 2.10 -2.97 4.89
CA PHE A 9 1.81 -1.84 5.79
C PHE A 9 2.36 -0.55 5.20
N VAL A 10 1.47 0.32 4.70
CA VAL A 10 1.91 1.61 4.11
C VAL A 10 1.75 2.73 5.12
N GLY A 11 2.80 3.54 5.29
CA GLY A 11 2.77 4.66 6.23
C GLY A 11 3.24 5.96 5.57
N GLY A 12 2.81 7.10 6.14
CA GLY A 12 3.18 8.40 5.60
C GLY A 12 2.51 8.63 4.24
N LEU A 13 1.28 8.12 4.11
CA LEU A 13 0.53 8.23 2.86
C LEU A 13 0.26 9.68 2.48
N ASN A 14 0.44 9.97 1.18
CA ASN A 14 0.22 11.31 0.65
C ASN A 14 -1.24 11.69 0.77
N PHE A 15 -1.49 12.97 1.01
CA PHE A 15 -2.86 13.48 1.17
C PHE A 15 -3.78 13.01 0.03
N ASN A 16 -3.20 12.78 -1.15
CA ASN A 16 -3.97 12.32 -2.31
C ASN A 16 -3.82 10.81 -2.53
N THR A 17 -3.59 10.07 -1.45
CA THR A 17 -3.46 8.61 -1.53
C THR A 17 -4.83 8.00 -1.37
N ASP A 18 -5.19 7.17 -2.33
CA ASP A 18 -6.49 6.50 -2.31
C ASP A 18 -6.32 5.04 -2.66
N GLU A 19 -7.42 4.30 -2.60
CA GLU A 19 -7.38 2.88 -2.93
C GLU A 19 -6.91 2.71 -4.37
N GLN A 20 -7.39 3.60 -5.23
CA GLN A 20 -7.00 3.57 -6.65
C GLN A 20 -5.56 4.00 -6.84
N ALA A 21 -5.13 5.04 -6.09
CA ALA A 21 -3.77 5.54 -6.21
C ALA A 21 -2.79 4.46 -5.75
N LEU A 22 -3.09 3.88 -4.59
CA LEU A 22 -2.25 2.82 -4.04
C LEU A 22 -2.33 1.55 -4.89
N GLU A 23 -3.55 1.12 -5.19
CA GLU A 23 -3.76 -0.07 -5.98
C GLU A 23 -3.09 0.06 -7.35
N ASP A 24 -3.19 1.24 -7.97
CA ASP A 24 -2.61 1.45 -9.29
C ASP A 24 -1.09 1.23 -9.29
N HIS A 25 -0.39 1.90 -8.37
CA HIS A 25 1.08 1.77 -8.30
C HIS A 25 1.51 0.39 -7.78
N PHE A 26 0.82 -0.09 -6.74
CA PHE A 26 1.14 -1.38 -6.14
C PHE A 26 0.79 -2.53 -7.10
N SER A 27 -0.27 -2.35 -7.89
CA SER A 27 -0.67 -3.35 -8.88
C SER A 27 0.44 -3.52 -9.89
N SER A 28 1.00 -2.38 -10.30
CA SER A 28 2.06 -2.37 -11.27
C SER A 28 3.27 -3.15 -10.74
N PHE A 29 3.58 -2.96 -9.46
CA PHE A 29 4.71 -3.67 -8.84
C PHE A 29 4.38 -5.15 -8.64
N GLY A 30 3.13 -5.45 -8.29
CA GLY A 30 2.69 -6.82 -8.07
C GLY A 30 1.15 -6.87 -7.98
N PRO A 31 0.52 -8.04 -8.14
CA PRO A 31 -0.99 -8.14 -8.08
C PRO A 31 -1.56 -7.77 -6.71
N ILE A 32 -2.74 -7.14 -6.73
CA ILE A 32 -3.41 -6.70 -5.49
C ILE A 32 -4.70 -7.48 -5.26
N SER A 33 -4.72 -8.30 -4.20
CA SER A 33 -5.93 -9.05 -3.83
C SER A 33 -7.02 -8.07 -3.39
N GLU A 34 -6.64 -7.15 -2.50
CA GLU A 34 -7.54 -6.12 -1.99
C GLU A 34 -6.77 -4.83 -1.71
N VAL A 35 -7.50 -3.72 -1.57
CA VAL A 35 -6.85 -2.42 -1.33
C VAL A 35 -7.73 -1.52 -0.44
N VAL A 36 -7.17 -1.10 0.69
CA VAL A 36 -7.87 -0.25 1.66
C VAL A 36 -6.99 0.94 2.08
N VAL A 37 -7.56 2.14 2.09
CA VAL A 37 -6.79 3.35 2.47
C VAL A 37 -7.55 4.12 3.56
N VAL A 38 -6.81 4.52 4.60
CA VAL A 38 -7.39 5.29 5.70
C VAL A 38 -7.31 6.78 5.33
N LYS A 39 -8.47 7.43 5.30
CA LYS A 39 -8.54 8.85 4.95
C LYS A 39 -9.62 9.55 5.76
N ASP A 40 -9.68 10.87 5.61
CA ASP A 40 -10.65 11.69 6.30
C ASP A 40 -12.00 11.49 5.64
N ARG A 41 -13.03 11.20 6.43
CA ARG A 41 -14.37 11.00 5.89
C ARG A 41 -15.03 12.33 5.49
N GLU A 42 -14.51 13.44 6.04
CA GLU A 42 -15.05 14.77 5.75
C GLU A 42 -14.23 15.47 4.67
N THR A 43 -12.92 15.23 4.66
CA THR A 43 -12.02 15.85 3.68
C THR A 43 -11.67 14.87 2.55
N GLN A 44 -11.95 13.59 2.77
CA GLN A 44 -11.64 12.54 1.81
C GLN A 44 -10.14 12.59 1.49
N ARG A 45 -9.37 12.97 2.51
CA ARG A 45 -7.92 13.08 2.41
C ARG A 45 -7.24 12.02 3.28
N SER A 46 -6.32 11.30 2.66
CA SER A 46 -5.57 10.25 3.35
C SER A 46 -4.98 10.78 4.64
N ARG A 47 -5.00 9.94 5.66
CA ARG A 47 -4.52 10.31 6.99
C ARG A 47 -3.07 9.85 7.22
N GLY A 48 -2.34 9.60 6.13
CA GLY A 48 -0.95 9.14 6.22
C GLY A 48 -0.86 7.64 6.46
N PHE A 49 -1.97 6.92 6.28
CA PHE A 49 -1.98 5.47 6.47
C PHE A 49 -2.84 4.78 5.40
N GLY A 50 -2.37 3.63 4.93
CA GLY A 50 -3.07 2.85 3.93
C GLY A 50 -2.59 1.40 3.98
N PHE A 51 -3.52 0.45 3.82
CA PHE A 51 -3.16 -0.97 3.87
C PHE A 51 -3.85 -1.73 2.73
N ILE A 52 -3.07 -2.51 1.97
CA ILE A 52 -3.63 -3.29 0.86
C ILE A 52 -3.16 -4.74 0.92
N THR A 53 -4.02 -5.63 0.40
CA THR A 53 -3.72 -7.06 0.41
C THR A 53 -3.34 -7.56 -0.98
N PHE A 54 -2.27 -8.34 -1.03
CA PHE A 54 -1.77 -8.92 -2.28
C PHE A 54 -2.31 -10.32 -2.49
N THR A 55 -2.16 -10.79 -3.72
CA THR A 55 -2.59 -12.14 -4.07
C THR A 55 -1.85 -13.15 -3.21
N ASN A 56 -0.53 -12.97 -3.15
CA ASN A 56 0.33 -13.84 -2.37
C ASN A 56 1.48 -13.05 -1.74
N PRO A 57 2.01 -13.48 -0.59
CA PRO A 57 3.14 -12.77 0.10
C PRO A 57 4.30 -12.47 -0.85
N GLU A 58 4.41 -13.25 -1.91
CA GLU A 58 5.46 -13.04 -2.90
C GLU A 58 5.23 -11.72 -3.62
N HIS A 59 3.95 -11.43 -3.91
CA HIS A 59 3.59 -10.20 -4.60
C HIS A 59 3.70 -9.03 -3.64
N ALA A 60 3.30 -9.26 -2.40
CA ALA A 60 3.38 -8.24 -1.36
C ALA A 60 4.85 -7.86 -1.16
N SER A 61 5.71 -8.89 -1.16
CA SER A 61 7.14 -8.70 -0.96
C SER A 61 7.74 -7.80 -2.04
N VAL A 62 7.36 -8.02 -3.31
CA VAL A 62 7.92 -7.20 -4.40
C VAL A 62 7.53 -5.74 -4.22
N ALA A 63 6.26 -5.50 -3.86
CA ALA A 63 5.78 -4.14 -3.73
C ALA A 63 6.61 -3.37 -2.72
N MET A 64 6.88 -3.95 -1.55
CA MET A 64 7.72 -3.25 -0.56
C MET A 64 9.13 -3.10 -1.08
N ARG A 65 9.62 -4.09 -1.82
CA ARG A 65 10.98 -4.02 -2.36
C ARG A 65 11.09 -2.82 -3.30
N ALA A 66 10.05 -2.62 -4.11
CA ALA A 66 10.05 -1.52 -5.08
C ALA A 66 9.39 -0.24 -4.54
N MET A 67 8.80 -0.27 -3.33
CA MET A 67 8.10 0.92 -2.80
C MET A 67 8.58 1.40 -1.41
N ASN A 68 9.27 0.55 -0.61
CA ASN A 68 9.72 0.99 0.73
C ASN A 68 10.46 2.32 0.68
N GLY A 69 9.82 3.33 1.24
CA GLY A 69 10.40 4.67 1.28
C GLY A 69 10.42 5.30 -0.10
N GLU A 70 9.48 4.89 -0.97
CA GLU A 70 9.42 5.40 -2.34
C GLU A 70 8.29 6.39 -2.55
N SER A 71 8.61 7.43 -3.32
CA SER A 71 7.69 8.50 -3.64
C SER A 71 6.40 8.02 -4.26
N LEU A 72 5.35 8.06 -3.45
CA LEU A 72 4.01 7.72 -3.89
C LEU A 72 3.29 9.05 -4.07
N ASP A 73 2.96 9.38 -5.31
CA ASP A 73 2.31 10.66 -5.61
C ASP A 73 3.23 11.81 -5.16
N GLY A 74 4.55 11.58 -5.25
CA GLY A 74 5.54 12.60 -4.87
C GLY A 74 5.84 12.65 -3.38
N ARG A 75 5.41 11.63 -2.63
CA ARG A 75 5.67 11.57 -1.19
C ARG A 75 6.05 10.16 -0.82
N GLN A 76 7.26 9.99 -0.31
CA GLN A 76 7.74 8.65 0.02
C GLN A 76 6.93 8.01 1.13
N ILE A 77 6.58 6.75 0.89
CA ILE A 77 5.81 5.95 1.84
C ILE A 77 6.59 4.71 2.20
N ARG A 78 6.41 4.24 3.43
CA ARG A 78 7.13 3.06 3.90
C ARG A 78 6.23 1.84 3.87
N VAL A 79 6.70 0.82 3.17
CA VAL A 79 5.93 -0.41 3.01
C VAL A 79 6.58 -1.53 3.83
N ASP A 80 5.92 -1.88 4.95
CA ASP A 80 6.39 -2.96 5.81
C ASP A 80 5.40 -4.11 5.69
N HIS A 81 5.87 -5.21 5.11
CA HIS A 81 5.00 -6.36 4.86
C HIS A 81 4.34 -6.90 6.11
N ALA A 82 3.01 -6.79 6.12
CA ALA A 82 2.21 -7.29 7.22
C ALA A 82 2.33 -8.82 7.30
N GLY A 83 2.35 -9.47 6.11
CA GLY A 83 2.45 -10.92 6.04
C GLY A 83 3.78 -11.40 5.44
N LYS A 84 3.86 -11.43 4.10
CA LYS A 84 5.07 -11.90 3.40
C LYS A 84 5.31 -13.38 3.72
#